data_7QNA
#
_entry.id   7QNA
#
_cell.length_a   1.00
_cell.length_b   1.00
_cell.length_c   1.00
_cell.angle_alpha   90.00
_cell.angle_beta   90.00
_cell.angle_gamma   90.00
#
_symmetry.space_group_name_H-M   'P 1'
#
loop_
_entity.id
_entity.type
_entity.pdbx_description
1 polymer 'Gamma-aminobutyric acid receptor subunit alpha-4'
2 polymer 'Gamma-aminobutyric acid receptor subunit beta-3'
3 polymer 'Gamma-aminobutyric acid receptor subunit gamma-2'
4 polymer 'Nanobody Nb25'
5 branched alpha-D-mannopyranose-(1-3)-[alpha-D-mannopyranose-(1-6)]beta-D-mannopyranose-(1-4)-2-acetamido-2-deoxy-beta-D-glucopyranose-(1-4)-2-acetamido-2-deoxy-beta-D-glucopyranose
6 branched 2-acetamido-2-deoxy-beta-D-glucopyranose-(1-4)-2-acetamido-2-deoxy-beta-D-glucopyranose
7 non-polymer 2-acetamido-2-deoxy-beta-D-glucopyranose
8 non-polymer 'GAMMA-AMINO-BUTANOIC ACID'
#
loop_
_entity_poly.entity_id
_entity_poly.type
_entity_poly.pdbx_seq_one_letter_code
_entity_poly.pdbx_strand_id
1 'polypeptide(L)'
;MVSAKKVPAIALSAGVSFALLRFLCLAVCLNESPGQNQKEEKLCTENFTRILDSLLDGYDNRLRPGFGGPVTEVKTDIYV
TSFGPVSDVEMEYTMDVFFRQTWIDKRLKYDGPIEILRLNNMMVTKVWTPDTFFRNGKKSVSHNMTAPNKLFRIMRNGTI
LYTMRLTISAECPMRLVDFPMDGHACPLKFGSYAYPKSEMIYTWTKGPEKSVEVPKESSSLVQYDLIGQTVSSETIKSIT
GEYIVMTVYFHLRRKMGYFMIQTYIPCIMTVILSQVSFWINKESVPARTVFGITTVLTMTTLSISARHSLPKVSYATAMD
WFIAVCFAFVFSALIEFAAVNYFTNIQMEKAKRKTSKPPQEVPAAPVQREKHPEAPLQNTNANLNMRKRTNALVHSESDV
GNRTEVGNHSSKSSTVVQESSKGTPRSYLASSPNPFSRANAAETISAARALPSASPTSIRTGYMPRKASVGSASTRHVFG
SRLQRIKTTVNTIGATGKLSATPPPSAPPPSGSGTSKIDKYARILFPVTFGAFNMVYWVVYLSKDTMEKSESLM
;
A
2 'polypeptide(L)'
;MWGLAGGRLFGIFSAPVLVAVVCCAQSVNDPGNMSFVKETVDKLLKGYDIRLRPDFGGPPVCVGMNIDIASIDMVSEVNM
DYTLTMYFQQYWRDKRLAYSGIPLNLTLDNRVADQLWVPDTYFLNDKKSFVHGVTVKNRMIRLHPDGTVLYGLRITTTAA
CMMDLRRYPLDEQNCTLEIESYGYTTDDIEFYWRGGDKAVTGVERIELPQFSIVEHRLVSRNVVFATGAYPRLSLSFRLK
RNIGYFILQTYMPSILITILSWVSFWINYDASAARVALGITTVLTMTTINTHLRETLPKIPYVKAIDMYLMGCFVFVFLA
LLEYAFVNYIFFGRGPQRQKKLAEKTAKAKNDRSKSESNRVDAHGNILLTSLEVHNEMNEVSGGIGDTRNSAISFDNSGI
QYRKQSMPREGHGRFLGDRSLPHKKTHLRRRSSQLKIKIPDLTDVNAIDRWSRIVFPFTFSLFNLVYWLYYVN
;
B,D,E
3 'polypeptide(L)'
;MGILPSPGMPALLSLVSLLSVLLMGCVAETGQKSDDDYEDYTSNKTWVLTPKVPEGDVTVILNNLLEGYDNKLRPDIGVK
PTLIHTDMYVNSIGPVNAINMEYTIDIFFAQTWYDRRLKFNSTIKVLRLNSNMVGKIWIPDTFFRNSKKADAHWITTPNR
MLRIWNDGRVLYTLRLTIDAECQLQLHNFPMDEHSCPLEFSSYGYPREEIVYQWKRSSVEVGDTRSWRLYQFSFVGLRNT
TEVVKTTSGDYVVMSVYFDLSRRMGYFTIQTYIPCTLIVVLSWVSFWINKDAVPARTSLGITTVLTMTTLSTIARKSLPK
VSYVTAMDLFVSVCFIFVFSALVEYGTLHYFVSNRKPSKDKDKKKKNPLLRMFSFKAPTIDIRPRSATIQMNNATHLQER
DEEYGYECLDGKDCASFFCCFEDCRTGAWRHGRIHIRIAKMDSYARIFFPTAFCLFNLVYWVSYLYLGTGGSGGSGGSTE
TSQVAPA
;
C
4 'polypeptide(L)'
;QVQLVESGGGLVQGSLRLSCAASGHTFNYPIMGWFRQAPGKEREFVGAISWSGGSTSYADSVKDRFTISRDNAKNTVYLE
MNNLKPEDTAVYYCAAKGRYSGGLYYPTNYDYWGQGTQVTV
;
N
#
# COMPACT_ATOMS: atom_id res chain seq x y z
N GLU A 46 42.47 24.78 23.14
CA GLU A 46 41.34 24.20 23.85
C GLU A 46 40.63 25.24 24.70
N ASN A 47 40.48 26.44 24.14
CA ASN A 47 39.82 27.53 24.87
C ASN A 47 38.37 27.17 25.18
N PHE A 48 37.66 26.59 24.21
CA PHE A 48 36.28 26.17 24.41
C PHE A 48 36.13 24.68 24.66
N THR A 49 37.13 23.88 24.30
CA THR A 49 37.07 22.45 24.55
C THR A 49 37.01 22.16 26.05
N ARG A 50 37.83 22.87 26.84
CA ARG A 50 37.81 22.67 28.28
C ARG A 50 36.48 23.10 28.89
N ILE A 51 35.87 24.16 28.35
CA ILE A 51 34.59 24.63 28.86
C ILE A 51 33.52 23.56 28.66
N LEU A 52 33.48 22.97 27.47
CA LEU A 52 32.50 21.92 27.20
C LEU A 52 32.73 20.69 28.06
N ASP A 53 34.00 20.30 28.24
CA ASP A 53 34.30 19.14 29.07
C ASP A 53 33.92 19.38 30.53
N SER A 54 34.16 20.61 31.02
CA SER A 54 33.79 20.93 32.40
C SER A 54 32.29 20.84 32.60
N LEU A 55 31.50 21.30 31.64
CA LEU A 55 30.05 21.26 31.77
C LEU A 55 29.54 19.83 31.85
N LEU A 56 30.06 18.94 31.01
CA LEU A 56 29.63 17.56 31.01
C LEU A 56 30.20 16.76 32.19
N ASP A 57 31.25 17.27 32.83
CA ASP A 57 31.84 16.56 33.96
C ASP A 57 30.89 16.60 35.15
N GLY A 58 30.66 15.45 35.76
CA GLY A 58 29.74 15.37 36.88
C GLY A 58 28.31 15.73 36.53
N TYR A 59 27.88 15.39 35.32
CA TYR A 59 26.54 15.70 34.83
C TYR A 59 25.81 14.40 34.54
N ASP A 60 24.57 14.30 35.00
CA ASP A 60 23.73 13.13 34.78
C ASP A 60 22.54 13.57 33.92
N ASN A 61 22.51 13.08 32.68
CA ASN A 61 21.42 13.42 31.77
C ASN A 61 20.12 12.73 32.12
N ARG A 62 20.15 11.77 33.05
CA ARG A 62 18.96 11.04 33.44
C ARG A 62 18.15 11.74 34.52
N LEU A 63 18.60 12.90 35.00
CA LEU A 63 17.90 13.67 36.01
C LEU A 63 17.55 15.04 35.45
N ARG A 64 16.29 15.43 35.61
CA ARG A 64 15.85 16.73 35.12
C ARG A 64 16.48 17.84 35.95
N PRO A 65 16.65 19.04 35.38
CA PRO A 65 17.17 20.16 36.16
C PRO A 65 16.25 20.49 37.32
N GLY A 66 16.85 20.86 38.45
CA GLY A 66 16.07 21.07 39.66
C GLY A 66 15.34 19.82 40.11
N PHE A 67 16.01 18.67 40.03
CA PHE A 67 15.37 17.40 40.37
C PHE A 67 15.01 17.36 41.85
N GLY A 68 13.78 16.97 42.15
CA GLY A 68 13.32 16.89 43.52
C GLY A 68 13.02 18.21 44.18
N GLY A 69 13.05 19.32 43.42
CA GLY A 69 12.80 20.62 43.98
C GLY A 69 11.74 21.37 43.20
N PRO A 70 12.10 22.56 42.70
CA PRO A 70 11.14 23.35 41.92
C PRO A 70 10.75 22.63 40.63
N VAL A 71 9.53 22.90 40.17
CA VAL A 71 9.04 22.30 38.94
C VAL A 71 9.78 22.90 37.76
N THR A 72 10.29 22.03 36.89
CA THR A 72 10.99 22.50 35.69
C THR A 72 9.99 23.08 34.70
N GLU A 73 10.26 24.29 34.22
CA GLU A 73 9.39 24.99 33.29
C GLU A 73 10.02 25.00 31.91
N VAL A 74 9.26 24.59 30.90
CA VAL A 74 9.74 24.53 29.52
C VAL A 74 8.91 25.52 28.71
N LYS A 75 9.59 26.44 28.03
CA LYS A 75 8.94 27.42 27.18
C LYS A 75 9.02 26.96 25.73
N THR A 76 7.87 26.79 25.09
CA THR A 76 7.79 26.23 23.76
C THR A 76 7.09 27.18 22.80
N ASP A 77 7.57 27.22 21.56
CA ASP A 77 6.92 27.94 20.49
C ASP A 77 7.04 27.12 19.21
N ILE A 78 6.04 27.28 18.34
CA ILE A 78 5.95 26.49 17.12
C ILE A 78 5.96 27.43 15.93
N TYR A 79 6.81 27.13 14.95
CA TYR A 79 6.85 27.84 13.67
C TYR A 79 6.45 26.85 12.58
N VAL A 80 5.28 27.05 11.99
CA VAL A 80 4.75 26.13 11.00
C VAL A 80 5.33 26.49 9.64
N THR A 81 6.29 25.68 9.18
CA THR A 81 6.88 25.92 7.87
C THR A 81 5.96 25.50 6.73
N SER A 82 5.13 24.48 6.95
CA SER A 82 4.24 23.99 5.91
C SER A 82 3.09 23.22 6.57
N PHE A 83 1.86 23.58 6.21
CA PHE A 83 0.67 22.87 6.67
C PHE A 83 0.25 21.94 5.55
N GLY A 84 0.56 20.65 5.72
CA GLY A 84 0.39 19.70 4.65
C GLY A 84 -1.06 19.40 4.36
N PRO A 85 -1.28 18.51 3.40
CA PRO A 85 -2.65 18.19 2.99
C PRO A 85 -3.42 17.48 4.09
N VAL A 86 -4.74 17.65 4.06
CA VAL A 86 -5.64 17.03 5.03
C VAL A 86 -6.29 15.83 4.35
N SER A 87 -6.16 14.66 4.97
CA SER A 87 -6.72 13.42 4.43
C SER A 87 -8.06 13.17 5.09
N ASP A 88 -9.14 13.45 4.36
CA ASP A 88 -10.48 13.23 4.89
C ASP A 88 -10.74 11.76 5.12
N VAL A 89 -10.26 10.89 4.22
CA VAL A 89 -10.48 9.46 4.37
C VAL A 89 -9.82 8.93 5.64
N GLU A 90 -8.60 9.37 5.91
CA GLU A 90 -7.87 8.93 7.10
C GLU A 90 -8.12 9.80 8.32
N MET A 91 -8.84 10.92 8.15
CA MET A 91 -9.11 11.86 9.25
C MET A 91 -7.81 12.31 9.91
N GLU A 92 -6.81 12.62 9.10
CA GLU A 92 -5.52 13.08 9.58
C GLU A 92 -5.01 14.21 8.69
N TYR A 93 -4.12 15.00 9.25
CA TYR A 93 -3.48 16.09 8.51
C TYR A 93 -1.98 16.08 8.79
N THR A 94 -1.21 16.50 7.80
CA THR A 94 0.25 16.56 7.90
C THR A 94 0.68 18.00 8.12
N MET A 95 1.81 18.16 8.82
CA MET A 95 2.31 19.49 9.14
C MET A 95 3.79 19.42 9.47
N ASP A 96 4.55 20.35 8.92
CA ASP A 96 5.98 20.49 9.20
C ASP A 96 6.20 21.74 10.03
N VAL A 97 6.85 21.58 11.19
CA VAL A 97 7.01 22.66 12.14
C VAL A 97 8.46 22.74 12.61
N PHE A 98 8.83 23.93 13.12
CA PHE A 98 10.08 24.14 13.81
C PHE A 98 9.76 24.19 15.30
N PHE A 99 9.77 23.02 15.93
CA PHE A 99 9.38 22.91 17.34
C PHE A 99 10.54 23.36 18.22
N ARG A 100 10.39 24.52 18.85
CA ARG A 100 11.43 25.10 19.69
C ARG A 100 11.06 24.91 21.16
N GLN A 101 12.03 24.50 21.96
CA GLN A 101 11.85 24.34 23.40
C GLN A 101 12.93 25.11 24.14
N THR A 102 12.54 25.78 25.22
CA THR A 102 13.46 26.57 26.02
C THR A 102 13.25 26.25 27.50
N TRP A 103 14.33 25.97 28.21
CA TRP A 103 14.29 25.72 29.64
C TRP A 103 15.62 26.10 30.24
N ILE A 104 15.64 26.25 31.57
CA ILE A 104 16.82 26.68 32.30
C ILE A 104 17.38 25.50 33.06
N ASP A 105 18.66 25.20 32.84
CA ASP A 105 19.36 24.13 33.55
C ASP A 105 20.63 24.75 34.15
N LYS A 106 20.65 24.88 35.48
CA LYS A 106 21.77 25.55 36.14
C LYS A 106 23.05 24.72 36.12
N ARG A 107 22.95 23.42 35.84
CA ARG A 107 24.14 22.58 35.78
C ARG A 107 25.05 22.92 34.62
N LEU A 108 24.55 23.63 33.61
CA LEU A 108 25.31 23.94 32.41
C LEU A 108 25.77 25.39 32.37
N LYS A 109 25.75 26.09 33.51
CA LYS A 109 26.22 27.46 33.55
C LYS A 109 27.73 27.51 33.32
N TYR A 110 28.16 28.42 32.45
CA TYR A 110 29.57 28.55 32.12
C TYR A 110 29.96 30.03 32.11
N ASP A 111 31.22 30.30 32.41
CA ASP A 111 31.77 31.65 32.39
C ASP A 111 32.74 31.75 31.21
N GLY A 112 32.35 32.53 30.20
CA GLY A 112 33.16 32.69 29.02
C GLY A 112 32.91 33.99 28.29
N PRO A 113 33.85 34.39 27.44
CA PRO A 113 33.66 35.64 26.68
C PRO A 113 32.43 35.63 25.79
N ILE A 114 32.07 34.48 25.24
CA ILE A 114 30.94 34.38 24.32
C ILE A 114 29.68 34.10 25.11
N GLU A 115 28.60 34.81 24.78
CA GLU A 115 27.36 34.70 25.54
C GLU A 115 26.64 33.39 25.24
N ILE A 116 26.57 33.00 23.97
CA ILE A 116 25.77 31.86 23.53
C ILE A 116 26.68 30.87 22.83
N LEU A 117 26.60 29.61 23.23
CA LEU A 117 27.38 28.52 22.63
C LEU A 117 26.49 27.78 21.65
N ARG A 118 26.66 28.07 20.35
CA ARG A 118 25.94 27.35 19.30
C ARG A 118 26.71 26.08 18.99
N LEU A 119 26.23 24.95 19.50
CA LEU A 119 26.93 23.68 19.42
C LEU A 119 26.35 22.83 18.30
N ASN A 120 26.82 21.59 18.21
CA ASN A 120 26.35 20.64 17.20
C ASN A 120 25.25 19.76 17.78
N ASN A 121 24.54 19.08 16.87
CA ASN A 121 23.36 18.31 17.26
C ASN A 121 23.71 17.11 18.12
N MET A 122 24.86 16.46 17.85
CA MET A 122 25.23 15.27 18.61
C MET A 122 25.49 15.57 20.09
N MET A 123 25.68 16.84 20.43
CA MET A 123 25.82 17.23 21.83
C MET A 123 24.54 17.01 22.63
N VAL A 124 23.39 16.94 21.94
CA VAL A 124 22.10 16.86 22.64
C VAL A 124 22.00 15.57 23.45
N THR A 125 22.48 14.46 22.88
CA THR A 125 22.31 13.17 23.55
C THR A 125 23.01 13.13 24.90
N LYS A 126 24.03 13.96 25.10
CA LYS A 126 24.80 13.95 26.33
C LYS A 126 24.12 14.71 27.47
N VAL A 127 23.14 15.54 27.17
CA VAL A 127 22.48 16.36 28.17
C VAL A 127 21.02 15.93 28.30
N TRP A 128 20.33 16.51 29.28
CA TRP A 128 18.92 16.22 29.52
C TRP A 128 18.04 17.07 28.63
N THR A 129 17.05 16.45 28.02
CA THR A 129 16.07 17.15 27.21
C THR A 129 14.67 16.68 27.58
N PRO A 130 13.67 17.57 27.48
CA PRO A 130 12.30 17.16 27.79
C PRO A 130 11.81 16.09 26.84
N ASP A 131 10.98 15.19 27.38
CA ASP A 131 10.42 14.09 26.59
C ASP A 131 9.05 14.47 26.03
N THR A 132 9.05 15.54 25.24
CA THR A 132 7.81 16.03 24.66
C THR A 132 7.35 15.11 23.54
N PHE A 133 6.08 14.71 23.58
CA PHE A 133 5.48 13.87 22.56
C PHE A 133 4.12 14.44 22.21
N PHE A 134 3.65 14.13 21.01
CA PHE A 134 2.37 14.62 20.51
C PHE A 134 1.31 13.55 20.72
N ARG A 135 0.29 13.89 21.49
CA ARG A 135 -0.69 12.88 21.91
C ARG A 135 -1.50 12.36 20.73
N ASN A 136 -1.87 13.23 19.81
CA ASN A 136 -2.68 12.84 18.66
C ASN A 136 -1.84 12.52 17.43
N GLY A 137 -0.52 12.54 17.53
CA GLY A 137 0.33 12.26 16.40
C GLY A 137 0.28 10.80 15.97
N LYS A 138 -0.27 10.54 14.78
CA LYS A 138 -0.32 9.17 14.28
C LYS A 138 1.06 8.67 13.89
N LYS A 139 1.83 9.48 13.19
CA LYS A 139 3.15 9.09 12.72
C LYS A 139 3.98 10.34 12.53
N SER A 140 4.96 10.55 13.40
CA SER A 140 5.81 11.73 13.35
C SER A 140 7.23 11.33 12.98
N VAL A 141 7.84 12.12 12.10
CA VAL A 141 9.18 11.85 11.59
C VAL A 141 10.06 13.05 11.88
N SER A 142 11.23 12.81 12.45
CA SER A 142 12.23 13.84 12.67
C SER A 142 13.23 13.78 11.51
N HIS A 143 13.36 14.89 10.81
CA HIS A 143 14.20 14.92 9.61
C HIS A 143 15.66 14.74 9.96
N ASN A 144 16.39 14.03 9.11
CA ASN A 144 17.76 13.61 9.40
C ASN A 144 18.69 13.78 8.21
N MET A 145 18.34 14.63 7.25
CA MET A 145 19.06 14.66 5.98
C MET A 145 20.33 15.51 6.11
N THR A 146 21.48 14.86 5.85
CA THR A 146 22.79 15.48 5.76
C THR A 146 23.29 15.89 7.14
N ALA A 147 22.41 15.84 8.13
CA ALA A 147 22.68 16.10 9.53
C ALA A 147 21.39 15.90 10.32
N PRO A 148 21.47 15.56 11.60
CA PRO A 148 20.26 15.63 12.43
C PRO A 148 19.78 17.07 12.52
N ASN A 149 18.56 17.31 12.04
CA ASN A 149 18.02 18.66 12.02
C ASN A 149 17.64 19.09 13.43
N LYS A 150 18.64 19.28 14.28
CA LYS A 150 18.43 19.71 15.67
C LYS A 150 19.34 20.88 15.96
N LEU A 151 18.78 21.94 16.53
CA LEU A 151 19.53 23.10 16.97
C LEU A 151 19.68 23.05 18.48
N PHE A 152 20.88 23.35 18.96
CA PHE A 152 21.17 23.26 20.40
C PHE A 152 22.12 24.38 20.77
N ARG A 153 21.64 25.32 21.59
CA ARG A 153 22.41 26.45 22.04
C ARG A 153 22.35 26.54 23.56
N ILE A 154 23.46 26.93 24.18
CA ILE A 154 23.55 27.10 25.62
C ILE A 154 24.03 28.53 25.90
N MET A 155 23.30 29.23 26.76
CA MET A 155 23.68 30.58 27.16
C MET A 155 24.37 30.53 28.52
N ARG A 156 25.01 31.64 28.87
CA ARG A 156 25.77 31.70 30.13
C ARG A 156 24.84 31.59 31.33
N ASN A 157 23.60 32.06 31.21
CA ASN A 157 22.64 31.97 32.30
C ASN A 157 22.17 30.55 32.56
N GLY A 158 22.51 29.60 31.69
CA GLY A 158 21.97 28.26 31.77
C GLY A 158 20.75 28.03 30.91
N THR A 159 20.21 29.08 30.29
CA THR A 159 19.08 28.91 29.37
C THR A 159 19.50 28.06 28.18
N ILE A 160 18.66 27.09 27.82
CA ILE A 160 18.93 26.17 26.74
C ILE A 160 17.86 26.34 25.67
N LEU A 161 18.30 26.52 24.43
CA LEU A 161 17.40 26.57 23.28
C LEU A 161 17.59 25.28 22.49
N TYR A 162 16.51 24.52 22.33
CA TYR A 162 16.56 23.23 21.66
C TYR A 162 15.40 23.16 20.67
N THR A 163 15.72 23.31 19.38
CA THR A 163 14.73 23.31 18.32
C THR A 163 15.00 22.15 17.37
N MET A 164 13.93 21.51 16.90
CA MET A 164 14.03 20.38 16.00
C MET A 164 12.97 20.49 14.92
N ARG A 165 13.35 20.17 13.69
CA ARG A 165 12.42 20.19 12.57
C ARG A 165 11.67 18.86 12.51
N LEU A 166 10.35 18.91 12.53
CA LEU A 166 9.53 17.73 12.62
C LEU A 166 8.44 17.74 11.56
N THR A 167 8.06 16.55 11.10
CA THR A 167 6.89 16.34 10.28
C THR A 167 5.89 15.52 11.10
N ILE A 168 4.69 16.07 11.26
CA ILE A 168 3.71 15.51 12.19
C ILE A 168 2.45 15.14 11.42
N SER A 169 1.94 13.94 11.63
CA SER A 169 0.65 13.50 11.13
C SER A 169 -0.24 13.24 12.34
N ALA A 170 -1.25 14.09 12.53
CA ALA A 170 -2.07 14.08 13.73
C ALA A 170 -3.51 13.71 13.42
N GLU A 171 -4.18 13.10 14.39
CA GLU A 171 -5.58 12.75 14.25
C GLU A 171 -6.43 14.02 14.22
N CYS A 172 -7.37 14.06 13.28
CA CYS A 172 -8.35 15.15 13.21
C CYS A 172 -9.73 14.55 13.00
N PRO A 173 -10.42 14.18 14.08
CA PRO A 173 -11.80 13.69 13.93
C PRO A 173 -12.68 14.73 13.27
N MET A 174 -13.57 14.27 12.40
CA MET A 174 -14.38 15.16 11.59
C MET A 174 -15.85 14.78 11.67
N ARG A 175 -16.70 15.79 11.65
CA ARG A 175 -18.15 15.62 11.55
C ARG A 175 -18.55 16.08 10.15
N LEU A 176 -18.73 15.12 9.24
CA LEU A 176 -19.01 15.41 7.85
C LEU A 176 -20.50 15.55 7.56
N VAL A 177 -21.30 15.90 8.56
CA VAL A 177 -22.74 16.04 8.35
C VAL A 177 -23.02 17.19 7.38
N ASP A 178 -22.22 18.25 7.45
CA ASP A 178 -22.37 19.42 6.58
C ASP A 178 -21.47 19.36 5.35
N PHE A 179 -20.82 18.22 5.11
CA PHE A 179 -19.93 18.11 3.97
C PHE A 179 -20.70 18.33 2.67
N PRO A 180 -20.14 19.07 1.70
CA PRO A 180 -18.82 19.68 1.73
C PRO A 180 -18.79 21.10 2.32
N MET A 181 -19.95 21.61 2.71
CA MET A 181 -20.03 22.96 3.28
C MET A 181 -19.83 22.92 4.79
N ASP A 182 -18.64 22.45 5.18
CA ASP A 182 -18.32 22.23 6.58
C ASP A 182 -16.93 22.78 6.90
N GLY A 183 -16.73 23.10 8.17
CA GLY A 183 -15.45 23.53 8.67
C GLY A 183 -14.99 22.66 9.82
N HIS A 184 -13.69 22.50 9.95
CA HIS A 184 -13.11 21.63 10.97
C HIS A 184 -12.04 22.38 11.75
N ALA A 185 -11.81 21.93 12.98
CA ALA A 185 -10.79 22.49 13.85
C ALA A 185 -9.85 21.36 14.26
N CYS A 186 -8.83 21.12 13.44
CA CYS A 186 -7.89 20.04 13.70
C CYS A 186 -6.98 20.41 14.86
N PRO A 187 -6.92 19.60 15.92
CA PRO A 187 -6.10 19.97 17.09
C PRO A 187 -4.67 19.50 16.98
N LEU A 188 -3.85 19.89 17.95
CA LEU A 188 -2.46 19.43 18.05
C LEU A 188 -2.08 19.49 19.53
N LYS A 189 -2.07 18.33 20.18
CA LYS A 189 -1.81 18.25 21.62
C LYS A 189 -0.44 17.62 21.85
N PHE A 190 0.38 18.28 22.66
CA PHE A 190 1.67 17.75 23.04
C PHE A 190 1.93 18.01 24.52
N GLY A 191 2.77 17.17 25.11
CA GLY A 191 3.09 17.30 26.51
C GLY A 191 4.14 16.29 26.90
N SER A 192 4.51 16.32 28.18
CA SER A 192 5.50 15.39 28.69
C SER A 192 4.92 13.99 28.79
N TYR A 193 5.67 12.99 28.31
CA TYR A 193 5.17 11.62 28.38
C TYR A 193 5.33 11.04 29.77
N ALA A 194 6.42 11.36 30.47
CA ALA A 194 6.73 10.74 31.75
C ALA A 194 6.59 11.68 32.93
N TYR A 195 7.15 12.88 32.84
CA TYR A 195 7.14 13.81 33.97
C TYR A 195 5.77 14.42 34.13
N PRO A 196 5.11 14.26 35.27
CA PRO A 196 3.79 14.86 35.49
C PRO A 196 3.91 16.35 35.74
N LYS A 197 2.77 16.98 36.02
CA LYS A 197 2.75 18.42 36.25
C LYS A 197 3.50 18.82 37.51
N SER A 198 3.67 17.90 38.46
CA SER A 198 4.41 18.20 39.68
C SER A 198 5.92 18.24 39.45
N GLU A 199 6.40 17.77 38.31
CA GLU A 199 7.83 17.77 38.01
C GLU A 199 8.20 18.67 36.84
N MET A 200 7.37 18.71 35.80
CA MET A 200 7.64 19.55 34.63
C MET A 200 6.35 20.12 34.08
N ILE A 201 6.38 21.40 33.74
CA ILE A 201 5.24 22.09 33.16
C ILE A 201 5.67 22.77 31.87
N TYR A 202 4.69 23.01 31.00
CA TYR A 202 4.93 23.62 29.71
C TYR A 202 4.23 24.97 29.65
N THR A 203 4.95 25.98 29.18
CA THR A 203 4.42 27.32 29.00
C THR A 203 4.81 27.83 27.63
N TRP A 204 3.96 28.67 27.05
CA TRP A 204 4.25 29.26 25.75
C TRP A 204 5.30 30.36 25.90
N THR A 205 6.31 30.34 25.02
CA THR A 205 7.41 31.29 25.12
C THR A 205 6.90 32.72 25.00
N LYS A 206 6.16 33.00 23.94
CA LYS A 206 5.49 34.29 23.78
C LYS A 206 4.09 34.19 24.38
N GLY A 207 3.24 35.18 24.10
CA GLY A 207 1.85 35.08 24.45
C GLY A 207 1.20 33.95 23.68
N PRO A 208 0.09 33.42 24.20
CA PRO A 208 -0.58 32.30 23.52
C PRO A 208 -0.95 32.61 22.07
N GLU A 209 -1.30 33.86 21.78
CA GLU A 209 -1.65 34.21 20.40
C GLU A 209 -0.41 34.25 19.51
N LYS A 210 0.70 34.76 20.01
CA LYS A 210 1.90 34.98 19.22
C LYS A 210 2.90 33.83 19.29
N SER A 211 2.64 32.82 20.10
CA SER A 211 3.60 31.72 20.24
C SER A 211 3.62 30.84 19.00
N VAL A 212 2.45 30.57 18.43
CA VAL A 212 2.33 29.76 17.22
C VAL A 212 2.09 30.70 16.05
N GLU A 213 3.03 30.71 15.10
CA GLU A 213 2.96 31.59 13.94
C GLU A 213 2.91 30.74 12.68
N VAL A 214 1.87 30.94 11.88
CA VAL A 214 1.68 30.22 10.63
C VAL A 214 1.66 31.24 9.49
N PRO A 215 2.77 31.40 8.78
CA PRO A 215 2.78 32.31 7.63
C PRO A 215 1.81 31.85 6.55
N LYS A 216 1.25 32.83 5.83
CA LYS A 216 0.32 32.50 4.76
C LYS A 216 0.99 31.69 3.66
N GLU A 217 2.30 31.87 3.47
CA GLU A 217 3.03 31.08 2.47
C GLU A 217 3.14 29.62 2.86
N SER A 218 3.01 29.30 4.15
CA SER A 218 3.12 27.92 4.62
C SER A 218 1.90 27.07 4.27
N SER A 219 0.83 27.69 3.79
CA SER A 219 -0.38 26.95 3.47
C SER A 219 -0.17 26.08 2.24
N SER A 220 -0.03 24.77 2.46
CA SER A 220 0.03 23.79 1.38
C SER A 220 -1.31 23.12 1.16
N LEU A 221 -2.38 23.63 1.79
CA LEU A 221 -3.70 23.04 1.64
C LEU A 221 -4.21 23.17 0.21
N VAL A 222 -4.96 22.17 -0.23
CA VAL A 222 -5.53 22.15 -1.56
C VAL A 222 -7.03 22.46 -1.51
N GLN A 223 -7.78 21.71 -0.71
CA GLN A 223 -9.23 21.87 -0.61
C GLN A 223 -9.67 22.54 0.68
N TYR A 224 -8.75 23.10 1.45
CA TYR A 224 -9.07 23.75 2.71
C TYR A 224 -8.43 25.13 2.77
N ASP A 225 -9.01 25.98 3.59
CA ASP A 225 -8.50 27.33 3.84
C ASP A 225 -8.30 27.50 5.34
N LEU A 226 -7.13 28.00 5.73
CA LEU A 226 -6.79 28.15 7.14
C LEU A 226 -7.36 29.47 7.65
N ILE A 227 -8.47 29.40 8.38
CA ILE A 227 -9.07 30.60 8.95
C ILE A 227 -8.19 31.19 10.03
N GLY A 228 -7.71 30.34 10.94
CA GLY A 228 -6.88 30.81 12.03
C GLY A 228 -6.63 29.69 13.01
N GLN A 229 -5.90 30.03 14.07
CA GLN A 229 -5.55 29.06 15.09
C GLN A 229 -5.83 29.63 16.48
N THR A 230 -6.21 28.74 17.39
CA THR A 230 -6.40 29.07 18.79
C THR A 230 -5.45 28.25 19.64
N VAL A 231 -5.02 28.82 20.76
CA VAL A 231 -3.99 28.23 21.60
C VAL A 231 -4.52 28.13 23.03
N SER A 232 -4.38 26.96 23.63
CA SER A 232 -4.86 26.74 24.99
C SER A 232 -4.03 25.65 25.65
N SER A 233 -4.08 25.61 26.98
CA SER A 233 -3.39 24.60 27.77
C SER A 233 -4.34 24.04 28.80
N GLU A 234 -4.31 22.72 28.99
CA GLU A 234 -5.20 22.04 29.91
C GLU A 234 -4.40 21.01 30.69
N THR A 235 -5.11 20.19 31.48
CA THR A 235 -4.52 19.10 32.23
C THR A 235 -5.35 17.84 32.02
N ILE A 236 -4.67 16.69 31.98
CA ILE A 236 -5.32 15.40 31.83
C ILE A 236 -4.83 14.50 32.96
N LYS A 237 -5.61 13.47 33.24
CA LYS A 237 -5.30 12.52 34.30
C LYS A 237 -5.20 11.11 33.74
N SER A 238 -4.33 10.31 34.35
CA SER A 238 -4.16 8.92 33.98
C SER A 238 -3.69 8.15 35.22
N ILE A 239 -3.54 6.84 35.06
CA ILE A 239 -3.03 6.02 36.17
C ILE A 239 -1.62 6.46 36.54
N THR A 240 -0.83 6.83 35.53
CA THR A 240 0.53 7.29 35.80
C THR A 240 0.54 8.59 36.60
N GLY A 241 -0.34 9.52 36.25
CA GLY A 241 -0.39 10.78 36.95
C GLY A 241 -1.15 11.82 36.14
N GLU A 242 -0.95 13.08 36.50
CA GLU A 242 -1.59 14.21 35.87
C GLU A 242 -0.55 15.04 35.12
N TYR A 243 -0.84 15.35 33.86
CA TYR A 243 0.14 15.95 32.97
C TYR A 243 -0.42 17.23 32.37
N ILE A 244 0.49 18.13 32.00
CA ILE A 244 0.15 19.37 31.31
C ILE A 244 0.09 19.12 29.82
N VAL A 245 -0.99 19.54 29.18
CA VAL A 245 -1.20 19.35 27.76
C VAL A 245 -1.32 20.71 27.10
N MET A 246 -0.53 20.95 26.06
CA MET A 246 -0.60 22.16 25.27
C MET A 246 -1.32 21.84 23.96
N THR A 247 -2.38 22.58 23.67
CA THR A 247 -3.25 22.29 22.54
C THR A 247 -3.21 23.46 21.55
N VAL A 248 -3.09 23.13 20.26
CA VAL A 248 -3.18 24.10 19.18
C VAL A 248 -4.25 23.61 18.21
N TYR A 249 -5.28 24.43 18.00
CA TYR A 249 -6.38 24.09 17.13
C TYR A 249 -6.27 24.91 15.85
N PHE A 250 -6.23 24.23 14.71
CA PHE A 250 -6.21 24.88 13.41
C PHE A 250 -7.61 24.82 12.82
N HIS A 251 -8.21 25.99 12.58
CA HIS A 251 -9.56 26.06 12.02
C HIS A 251 -9.48 26.06 10.50
N LEU A 252 -10.09 25.07 9.88
CA LEU A 252 -10.04 24.88 8.44
C LEU A 252 -11.44 24.97 7.85
N ARG A 253 -11.57 25.67 6.73
CA ARG A 253 -12.82 25.80 6.00
C ARG A 253 -12.64 25.14 4.63
N ARG A 254 -13.50 24.19 4.31
CA ARG A 254 -13.39 23.48 3.05
C ARG A 254 -13.83 24.37 1.90
N LYS A 255 -13.14 24.24 0.76
CA LYS A 255 -13.49 24.96 -0.45
C LYS A 255 -14.37 24.07 -1.31
N MET A 256 -15.59 24.53 -1.58
CA MET A 256 -16.59 23.72 -2.28
C MET A 256 -16.59 23.95 -3.79
N GLY A 257 -15.62 24.69 -4.32
CA GLY A 257 -15.59 24.95 -5.74
C GLY A 257 -15.43 23.68 -6.57
N TYR A 258 -14.56 22.77 -6.12
CA TYR A 258 -14.35 21.52 -6.86
C TYR A 258 -15.60 20.66 -6.86
N PHE A 259 -16.24 20.50 -5.70
CA PHE A 259 -17.42 19.66 -5.61
C PHE A 259 -18.61 20.29 -6.34
N MET A 260 -18.64 21.61 -6.44
CA MET A 260 -19.72 22.27 -7.17
C MET A 260 -19.69 21.88 -8.64
N ILE A 261 -18.50 21.83 -9.24
CA ILE A 261 -18.40 21.49 -10.66
C ILE A 261 -18.41 19.97 -10.85
N GLN A 262 -17.79 19.24 -9.93
CA GLN A 262 -17.71 17.79 -10.08
C GLN A 262 -19.07 17.14 -9.95
N THR A 263 -19.87 17.54 -8.96
CA THR A 263 -21.10 16.84 -8.64
C THR A 263 -22.34 17.69 -8.81
N TYR A 264 -22.39 18.88 -8.20
CA TYR A 264 -23.64 19.62 -8.13
C TYR A 264 -24.13 20.04 -9.50
N ILE A 265 -23.27 20.68 -10.30
CA ILE A 265 -23.68 21.18 -11.60
C ILE A 265 -24.13 20.05 -12.53
N PRO A 266 -23.36 18.97 -12.73
CA PRO A 266 -23.83 17.92 -13.64
C PRO A 266 -25.14 17.28 -13.19
N CYS A 267 -25.35 17.13 -11.89
CA CYS A 267 -26.60 16.54 -11.41
C CYS A 267 -27.78 17.44 -11.70
N ILE A 268 -27.62 18.75 -11.56
CA ILE A 268 -28.71 19.67 -11.85
C ILE A 268 -29.10 19.60 -13.32
N MET A 269 -28.10 19.55 -14.20
CA MET A 269 -28.39 19.47 -15.63
C MET A 269 -29.14 18.19 -15.96
N THR A 270 -28.72 17.07 -15.37
CA THR A 270 -29.39 15.80 -15.64
C THR A 270 -30.85 15.83 -15.18
N VAL A 271 -31.11 16.42 -14.01
CA VAL A 271 -32.48 16.56 -13.52
C VAL A 271 -33.28 17.43 -14.48
N ILE A 272 -32.71 18.55 -14.91
CA ILE A 272 -33.38 19.37 -15.91
C ILE A 272 -33.57 18.60 -17.20
N LEU A 273 -32.57 17.80 -17.58
CA LEU A 273 -32.69 16.99 -18.79
C LEU A 273 -33.78 15.94 -18.65
N SER A 274 -34.05 15.48 -17.43
CA SER A 274 -35.14 14.53 -17.23
C SER A 274 -36.49 15.19 -17.46
N GLN A 275 -36.64 16.44 -17.02
CA GLN A 275 -37.89 17.17 -17.21
C GLN A 275 -38.16 17.49 -18.67
N VAL A 276 -37.18 17.29 -19.54
CA VAL A 276 -37.37 17.51 -20.97
C VAL A 276 -38.38 16.51 -21.54
N SER A 277 -38.43 15.31 -20.98
CA SER A 277 -39.34 14.29 -21.48
C SER A 277 -40.80 14.73 -21.41
N PHE A 278 -41.14 15.66 -20.52
CA PHE A 278 -42.51 16.14 -20.42
C PHE A 278 -42.94 16.87 -21.69
N TRP A 279 -42.03 17.66 -22.29
CA TRP A 279 -42.39 18.43 -23.46
C TRP A 279 -42.48 17.56 -24.70
N ILE A 280 -41.77 16.44 -24.74
CA ILE A 280 -41.87 15.53 -25.87
C ILE A 280 -43.26 14.92 -25.92
N ASN A 281 -43.81 14.79 -27.12
CA ASN A 281 -45.16 14.29 -27.28
C ASN A 281 -45.25 12.84 -26.83
N LYS A 282 -46.44 12.48 -26.32
CA LYS A 282 -46.63 11.15 -25.75
C LYS A 282 -46.61 10.05 -26.79
N GLU A 283 -46.80 10.38 -28.08
CA GLU A 283 -46.77 9.36 -29.11
C GLU A 283 -45.40 8.71 -29.21
N SER A 284 -44.34 9.49 -29.08
CA SER A 284 -42.97 8.99 -29.18
C SER A 284 -42.61 8.22 -27.91
N VAL A 285 -43.24 7.04 -27.78
CA VAL A 285 -42.95 6.19 -26.62
C VAL A 285 -41.49 5.77 -26.57
N PRO A 286 -40.86 5.28 -27.65
CA PRO A 286 -39.43 4.98 -27.55
C PRO A 286 -38.57 6.16 -27.18
N ALA A 287 -38.93 7.36 -27.66
CA ALA A 287 -38.12 8.53 -27.36
C ALA A 287 -38.21 8.91 -25.90
N ARG A 288 -39.42 9.00 -25.36
CA ARG A 288 -39.59 9.41 -23.97
C ARG A 288 -39.12 8.34 -23.00
N THR A 289 -39.30 7.06 -23.35
CA THR A 289 -38.85 5.99 -22.47
C THR A 289 -37.32 5.98 -22.36
N VAL A 290 -36.64 5.99 -23.50
CA VAL A 290 -35.17 6.03 -23.49
C VAL A 290 -34.69 7.29 -22.78
N PHE A 291 -35.45 8.37 -22.85
CA PHE A 291 -35.10 9.60 -22.14
C PHE A 291 -35.03 9.35 -20.64
N GLY A 292 -36.01 8.63 -20.11
CA GLY A 292 -36.03 8.40 -18.67
C GLY A 292 -34.92 7.49 -18.19
N ILE A 293 -34.72 6.36 -18.86
CA ILE A 293 -33.80 5.34 -18.36
C ILE A 293 -32.36 5.83 -18.44
N THR A 294 -31.98 6.38 -19.58
CA THR A 294 -30.59 6.80 -19.77
C THR A 294 -30.21 7.96 -18.87
N THR A 295 -31.18 8.75 -18.40
CA THR A 295 -30.88 9.74 -17.37
C THR A 295 -30.63 9.09 -16.03
N VAL A 296 -31.29 7.96 -15.76
CA VAL A 296 -30.99 7.19 -14.55
C VAL A 296 -29.57 6.62 -14.65
N LEU A 297 -29.15 6.22 -15.84
CA LEU A 297 -27.77 5.80 -16.05
C LEU A 297 -26.81 6.93 -15.74
N THR A 298 -27.14 8.15 -16.15
CA THR A 298 -26.28 9.30 -15.87
C THR A 298 -26.16 9.54 -14.37
N MET A 299 -27.28 9.49 -13.66
CA MET A 299 -27.25 9.69 -12.21
C MET A 299 -26.49 8.58 -11.52
N THR A 300 -26.64 7.33 -11.99
CA THR A 300 -25.88 6.22 -11.43
C THR A 300 -24.39 6.44 -11.61
N THR A 301 -23.99 6.88 -12.81
CA THR A 301 -22.58 7.19 -13.04
C THR A 301 -22.10 8.35 -12.20
N LEU A 302 -22.91 9.41 -12.08
CA LEU A 302 -22.51 10.57 -11.30
C LEU A 302 -22.46 10.26 -9.81
N SER A 303 -23.38 9.42 -9.33
CA SER A 303 -23.41 9.09 -7.91
C SER A 303 -22.13 8.38 -7.49
N ILE A 304 -21.61 7.49 -8.33
CA ILE A 304 -20.40 6.75 -7.99
C ILE A 304 -19.22 7.69 -7.84
N SER A 305 -19.08 8.64 -8.77
CA SER A 305 -17.92 9.54 -8.75
C SER A 305 -17.92 10.43 -7.52
N ALA A 306 -19.09 10.93 -7.11
CA ALA A 306 -19.15 11.86 -5.99
C ALA A 306 -18.72 11.19 -4.69
N ARG A 307 -19.15 9.95 -4.47
CA ARG A 307 -18.80 9.22 -3.25
C ARG A 307 -17.44 8.52 -3.35
N HIS A 308 -16.73 8.69 -4.46
CA HIS A 308 -15.49 7.97 -4.69
C HIS A 308 -14.35 8.44 -3.79
N SER A 309 -14.50 9.55 -3.08
CA SER A 309 -13.45 10.07 -2.22
C SER A 309 -13.84 10.21 -0.76
N LEU A 310 -15.12 10.36 -0.46
CA LEU A 310 -15.54 10.57 0.92
C LEU A 310 -15.42 9.26 1.70
N PRO A 311 -14.91 9.30 2.93
CA PRO A 311 -14.87 8.10 3.76
C PRO A 311 -16.28 7.65 4.14
N LYS A 312 -16.42 6.34 4.34
CA LYS A 312 -17.73 5.77 4.63
C LYS A 312 -18.17 6.15 6.04
N VAL A 313 -19.36 6.74 6.14
CA VAL A 313 -19.92 7.16 7.42
C VAL A 313 -21.37 6.72 7.48
N SER A 314 -21.84 6.43 8.70
CA SER A 314 -23.23 6.02 8.89
C SER A 314 -24.18 7.16 8.53
N TYR A 315 -23.87 8.38 8.95
CA TYR A 315 -24.76 9.51 8.70
C TYR A 315 -24.71 9.91 7.23
N ALA A 316 -25.71 10.69 6.83
CA ALA A 316 -25.85 11.16 5.45
C ALA A 316 -25.34 12.59 5.34
N THR A 317 -24.45 12.82 4.38
CA THR A 317 -23.88 14.13 4.15
C THR A 317 -24.79 14.96 3.25
N ALA A 318 -24.50 16.26 3.18
CA ALA A 318 -25.30 17.15 2.35
C ALA A 318 -25.22 16.76 0.89
N MET A 319 -24.04 16.36 0.42
CA MET A 319 -23.91 15.92 -0.96
C MET A 319 -24.72 14.66 -1.23
N ASP A 320 -24.75 13.74 -0.26
CA ASP A 320 -25.54 12.53 -0.41
C ASP A 320 -27.03 12.84 -0.52
N TRP A 321 -27.51 13.81 0.26
CA TRP A 321 -28.91 14.21 0.15
C TRP A 321 -29.22 14.76 -1.22
N PHE A 322 -28.33 15.58 -1.77
CA PHE A 322 -28.57 16.20 -3.07
C PHE A 322 -28.66 15.14 -4.17
N ILE A 323 -27.75 14.16 -4.14
CA ILE A 323 -27.77 13.11 -5.16
C ILE A 323 -29.02 12.25 -5.02
N ALA A 324 -29.39 11.89 -3.79
CA ALA A 324 -30.55 11.05 -3.58
C ALA A 324 -31.83 11.74 -4.07
N VAL A 325 -31.96 13.02 -3.77
CA VAL A 325 -33.12 13.78 -4.27
C VAL A 325 -33.07 13.87 -5.79
N CYS A 326 -31.89 14.14 -6.35
CA CYS A 326 -31.75 14.19 -7.80
C CYS A 326 -32.07 12.84 -8.43
N PHE A 327 -31.61 11.75 -7.81
CA PHE A 327 -31.93 10.42 -8.31
C PHE A 327 -33.43 10.16 -8.24
N ALA A 328 -34.08 10.60 -7.14
CA ALA A 328 -35.53 10.42 -7.03
C ALA A 328 -36.27 11.22 -8.08
N PHE A 329 -35.81 12.45 -8.36
CA PHE A 329 -36.47 13.26 -9.38
C PHE A 329 -36.37 12.61 -10.76
N VAL A 330 -35.19 12.10 -11.10
CA VAL A 330 -35.03 11.39 -12.37
C VAL A 330 -35.88 10.13 -12.39
N PHE A 331 -35.88 9.38 -11.29
CA PHE A 331 -36.72 8.18 -11.22
C PHE A 331 -38.20 8.52 -11.33
N SER A 332 -38.62 9.60 -10.66
CA SER A 332 -40.03 9.99 -10.69
C SER A 332 -40.44 10.45 -12.08
N ALA A 333 -39.52 11.05 -12.85
CA ALA A 333 -39.87 11.52 -14.18
C ALA A 333 -40.28 10.38 -15.08
N LEU A 334 -39.54 9.26 -15.04
CA LEU A 334 -39.92 8.11 -15.85
C LEU A 334 -41.18 7.44 -15.31
N ILE A 335 -41.37 7.46 -13.99
CA ILE A 335 -42.62 6.96 -13.41
C ILE A 335 -43.80 7.77 -13.92
N GLU A 336 -43.61 9.08 -14.08
CA GLU A 336 -44.68 9.92 -14.60
C GLU A 336 -45.10 9.50 -15.99
N PHE A 337 -44.13 9.20 -16.86
CA PHE A 337 -44.46 8.78 -18.21
C PHE A 337 -45.16 7.43 -18.23
N ALA A 338 -44.86 6.57 -17.25
CA ALA A 338 -45.57 5.30 -17.16
C ALA A 338 -47.06 5.51 -16.95
N ALA A 339 -47.43 6.44 -16.07
CA ALA A 339 -48.83 6.77 -15.88
C ALA A 339 -49.42 7.39 -17.14
N VAL A 340 -48.68 8.28 -17.81
CA VAL A 340 -49.19 8.94 -19.00
C VAL A 340 -49.44 7.91 -20.10
N ASN A 341 -48.48 7.02 -20.33
CA ASN A 341 -48.65 6.02 -21.39
C ASN A 341 -49.78 5.05 -21.08
N TYR A 342 -49.88 4.61 -19.82
CA TYR A 342 -50.91 3.64 -19.48
C TYR A 342 -52.31 4.23 -19.63
N PHE A 343 -52.51 5.46 -19.14
CA PHE A 343 -53.84 6.06 -19.20
C PHE A 343 -54.19 6.55 -20.60
N THR A 344 -53.19 6.91 -21.41
CA THR A 344 -53.49 7.30 -22.78
C THR A 344 -53.84 6.10 -23.65
N ASN A 345 -53.46 4.89 -23.23
CA ASN A 345 -53.93 3.70 -23.93
C ASN A 345 -55.41 3.47 -23.66
N ILE A 346 -55.87 3.79 -22.46
CA ILE A 346 -57.30 3.71 -22.15
C ILE A 346 -58.07 4.69 -23.01
N GLN A 347 -57.56 5.91 -23.16
CA GLN A 347 -58.18 6.88 -24.05
C GLN A 347 -58.12 6.40 -25.50
N MET A 348 -57.01 5.82 -25.91
CA MET A 348 -56.86 5.30 -27.26
C MET A 348 -57.68 4.02 -27.45
N THR A 515 -50.04 17.33 -25.57
CA THR A 515 -51.49 17.31 -25.69
C THR A 515 -52.11 16.44 -24.61
N SER A 516 -51.48 16.42 -23.44
CA SER A 516 -51.96 15.63 -22.31
C SER A 516 -52.05 16.50 -21.07
N LYS A 517 -53.13 16.33 -20.31
CA LYS A 517 -53.31 17.13 -19.09
C LYS A 517 -52.34 16.70 -18.00
N ILE A 518 -52.04 15.41 -17.93
CA ILE A 518 -51.12 14.93 -16.90
C ILE A 518 -49.71 15.48 -17.15
N ASP A 519 -49.32 15.62 -18.41
CA ASP A 519 -48.03 16.24 -18.72
C ASP A 519 -47.99 17.68 -18.24
N LYS A 520 -49.08 18.42 -18.45
CA LYS A 520 -49.11 19.84 -18.07
C LYS A 520 -48.90 20.01 -16.57
N TYR A 521 -49.55 19.16 -15.76
CA TYR A 521 -49.32 19.20 -14.32
C TYR A 521 -47.88 18.83 -13.98
N ALA A 522 -47.32 17.84 -14.67
CA ALA A 522 -45.93 17.46 -14.42
C ALA A 522 -44.96 18.53 -14.88
N ARG A 523 -45.32 19.29 -15.91
CA ARG A 523 -44.44 20.37 -16.39
C ARG A 523 -44.31 21.50 -15.38
N ILE A 524 -45.19 21.56 -14.38
CA ILE A 524 -45.18 22.62 -13.39
C ILE A 524 -44.66 22.10 -12.05
N LEU A 525 -45.17 20.96 -11.59
CA LEU A 525 -44.79 20.45 -10.28
C LEU A 525 -43.30 20.12 -10.21
N PHE A 526 -42.78 19.46 -11.23
CA PHE A 526 -41.37 19.05 -11.19
C PHE A 526 -40.42 20.23 -11.13
N PRO A 527 -40.50 21.26 -11.99
CA PRO A 527 -39.60 22.41 -11.83
C PRO A 527 -39.80 23.14 -10.51
N VAL A 528 -41.04 23.22 -10.02
CA VAL A 528 -41.28 23.92 -8.76
C VAL A 528 -40.70 23.14 -7.59
N THR A 529 -40.96 21.83 -7.55
CA THR A 529 -40.45 21.02 -6.44
C THR A 529 -38.93 21.00 -6.41
N PHE A 530 -38.30 20.85 -7.58
CA PHE A 530 -36.85 20.89 -7.62
C PHE A 530 -36.33 22.28 -7.29
N GLY A 531 -37.01 23.32 -7.78
CA GLY A 531 -36.63 24.68 -7.41
C GLY A 531 -36.80 24.94 -5.93
N ALA A 532 -37.91 24.48 -5.35
CA ALA A 532 -38.13 24.64 -3.92
C ALA A 532 -37.10 23.87 -3.11
N PHE A 533 -36.78 22.65 -3.55
CA PHE A 533 -35.79 21.85 -2.82
C PHE A 533 -34.43 22.52 -2.80
N ASN A 534 -34.01 23.09 -3.93
CA ASN A 534 -32.71 23.73 -4.00
C ASN A 534 -32.62 24.91 -3.04
N MET A 535 -33.66 25.75 -2.99
CA MET A 535 -33.63 26.89 -2.09
C MET A 535 -33.57 26.44 -0.63
N VAL A 536 -34.33 25.42 -0.28
CA VAL A 536 -34.26 24.87 1.08
C VAL A 536 -32.89 24.27 1.34
N TYR A 537 -32.36 23.52 0.36
CA TYR A 537 -31.08 22.84 0.56
C TYR A 537 -29.94 23.82 0.78
N TRP A 538 -29.89 24.88 -0.04
CA TRP A 538 -28.76 25.80 0.06
C TRP A 538 -28.87 26.70 1.28
N VAL A 539 -30.07 27.19 1.58
CA VAL A 539 -30.25 28.08 2.72
C VAL A 539 -29.91 27.37 4.02
N VAL A 540 -30.35 26.13 4.17
CA VAL A 540 -30.14 25.39 5.42
C VAL A 540 -28.65 25.19 5.68
N TYR A 541 -27.92 24.68 4.68
CA TYR A 541 -26.54 24.31 4.91
C TYR A 541 -25.60 25.52 4.93
N LEU A 542 -25.90 26.56 4.14
CA LEU A 542 -25.08 27.77 4.21
C LEU A 542 -25.26 28.49 5.54
N SER A 543 -26.47 28.45 6.10
CA SER A 543 -26.69 29.07 7.41
C SER A 543 -25.98 28.30 8.51
N LYS A 544 -25.93 26.97 8.41
CA LYS A 544 -25.24 26.14 9.40
C LYS A 544 -23.75 26.45 9.45
N GLY B 32 52.96 6.34 -0.23
CA GLY B 32 53.52 4.99 -0.32
C GLY B 32 53.59 4.29 1.01
N ASN B 33 54.18 4.94 2.00
CA ASN B 33 54.30 4.38 3.34
C ASN B 33 52.94 4.46 4.04
N MET B 34 52.25 3.33 4.14
CA MET B 34 50.94 3.31 4.78
C MET B 34 51.05 3.65 6.26
N SER B 35 52.11 3.19 6.92
CA SER B 35 52.30 3.54 8.33
C SER B 35 52.48 5.05 8.50
N PHE B 36 53.24 5.67 7.60
CA PHE B 36 53.40 7.13 7.66
C PHE B 36 52.07 7.84 7.45
N VAL B 37 51.27 7.37 6.49
CA VAL B 37 49.95 7.94 6.27
C VAL B 37 49.05 7.68 7.48
N LYS B 38 49.13 6.48 8.05
CA LYS B 38 48.31 6.14 9.21
C LYS B 38 48.62 7.05 10.39
N GLU B 39 49.91 7.31 10.64
CA GLU B 39 50.28 8.21 11.71
C GLU B 39 49.77 9.62 11.45
N THR B 40 49.85 10.08 10.20
CA THR B 40 49.38 11.42 9.87
C THR B 40 47.88 11.55 10.13
N VAL B 41 47.10 10.56 9.69
CA VAL B 41 45.65 10.62 9.88
C VAL B 41 45.29 10.54 11.36
N ASP B 42 45.98 9.67 12.11
CA ASP B 42 45.70 9.56 13.54
C ASP B 42 46.02 10.86 14.26
N LYS B 43 47.09 11.54 13.87
CA LYS B 43 47.42 12.83 14.47
C LYS B 43 46.33 13.86 14.19
N LEU B 44 45.78 13.86 12.97
CA LEU B 44 44.73 14.82 12.63
C LEU B 44 43.50 14.62 13.50
N LEU B 45 43.10 13.38 13.72
CA LEU B 45 41.91 13.09 14.50
C LEU B 45 42.16 13.12 16.01
N LYS B 46 43.41 13.24 16.44
CA LYS B 46 43.72 13.28 17.85
C LYS B 46 43.41 14.67 18.39
N GLY B 47 42.52 14.74 19.38
CA GLY B 47 42.09 16.01 19.93
C GLY B 47 41.08 16.76 19.10
N TYR B 48 40.63 16.18 17.98
CA TYR B 48 39.66 16.85 17.13
C TYR B 48 38.29 16.84 17.80
N ASP B 49 37.66 18.00 17.88
CA ASP B 49 36.36 18.16 18.50
C ASP B 49 35.32 18.39 17.41
N ILE B 50 34.49 17.37 17.16
CA ILE B 50 33.45 17.50 16.16
C ILE B 50 32.39 18.51 16.57
N ARG B 51 32.29 18.81 17.88
CA ARG B 51 31.29 19.75 18.36
C ARG B 51 31.58 21.19 17.96
N LEU B 52 32.83 21.50 17.62
CA LEU B 52 33.23 22.87 17.31
C LEU B 52 33.50 23.00 15.82
N ARG B 53 32.88 24.02 15.22
CA ARG B 53 33.08 24.29 13.81
C ARG B 53 34.49 24.84 13.56
N PRO B 54 34.99 24.74 12.34
CA PRO B 54 36.28 25.37 12.02
C PRO B 54 36.22 26.88 12.25
N ASP B 55 37.33 27.42 12.74
CA ASP B 55 37.43 28.84 13.08
C ASP B 55 36.31 29.25 14.06
N PHE B 56 36.12 28.42 15.08
CA PHE B 56 35.12 28.72 16.09
C PHE B 56 35.45 30.03 16.78
N GLY B 57 34.46 30.91 16.88
CA GLY B 57 34.66 32.22 17.45
C GLY B 57 35.31 33.23 16.52
N GLY B 58 35.60 32.85 15.28
CA GLY B 58 36.21 33.75 14.33
C GLY B 58 35.31 34.04 13.15
N PRO B 59 35.91 34.31 11.99
CA PRO B 59 35.11 34.59 10.81
C PRO B 59 34.31 33.37 10.41
N PRO B 60 33.14 33.56 9.80
CA PRO B 60 32.34 32.42 9.36
C PRO B 60 33.06 31.61 8.30
N VAL B 61 32.87 30.30 8.34
CA VAL B 61 33.49 29.40 7.37
C VAL B 61 32.66 29.40 6.10
N CYS B 62 33.31 29.62 4.97
CA CYS B 62 32.63 29.64 3.67
C CYS B 62 32.54 28.23 3.13
N VAL B 63 31.33 27.80 2.81
CA VAL B 63 31.07 26.45 2.31
C VAL B 63 30.59 26.57 0.86
N GLY B 64 31.35 25.98 -0.06
CA GLY B 64 30.97 25.96 -1.46
C GLY B 64 30.25 24.67 -1.81
N MET B 65 29.15 24.80 -2.54
CA MET B 65 28.29 23.67 -2.87
C MET B 65 28.13 23.56 -4.38
N ASN B 66 28.20 22.33 -4.87
CA ASN B 66 27.89 22.03 -6.26
C ASN B 66 27.05 20.77 -6.29
N ILE B 67 26.12 20.72 -7.24
CA ILE B 67 25.15 19.63 -7.34
C ILE B 67 25.23 19.04 -8.74
N ASP B 68 25.33 17.72 -8.82
CA ASP B 68 25.26 17.00 -10.08
C ASP B 68 23.97 16.19 -10.07
N ILE B 69 23.00 16.62 -10.87
CA ILE B 69 21.68 15.99 -10.88
CA ILE B 69 21.68 15.99 -10.88
C ILE B 69 21.77 14.65 -11.60
N ALA B 70 21.28 13.60 -10.96
CA ALA B 70 21.22 12.28 -11.57
C ALA B 70 19.93 12.08 -12.34
N SER B 71 18.80 12.41 -11.74
CA SER B 71 17.50 12.28 -12.40
C SER B 71 16.45 12.99 -11.56
N ILE B 72 15.35 13.36 -12.22
CA ILE B 72 14.13 13.80 -11.55
C ILE B 72 13.10 12.71 -11.82
N ASP B 73 12.92 11.82 -10.84
CA ASP B 73 12.14 10.61 -11.07
C ASP B 73 10.67 10.92 -11.31
N MET B 74 10.05 11.69 -10.42
CA MET B 74 8.62 11.89 -10.47
C MET B 74 8.28 13.36 -10.23
N VAL B 75 7.20 13.80 -10.85
CA VAL B 75 6.57 15.08 -10.55
C VAL B 75 5.10 14.80 -10.31
N SER B 76 4.64 15.01 -9.08
CA SER B 76 3.30 14.64 -8.66
C SER B 76 2.46 15.88 -8.48
N GLU B 77 1.37 15.99 -9.25
CA GLU B 77 0.45 17.10 -9.08
C GLU B 77 -0.44 16.89 -7.86
N VAL B 78 -0.84 15.64 -7.60
CA VAL B 78 -1.72 15.38 -6.47
C VAL B 78 -1.01 15.67 -5.15
N ASN B 79 0.25 15.27 -5.03
CA ASN B 79 1.02 15.52 -3.82
C ASN B 79 1.77 16.85 -3.85
N MET B 80 1.80 17.52 -5.00
CA MET B 80 2.51 18.79 -5.17
C MET B 80 3.95 18.69 -4.69
N ASP B 81 4.67 17.73 -5.27
CA ASP B 81 6.07 17.50 -4.92
C ASP B 81 6.76 16.79 -6.08
N TYR B 82 8.09 16.80 -6.03
CA TYR B 82 8.89 16.11 -7.02
C TYR B 82 10.02 15.36 -6.32
N THR B 83 10.49 14.30 -6.96
CA THR B 83 11.56 13.47 -6.43
C THR B 83 12.84 13.72 -7.20
N LEU B 84 13.92 14.02 -6.49
CA LEU B 84 15.18 14.41 -7.10
C LEU B 84 16.30 13.53 -6.56
N THR B 85 17.14 13.02 -7.45
CA THR B 85 18.34 12.28 -7.10
C THR B 85 19.55 13.05 -7.60
N MET B 86 20.53 13.27 -6.72
CA MET B 86 21.63 14.17 -7.06
C MET B 86 22.86 13.77 -6.27
N TYR B 87 24.01 14.24 -6.76
CA TYR B 87 25.29 14.14 -6.06
C TYR B 87 25.56 15.48 -5.40
N PHE B 88 25.36 15.55 -4.09
CA PHE B 88 25.50 16.79 -3.34
C PHE B 88 26.90 16.86 -2.75
N GLN B 89 27.65 17.90 -3.10
CA GLN B 89 29.03 18.06 -2.67
C GLN B 89 29.22 19.39 -1.98
N GLN B 90 30.05 19.39 -0.93
CA GLN B 90 30.33 20.59 -0.15
C GLN B 90 31.83 20.78 -0.05
N TYR B 91 32.27 22.03 -0.17
CA TYR B 91 33.68 22.40 -0.11
C TYR B 91 33.89 23.40 1.02
N TRP B 92 34.83 23.11 1.90
CA TRP B 92 35.18 24.04 2.97
C TRP B 92 36.58 23.73 3.46
N ARG B 93 37.14 24.69 4.19
CA ARG B 93 38.49 24.58 4.73
C ARG B 93 38.43 24.41 6.24
N ASP B 94 39.14 23.41 6.75
CA ASP B 94 39.27 23.16 8.18
C ASP B 94 40.76 23.12 8.50
N LYS B 95 41.27 24.17 9.15
CA LYS B 95 42.69 24.24 9.48
C LYS B 95 43.10 23.14 10.44
N ARG B 96 42.16 22.61 11.23
CA ARG B 96 42.48 21.50 12.12
C ARG B 96 42.88 20.25 11.36
N LEU B 97 42.46 20.13 10.10
CA LEU B 97 42.75 18.96 9.29
C LEU B 97 43.91 19.18 8.32
N ALA B 98 44.59 20.32 8.41
CA ALA B 98 45.73 20.58 7.54
C ALA B 98 46.87 19.63 7.89
N TYR B 99 47.49 19.05 6.86
CA TYR B 99 48.60 18.13 7.03
C TYR B 99 49.72 18.50 6.07
N SER B 100 50.94 18.15 6.45
CA SER B 100 52.13 18.49 5.67
C SER B 100 52.95 17.23 5.41
N GLY B 101 53.75 17.29 4.35
CA GLY B 101 54.63 16.20 3.99
C GLY B 101 54.04 15.17 3.06
N ILE B 102 52.75 15.26 2.76
CA ILE B 102 52.07 14.32 1.87
C ILE B 102 51.50 15.12 0.70
N PRO B 103 52.17 15.11 -0.45
CA PRO B 103 51.68 15.85 -1.62
C PRO B 103 50.59 15.13 -2.41
N LEU B 104 49.55 14.68 -1.69
CA LEU B 104 48.46 13.95 -2.30
C LEU B 104 47.15 14.36 -1.66
N ASN B 105 46.06 14.14 -2.40
CA ASN B 105 44.71 14.32 -1.87
C ASN B 105 44.24 12.98 -1.31
N LEU B 106 44.04 12.93 0.00
CA LEU B 106 43.72 11.68 0.69
C LEU B 106 42.24 11.38 0.53
N THR B 107 41.91 10.35 -0.23
CA THR B 107 40.54 9.86 -0.34
C THR B 107 40.34 8.79 0.72
N LEU B 108 39.57 9.10 1.75
CA LEU B 108 39.39 8.23 2.90
C LEU B 108 38.08 7.47 2.79
N ASP B 109 37.95 6.46 3.65
CA ASP B 109 36.71 5.71 3.75
C ASP B 109 35.59 6.63 4.24
N ASN B 110 34.37 6.36 3.76
CA ASN B 110 33.24 7.20 4.12
C ASN B 110 32.95 7.20 5.62
N ARG B 111 33.41 6.19 6.34
CA ARG B 111 33.20 6.14 7.78
C ARG B 111 34.01 7.17 8.55
N VAL B 112 35.00 7.81 7.90
CA VAL B 112 35.77 8.85 8.58
C VAL B 112 34.96 10.12 8.73
N ALA B 113 33.87 10.27 7.97
CA ALA B 113 33.05 11.47 8.07
C ALA B 113 32.41 11.59 9.45
N ASP B 114 32.20 10.46 10.13
CA ASP B 114 31.63 10.50 11.48
C ASP B 114 32.59 11.12 12.49
N GLN B 115 33.88 11.18 12.18
CA GLN B 115 34.88 11.76 13.06
C GLN B 115 35.26 13.18 12.66
N LEU B 116 34.56 13.77 11.71
CA LEU B 116 34.87 15.11 11.24
C LEU B 116 33.65 16.02 11.37
N TRP B 117 33.92 17.32 11.43
CA TRP B 117 32.84 18.30 11.42
C TRP B 117 32.34 18.48 10.00
N VAL B 118 31.02 18.49 9.84
CA VAL B 118 30.39 18.74 8.54
C VAL B 118 29.31 19.79 8.73
N PRO B 119 29.02 20.61 7.71
CA PRO B 119 27.96 21.61 7.86
C PRO B 119 26.61 20.96 8.09
N ASP B 120 25.78 21.64 8.88
CA ASP B 120 24.44 21.14 9.17
C ASP B 120 23.48 21.51 8.04
N THR B 121 23.85 21.16 6.81
CA THR B 121 23.04 21.51 5.65
C THR B 121 21.77 20.67 5.62
N TYR B 122 20.64 21.32 5.37
CA TYR B 122 19.36 20.64 5.24
C TYR B 122 18.55 21.34 4.16
N PHE B 123 17.59 20.61 3.61
CA PHE B 123 16.71 21.13 2.58
C PHE B 123 15.40 21.56 3.22
N LEU B 124 15.09 22.86 3.13
CA LEU B 124 13.95 23.40 3.85
C LEU B 124 12.62 22.90 3.30
N ASN B 125 12.54 22.67 1.99
CA ASN B 125 11.29 22.32 1.34
C ASN B 125 11.16 20.83 1.05
N ASP B 126 12.02 20.00 1.61
CA ASP B 126 11.95 18.57 1.36
C ASP B 126 10.88 17.92 2.23
N LYS B 127 10.33 16.82 1.73
CA LYS B 127 9.32 16.05 2.46
C LYS B 127 9.83 14.71 2.95
N LYS B 128 10.72 14.07 2.20
CA LYS B 128 11.28 12.77 2.59
C LYS B 128 12.57 12.58 1.83
N SER B 129 13.68 12.42 2.55
CA SER B 129 14.98 12.29 1.93
C SER B 129 15.77 11.19 2.62
N PHE B 130 16.69 10.58 1.87
CA PHE B 130 17.55 9.54 2.41
C PHE B 130 18.84 9.50 1.60
N VAL B 131 19.87 8.91 2.21
CA VAL B 131 21.16 8.71 1.56
C VAL B 131 21.28 7.23 1.20
N HIS B 132 21.59 6.95 -0.06
CA HIS B 132 21.71 5.57 -0.50
C HIS B 132 22.82 4.87 0.25
N GLY B 133 22.56 3.62 0.64
CA GLY B 133 23.50 2.88 1.46
C GLY B 133 23.89 1.52 0.92
N VAL B 134 23.83 1.35 -0.41
CA VAL B 134 24.21 0.11 -1.06
C VAL B 134 25.29 0.42 -2.08
N THR B 135 26.41 -0.28 -2.02
CA THR B 135 26.64 -1.33 -1.03
C THR B 135 27.09 -0.76 0.31
N VAL B 136 27.51 0.49 0.29
CA VAL B 136 27.82 1.26 1.48
C VAL B 136 27.14 2.62 1.35
N LYS B 137 27.23 3.42 2.41
CA LYS B 137 26.70 4.77 2.35
C LYS B 137 27.39 5.54 1.24
N ASN B 138 26.62 6.07 0.30
CA ASN B 138 27.18 6.77 -0.85
C ASN B 138 27.71 8.11 -0.36
N ARG B 139 28.88 8.06 0.26
CA ARG B 139 29.48 9.21 0.91
C ARG B 139 30.97 9.23 0.57
N MET B 140 31.50 10.43 0.37
CA MET B 140 32.89 10.61 -0.01
C MET B 140 33.53 11.68 0.85
N ILE B 141 34.72 11.39 1.36
CA ILE B 141 35.54 12.36 2.09
C ILE B 141 36.90 12.40 1.41
N ARG B 142 37.31 13.58 0.97
CA ARG B 142 38.60 13.78 0.32
C ARG B 142 39.28 14.98 0.95
N LEU B 143 40.44 14.76 1.56
CA LEU B 143 41.18 15.81 2.24
C LEU B 143 42.25 16.39 1.32
N HIS B 144 42.68 17.59 1.66
CA HIS B 144 43.71 18.30 0.92
C HIS B 144 44.76 18.83 1.89
N PRO B 145 45.99 19.04 1.43
CA PRO B 145 47.07 19.43 2.35
C PRO B 145 46.78 20.72 3.12
N ASP B 146 46.04 21.66 2.52
CA ASP B 146 45.76 22.93 3.17
C ASP B 146 44.60 22.86 4.14
N GLY B 147 43.96 21.70 4.29
CA GLY B 147 42.80 21.56 5.14
C GLY B 147 41.47 21.61 4.41
N THR B 148 41.48 21.68 3.09
CA THR B 148 40.24 21.68 2.32
C THR B 148 39.60 20.30 2.37
N VAL B 149 38.30 20.26 2.63
CA VAL B 149 37.55 19.01 2.76
C VAL B 149 36.50 18.96 1.66
N LEU B 150 36.47 17.86 0.92
CA LEU B 150 35.45 17.60 -0.07
C LEU B 150 34.52 16.52 0.47
N TYR B 151 33.24 16.84 0.59
CA TYR B 151 32.24 15.97 1.21
C TYR B 151 31.11 15.77 0.22
N GLY B 152 30.99 14.57 -0.32
CA GLY B 152 29.99 14.26 -1.33
C GLY B 152 28.98 13.26 -0.82
N LEU B 153 27.71 13.47 -1.19
CA LEU B 153 26.63 12.58 -0.82
C LEU B 153 25.72 12.35 -2.03
N ARG B 154 25.22 11.14 -2.18
CA ARG B 154 24.21 10.82 -3.18
C ARG B 154 22.87 10.76 -2.46
N ILE B 155 22.00 11.72 -2.74
CA ILE B 155 20.77 11.94 -1.98
C ILE B 155 19.58 11.85 -2.91
N THR B 156 18.56 11.10 -2.49
CA THR B 156 17.26 11.11 -3.13
C THR B 156 16.30 11.86 -2.23
N THR B 157 15.72 12.94 -2.73
CA THR B 157 14.89 13.83 -1.94
C THR B 157 13.56 14.07 -2.62
N THR B 158 12.50 14.13 -1.83
CA THR B 158 11.17 14.52 -2.28
C THR B 158 10.89 15.92 -1.74
N ALA B 159 10.85 16.91 -2.62
CA ALA B 159 10.70 18.30 -2.23
C ALA B 159 9.35 18.84 -2.67
N ALA B 160 8.70 19.59 -1.79
CA ALA B 160 7.42 20.17 -2.10
C ALA B 160 7.54 21.23 -3.19
N CYS B 161 6.51 21.34 -4.02
CA CYS B 161 6.48 22.33 -5.09
C CYS B 161 5.02 22.72 -5.32
N MET B 162 4.61 23.86 -4.75
CA MET B 162 3.26 24.36 -4.98
C MET B 162 3.08 24.68 -6.45
N MET B 163 1.96 24.24 -7.02
CA MET B 163 1.69 24.35 -8.44
C MET B 163 0.44 25.18 -8.68
N ASP B 164 0.53 26.14 -9.60
CA ASP B 164 -0.61 26.92 -10.03
C ASP B 164 -1.25 26.22 -11.21
N LEU B 165 -2.39 25.56 -10.98
CA LEU B 165 -3.06 24.76 -12.00
C LEU B 165 -4.20 25.50 -12.67
N ARG B 166 -4.23 26.83 -12.59
CA ARG B 166 -5.27 27.59 -13.26
C ARG B 166 -5.21 27.39 -14.77
N ARG B 167 -4.00 27.33 -15.33
CA ARG B 167 -3.81 27.15 -16.76
C ARG B 167 -3.54 25.69 -17.12
N TYR B 168 -3.74 24.76 -16.19
CA TYR B 168 -3.51 23.36 -16.46
C TYR B 168 -4.44 22.89 -17.59
N PRO B 169 -3.97 22.04 -18.51
CA PRO B 169 -2.61 21.48 -18.57
C PRO B 169 -1.62 22.28 -19.42
N LEU B 170 -1.91 23.56 -19.64
CA LEU B 170 -1.01 24.45 -20.37
C LEU B 170 -0.24 25.35 -19.42
N ASP B 171 0.13 24.82 -18.26
CA ASP B 171 0.75 25.59 -17.19
C ASP B 171 2.27 25.43 -17.21
N GLU B 172 2.93 26.39 -16.57
CA GLU B 172 4.37 26.38 -16.37
C GLU B 172 4.65 26.46 -14.88
N GLN B 173 5.51 25.57 -14.39
CA GLN B 173 5.75 25.44 -12.95
C GLN B 173 7.18 25.81 -12.62
N ASN B 174 7.36 26.39 -11.44
CA ASN B 174 8.66 26.79 -10.91
C ASN B 174 8.88 26.00 -9.62
N CYS B 175 9.57 24.87 -9.71
CA CYS B 175 9.88 24.04 -8.56
C CYS B 175 11.28 24.33 -8.07
N THR B 176 11.41 24.63 -6.78
CA THR B 176 12.68 25.05 -6.19
C THR B 176 13.20 24.00 -5.23
N LEU B 177 14.49 24.12 -4.91
CA LEU B 177 15.14 23.31 -3.89
C LEU B 177 15.91 24.25 -2.98
N GLU B 178 15.42 24.42 -1.75
CA GLU B 178 15.98 25.38 -0.82
C GLU B 178 17.04 24.71 0.04
N ILE B 179 18.25 25.26 0.02
CA ILE B 179 19.38 24.75 0.78
C ILE B 179 19.75 25.76 1.83
N GLU B 180 19.82 25.32 3.09
CA GLU B 180 20.01 26.24 4.21
C GLU B 180 20.72 25.52 5.34
N SER B 181 21.48 26.29 6.12
CA SER B 181 22.07 25.78 7.34
C SER B 181 21.04 25.78 8.46
N TYR B 182 21.01 24.69 9.24
CA TYR B 182 19.96 24.56 10.23
C TYR B 182 20.24 25.38 11.48
N GLY B 183 21.43 25.23 12.06
CA GLY B 183 21.71 25.85 13.33
C GLY B 183 22.65 27.03 13.28
N TYR B 184 23.57 27.03 12.32
CA TYR B 184 24.58 28.07 12.22
C TYR B 184 24.04 29.25 11.43
N THR B 185 24.13 30.44 12.02
CA THR B 185 23.70 31.66 11.36
C THR B 185 24.78 32.15 10.40
N THR B 186 24.52 33.29 9.75
CA THR B 186 25.50 33.87 8.84
C THR B 186 26.76 34.31 9.56
N ASP B 187 26.70 34.54 10.87
CA ASP B 187 27.90 34.87 11.63
C ASP B 187 28.84 33.69 11.75
N ASP B 188 28.33 32.46 11.65
CA ASP B 188 29.15 31.27 11.83
C ASP B 188 29.44 30.53 10.53
N ILE B 189 28.56 30.61 9.53
CA ILE B 189 28.74 29.87 8.29
C ILE B 189 28.18 30.69 7.14
N GLU B 190 28.73 30.46 5.95
CA GLU B 190 28.27 31.13 4.74
C GLU B 190 28.29 30.14 3.58
N PHE B 191 27.27 30.23 2.74
CA PHE B 191 27.13 29.35 1.58
C PHE B 191 27.32 30.14 0.29
N TYR B 192 27.90 29.47 -0.71
CA TYR B 192 28.02 30.05 -2.03
C TYR B 192 28.03 28.94 -3.06
N TRP B 193 27.63 29.26 -4.28
CA TRP B 193 27.66 28.30 -5.38
C TRP B 193 29.08 28.23 -5.92
N ARG B 194 29.72 27.07 -5.75
CA ARG B 194 31.08 26.89 -6.23
C ARG B 194 31.06 26.71 -7.74
N GLY B 195 31.63 27.68 -8.46
CA GLY B 195 31.58 27.69 -9.90
C GLY B 195 30.55 28.63 -10.50
N GLY B 196 29.87 29.42 -9.67
CA GLY B 196 28.88 30.35 -10.21
C GLY B 196 27.71 29.62 -10.84
N ASP B 197 27.38 30.01 -12.07
CA ASP B 197 26.26 29.41 -12.77
C ASP B 197 26.51 27.99 -13.22
N LYS B 198 27.75 27.51 -13.13
CA LYS B 198 28.10 26.14 -13.50
C LYS B 198 28.09 25.20 -12.30
N ALA B 199 27.65 25.67 -11.14
CA ALA B 199 27.69 24.85 -9.93
C ALA B 199 26.76 23.64 -10.05
N VAL B 200 25.72 23.72 -10.87
CA VAL B 200 24.75 22.65 -11.03
C VAL B 200 24.88 22.12 -12.46
N THR B 201 25.13 20.82 -12.59
CA THR B 201 25.28 20.16 -13.87
C THR B 201 24.29 19.01 -13.98
N GLY B 202 24.20 18.45 -15.18
CA GLY B 202 23.34 17.32 -15.43
C GLY B 202 21.88 17.65 -15.67
N VAL B 203 21.54 18.93 -15.82
CA VAL B 203 20.16 19.31 -16.06
C VAL B 203 19.68 18.76 -17.39
N GLU B 204 20.56 18.75 -18.39
CA GLU B 204 20.19 18.25 -19.71
C GLU B 204 19.88 16.75 -19.70
N ARG B 205 20.41 16.01 -18.71
CA ARG B 205 20.15 14.58 -18.63
C ARG B 205 18.73 14.27 -18.15
N ILE B 206 18.06 15.25 -17.53
CA ILE B 206 16.72 15.01 -16.99
C ILE B 206 15.76 14.75 -18.13
N GLU B 207 15.03 13.64 -18.05
CA GLU B 207 14.06 13.24 -19.07
C GLU B 207 12.73 12.93 -18.38
N LEU B 208 11.92 13.97 -18.19
CA LEU B 208 10.58 13.79 -17.65
C LEU B 208 9.60 13.52 -18.77
N PRO B 209 8.85 12.42 -18.72
CA PRO B 209 7.88 12.15 -19.80
C PRO B 209 6.82 13.22 -19.95
N GLN B 210 6.41 13.86 -18.85
CA GLN B 210 5.32 14.82 -18.88
C GLN B 210 5.79 16.26 -18.93
N PHE B 211 7.05 16.55 -18.61
CA PHE B 211 7.54 17.91 -18.51
C PHE B 211 8.84 18.06 -19.30
N SER B 212 9.15 19.31 -19.64
CA SER B 212 10.41 19.68 -20.26
C SER B 212 11.05 20.79 -19.43
N ILE B 213 12.36 20.66 -19.22
CA ILE B 213 13.10 21.61 -18.39
C ILE B 213 13.39 22.85 -19.24
N VAL B 214 12.61 23.91 -19.04
CA VAL B 214 12.83 25.13 -19.81
C VAL B 214 14.10 25.82 -19.36
N GLU B 215 14.29 25.97 -18.05
CA GLU B 215 15.42 26.72 -17.52
C GLU B 215 15.65 26.34 -16.07
N HIS B 216 16.88 26.56 -15.60
CA HIS B 216 17.22 26.42 -14.20
C HIS B 216 18.01 27.64 -13.76
N ARG B 217 17.84 28.03 -12.50
CA ARG B 217 18.47 29.22 -11.96
C ARG B 217 19.10 28.90 -10.61
N LEU B 218 20.15 29.66 -10.29
CA LEU B 218 20.85 29.55 -9.02
C LEU B 218 20.73 30.87 -8.28
N VAL B 219 20.27 30.82 -7.03
CA VAL B 219 20.01 32.01 -6.24
C VAL B 219 20.71 31.86 -4.89
N SER B 220 21.41 32.90 -4.47
CA SER B 220 22.04 32.97 -3.15
C SER B 220 21.48 34.18 -2.41
N ARG B 221 21.06 33.96 -1.17
CA ARG B 221 20.48 35.04 -0.37
C ARG B 221 20.53 34.66 1.09
N ASN B 222 20.15 35.60 1.94
CA ASN B 222 20.10 35.41 3.38
C ASN B 222 18.67 35.50 3.86
N VAL B 223 18.24 34.51 4.65
CA VAL B 223 16.89 34.43 5.17
C VAL B 223 16.94 34.71 6.67
N VAL B 224 16.08 35.60 7.14
CA VAL B 224 16.06 36.03 8.54
C VAL B 224 14.90 35.34 9.24
N PHE B 225 15.20 34.72 10.37
CA PHE B 225 14.20 34.09 11.24
C PHE B 225 14.25 34.75 12.62
N ALA B 226 13.43 34.22 13.53
CA ALA B 226 13.44 34.71 14.90
C ALA B 226 14.77 34.41 15.60
N THR B 227 15.39 33.28 15.25
CA THR B 227 16.66 32.89 15.87
C THR B 227 17.86 33.56 15.22
N GLY B 228 17.68 34.28 14.13
CA GLY B 228 18.75 34.98 13.46
C GLY B 228 18.63 34.86 11.96
N ALA B 229 19.68 35.32 11.27
CA ALA B 229 19.74 35.28 9.81
C ALA B 229 20.56 34.09 9.37
N TYR B 230 20.04 33.34 8.40
CA TYR B 230 20.71 32.13 7.94
C TYR B 230 21.02 32.21 6.45
N PRO B 231 22.14 31.65 6.01
CA PRO B 231 22.43 31.62 4.58
C PRO B 231 21.47 30.70 3.84
N ARG B 232 21.22 31.02 2.57
CA ARG B 232 20.27 30.26 1.77
C ARG B 232 20.80 30.13 0.35
N LEU B 233 20.72 28.92 -0.18
CA LEU B 233 20.99 28.65 -1.59
C LEU B 233 19.74 28.02 -2.20
N SER B 234 19.33 28.52 -3.36
CA SER B 234 18.11 28.06 -4.00
C SER B 234 18.40 27.59 -5.41
N LEU B 235 17.93 26.39 -5.73
CA LEU B 235 17.99 25.82 -7.07
C LEU B 235 16.56 25.62 -7.55
N SER B 236 16.22 26.26 -8.67
CA SER B 236 14.85 26.25 -9.17
C SER B 236 14.83 25.79 -10.62
N PHE B 237 13.81 25.00 -10.97
CA PHE B 237 13.59 24.54 -12.32
C PHE B 237 12.25 25.05 -12.82
N ARG B 238 12.23 25.55 -14.05
CA ARG B 238 10.99 25.95 -14.70
C ARG B 238 10.53 24.81 -15.60
N LEU B 239 9.39 24.22 -15.27
CA LEU B 239 8.86 23.04 -15.96
C LEU B 239 7.68 23.45 -16.81
N LYS B 240 7.66 23.00 -18.06
CA LYS B 240 6.54 23.22 -18.97
C LYS B 240 5.90 21.87 -19.28
N ARG B 241 4.61 21.75 -19.00
CA ARG B 241 3.90 20.50 -19.23
C ARG B 241 3.73 20.25 -20.72
N ASN B 242 3.91 19.00 -21.13
CA ASN B 242 3.74 18.61 -22.53
C ASN B 242 2.25 18.45 -22.82
N ILE B 243 1.75 19.20 -23.81
CA ILE B 243 0.33 19.22 -24.11
C ILE B 243 -0.10 18.06 -25.01
N GLY B 244 0.85 17.35 -25.63
CA GLY B 244 0.49 16.37 -26.63
C GLY B 244 -0.38 15.25 -26.10
N TYR B 245 -0.07 14.76 -24.90
CA TYR B 245 -0.84 13.66 -24.33
C TYR B 245 -2.28 14.05 -24.08
N PHE B 246 -2.50 15.25 -23.53
CA PHE B 246 -3.86 15.66 -23.17
C PHE B 246 -4.69 16.01 -24.38
N ILE B 247 -4.06 16.49 -25.46
CA ILE B 247 -4.80 16.81 -26.68
C ILE B 247 -5.44 15.56 -27.25
N LEU B 248 -4.67 14.48 -27.33
CA LEU B 248 -5.18 13.24 -27.91
C LEU B 248 -6.14 12.54 -26.96
N GLN B 249 -5.81 12.51 -25.67
CA GLN B 249 -6.59 11.72 -24.72
C GLN B 249 -7.91 12.39 -24.36
N THR B 250 -7.92 13.71 -24.24
CA THR B 250 -9.07 14.43 -23.69
C THR B 250 -9.78 15.32 -24.71
N TYR B 251 -9.04 16.23 -25.36
CA TYR B 251 -9.69 17.21 -26.22
C TYR B 251 -10.31 16.56 -27.44
N MET B 252 -9.59 15.65 -28.09
CA MET B 252 -10.12 15.02 -29.30
C MET B 252 -11.40 14.23 -29.05
N PRO B 253 -11.50 13.38 -28.02
CA PRO B 253 -12.80 12.72 -27.77
C PRO B 253 -13.92 13.71 -27.51
N SER B 254 -13.64 14.79 -26.78
CA SER B 254 -14.69 15.76 -26.48
C SER B 254 -15.15 16.50 -27.74
N ILE B 255 -14.21 16.86 -28.61
CA ILE B 255 -14.56 17.57 -29.84
C ILE B 255 -15.41 16.66 -30.73
N LEU B 256 -14.99 15.41 -30.88
CA LEU B 256 -15.70 14.49 -31.77
C LEU B 256 -17.12 14.23 -31.27
N ILE B 257 -17.29 14.08 -29.95
CA ILE B 257 -18.63 13.88 -29.41
C ILE B 257 -19.49 15.11 -29.65
N THR B 258 -18.94 16.31 -29.43
CA THR B 258 -19.69 17.52 -29.67
C THR B 258 -20.10 17.64 -31.13
N ILE B 259 -19.17 17.34 -32.05
CA ILE B 259 -19.52 17.29 -33.46
C ILE B 259 -20.56 16.21 -33.70
N LEU B 260 -20.42 15.08 -33.02
CA LEU B 260 -21.37 13.98 -33.18
C LEU B 260 -22.77 14.39 -32.74
N SER B 261 -22.88 15.28 -31.76
CA SER B 261 -24.18 15.76 -31.32
C SER B 261 -24.86 16.59 -32.41
N TRP B 262 -24.07 17.30 -33.23
CA TRP B 262 -24.63 18.10 -34.31
C TRP B 262 -25.24 17.24 -35.41
N VAL B 263 -24.91 15.96 -35.44
CA VAL B 263 -25.50 15.05 -36.43
C VAL B 263 -27.01 15.00 -36.27
N SER B 264 -27.51 15.23 -35.06
CA SER B 264 -28.95 15.21 -34.82
C SER B 264 -29.67 16.26 -35.65
N PHE B 265 -29.01 17.37 -35.96
CA PHE B 265 -29.65 18.41 -36.76
C PHE B 265 -29.95 17.92 -38.17
N TRP B 266 -29.03 17.14 -38.76
CA TRP B 266 -29.28 16.57 -40.07
C TRP B 266 -30.46 15.60 -40.04
N ILE B 267 -30.60 14.86 -38.95
CA ILE B 267 -31.65 13.85 -38.86
C ILE B 267 -33.02 14.50 -38.94
N ASN B 268 -33.95 13.82 -39.60
CA ASN B 268 -35.31 14.34 -39.77
C ASN B 268 -36.02 14.44 -38.43
N TYR B 269 -36.95 15.39 -38.34
CA TYR B 269 -37.60 15.68 -37.07
C TYR B 269 -38.53 14.55 -36.62
N ASP B 270 -39.07 13.78 -37.55
CA ASP B 270 -39.99 12.72 -37.15
C ASP B 270 -39.28 11.54 -36.50
N ALA B 271 -37.97 11.43 -36.65
CA ALA B 271 -37.19 10.36 -36.04
C ALA B 271 -36.96 10.70 -34.56
N SER B 272 -38.06 10.69 -33.81
CA SER B 272 -37.98 11.04 -32.40
C SER B 272 -37.11 10.04 -31.63
N ALA B 273 -37.27 8.75 -31.91
CA ALA B 273 -36.45 7.75 -31.23
C ALA B 273 -34.98 7.93 -31.57
N ALA B 274 -34.67 8.22 -32.84
CA ALA B 274 -33.27 8.36 -33.25
C ALA B 274 -32.64 9.60 -32.63
N ARG B 275 -33.31 10.75 -32.73
CA ARG B 275 -32.71 12.00 -32.28
C ARG B 275 -32.61 12.05 -30.76
N VAL B 276 -33.62 11.56 -30.05
CA VAL B 276 -33.56 11.53 -28.59
C VAL B 276 -32.45 10.61 -28.12
N ALA B 277 -32.35 9.42 -28.73
CA ALA B 277 -31.27 8.51 -28.36
C ALA B 277 -29.92 9.11 -28.67
N LEU B 278 -29.81 9.87 -29.76
CA LEU B 278 -28.55 10.51 -30.09
C LEU B 278 -28.14 11.52 -29.03
N GLY B 279 -29.09 12.32 -28.55
CA GLY B 279 -28.76 13.37 -27.59
C GLY B 279 -28.25 12.83 -26.27
N ILE B 280 -28.95 11.84 -25.71
CA ILE B 280 -28.58 11.35 -24.38
C ILE B 280 -27.29 10.55 -24.42
N THR B 281 -27.13 9.70 -25.44
CA THR B 281 -25.93 8.88 -25.52
C THR B 281 -24.68 9.74 -25.67
N THR B 282 -24.79 10.86 -26.39
CA THR B 282 -23.70 11.83 -26.40
C THR B 282 -23.50 12.43 -25.02
N VAL B 283 -24.60 12.73 -24.31
CA VAL B 283 -24.49 13.21 -22.94
C VAL B 283 -23.87 12.13 -22.06
N LEU B 284 -24.29 10.88 -22.24
CA LEU B 284 -23.69 9.77 -21.50
C LEU B 284 -22.21 9.64 -21.80
N THR B 285 -21.83 9.79 -23.08
CA THR B 285 -20.43 9.72 -23.45
C THR B 285 -19.62 10.80 -22.76
N MET B 286 -20.16 12.01 -22.69
CA MET B 286 -19.45 13.11 -22.04
C MET B 286 -19.28 12.83 -20.55
N THR B 287 -20.28 12.25 -19.90
CA THR B 287 -20.17 11.94 -18.48
C THR B 287 -19.06 10.94 -18.21
N THR B 288 -18.98 9.89 -19.02
CA THR B 288 -17.93 8.89 -18.83
C THR B 288 -16.55 9.50 -19.02
N ILE B 289 -16.40 10.35 -20.04
CA ILE B 289 -15.14 11.05 -20.24
C ILE B 289 -14.88 12.00 -19.08
N ASN B 290 -15.88 12.76 -18.66
CA ASN B 290 -15.68 13.77 -17.62
C ASN B 290 -15.29 13.14 -16.30
N THR B 291 -15.96 12.04 -15.92
CA THR B 291 -15.67 11.41 -14.63
C THR B 291 -14.25 10.88 -14.59
N HIS B 292 -13.82 10.19 -15.65
CA HIS B 292 -12.50 9.58 -15.66
C HIS B 292 -11.39 10.62 -15.62
N LEU B 293 -11.55 11.72 -16.36
CA LEU B 293 -10.48 12.70 -16.48
C LEU B 293 -10.15 13.37 -15.16
N ARG B 294 -11.19 13.73 -14.39
CA ARG B 294 -10.99 14.50 -13.17
C ARG B 294 -10.42 13.66 -12.03
N GLU B 295 -10.33 12.34 -12.18
CA GLU B 295 -9.76 11.49 -11.15
C GLU B 295 -8.25 11.61 -11.03
N THR B 296 -7.59 12.21 -12.02
CA THR B 296 -6.14 12.25 -12.08
C THR B 296 -5.53 13.49 -11.45
N LEU B 297 -6.35 14.32 -10.82
CA LEU B 297 -5.93 15.63 -10.34
C LEU B 297 -6.43 15.87 -8.92
N PRO B 298 -5.77 16.76 -8.17
CA PRO B 298 -6.24 17.09 -6.83
C PRO B 298 -7.50 17.95 -6.87
N LYS B 299 -8.13 18.06 -5.71
CA LYS B 299 -9.39 18.80 -5.57
C LYS B 299 -9.12 20.29 -5.41
N ILE B 300 -8.72 20.92 -6.51
CA ILE B 300 -8.53 22.37 -6.51
C ILE B 300 -9.87 23.03 -6.79
N PRO B 301 -10.21 24.10 -6.06
CA PRO B 301 -11.54 24.72 -6.24
C PRO B 301 -11.65 25.63 -7.45
N TYR B 302 -10.54 26.05 -8.04
CA TYR B 302 -10.58 26.96 -9.17
C TYR B 302 -10.74 26.21 -10.49
N VAL B 303 -11.15 26.95 -11.51
CA VAL B 303 -11.47 26.35 -12.81
C VAL B 303 -10.19 26.22 -13.62
N LYS B 304 -9.85 24.98 -13.98
CA LYS B 304 -8.74 24.74 -14.88
C LYS B 304 -9.17 24.94 -16.33
N ALA B 305 -8.19 24.96 -17.23
CA ALA B 305 -8.50 25.00 -18.65
C ALA B 305 -9.24 23.74 -19.07
N ILE B 306 -8.81 22.58 -18.56
CA ILE B 306 -9.49 21.34 -18.88
C ILE B 306 -10.89 21.31 -18.27
N ASP B 307 -11.05 21.88 -17.08
CA ASP B 307 -12.36 21.92 -16.44
C ASP B 307 -13.35 22.72 -17.25
N MET B 308 -12.93 23.88 -17.75
CA MET B 308 -13.83 24.71 -18.55
C MET B 308 -14.21 24.00 -19.84
N TYR B 309 -13.27 23.26 -20.44
CA TYR B 309 -13.55 22.60 -21.71
C TYR B 309 -14.55 21.46 -21.54
N LEU B 310 -14.34 20.63 -20.51
CA LEU B 310 -15.25 19.50 -20.30
C LEU B 310 -16.66 19.97 -20.00
N MET B 311 -16.79 20.95 -19.11
CA MET B 311 -18.13 21.48 -18.80
C MET B 311 -18.72 22.20 -20.01
N GLY B 312 -17.90 22.93 -20.75
CA GLY B 312 -18.40 23.59 -21.95
C GLY B 312 -18.95 22.60 -22.96
N CYS B 313 -18.22 21.50 -23.20
CA CYS B 313 -18.72 20.47 -24.10
C CYS B 313 -19.99 19.82 -23.55
N PHE B 314 -20.04 19.59 -22.23
CA PHE B 314 -21.23 18.99 -21.63
C PHE B 314 -22.44 19.90 -21.77
N VAL B 315 -22.24 21.22 -21.78
CA VAL B 315 -23.35 22.14 -21.99
C VAL B 315 -23.84 22.05 -23.43
N PHE B 316 -22.91 21.97 -24.40
CA PHE B 316 -23.29 21.96 -25.81
C PHE B 316 -24.15 20.74 -26.14
N VAL B 317 -23.75 19.56 -25.66
CA VAL B 317 -24.57 18.37 -25.88
C VAL B 317 -25.88 18.48 -25.13
N PHE B 318 -25.86 19.09 -23.94
CA PHE B 318 -27.11 19.33 -23.20
C PHE B 318 -28.03 20.25 -23.97
N LEU B 319 -27.50 21.32 -24.54
CA LEU B 319 -28.32 22.24 -25.32
C LEU B 319 -28.80 21.60 -26.62
N ALA B 320 -28.00 20.72 -27.22
CA ALA B 320 -28.42 20.06 -28.44
C ALA B 320 -29.66 19.21 -28.22
N LEU B 321 -29.71 18.48 -27.10
CA LEU B 321 -30.89 17.70 -26.78
C LEU B 321 -32.08 18.61 -26.48
N LEU B 322 -31.83 19.74 -25.78
CA LEU B 322 -32.89 20.72 -25.56
C LEU B 322 -33.40 21.28 -26.88
N GLU B 323 -32.51 21.42 -27.86
CA GLU B 323 -32.92 21.97 -29.15
C GLU B 323 -33.97 21.10 -29.81
N TYR B 324 -33.86 19.78 -29.69
CA TYR B 324 -34.88 18.92 -30.26
C TYR B 324 -36.18 18.96 -29.46
N ALA B 325 -36.09 19.19 -28.15
CA ALA B 325 -37.30 19.28 -27.33
C ALA B 325 -38.19 20.42 -27.81
N PHE B 326 -37.61 21.61 -27.99
CA PHE B 326 -38.37 22.73 -28.51
C PHE B 326 -38.91 22.42 -29.90
N VAL B 327 -38.09 21.76 -30.74
CA VAL B 327 -38.56 21.36 -32.06
C VAL B 327 -39.79 20.47 -31.94
N ASN B 328 -39.69 19.40 -31.15
CA ASN B 328 -40.80 18.45 -31.05
C ASN B 328 -42.06 19.12 -30.54
N TYR B 329 -41.93 19.98 -29.53
CA TYR B 329 -43.10 20.63 -28.94
C TYR B 329 -43.78 21.55 -29.95
N ILE B 330 -43.01 22.36 -30.67
CA ILE B 330 -43.58 23.32 -31.60
C ILE B 330 -44.27 22.60 -32.76
N PHE B 331 -43.66 21.55 -33.28
CA PHE B 331 -44.22 20.87 -34.44
C PHE B 331 -45.44 20.03 -34.08
N PHE B 332 -45.55 19.61 -32.83
CA PHE B 332 -46.69 18.79 -32.40
C PHE B 332 -47.70 19.60 -31.59
N ALA B 447 -37.16 25.27 -39.01
CA ALA B 447 -36.70 26.64 -38.79
C ALA B 447 -35.71 26.70 -37.63
N ILE B 448 -36.14 26.21 -36.47
CA ILE B 448 -35.24 26.11 -35.32
C ILE B 448 -34.07 25.21 -35.66
N ASP B 449 -34.33 24.13 -36.40
CA ASP B 449 -33.26 23.22 -36.80
C ASP B 449 -32.22 23.93 -37.65
N ARG B 450 -32.67 24.72 -38.63
CA ARG B 450 -31.73 25.43 -39.50
C ARG B 450 -30.93 26.46 -38.71
N TRP B 451 -31.57 27.17 -37.79
CA TRP B 451 -30.87 28.13 -36.95
C TRP B 451 -29.80 27.42 -36.12
N SER B 452 -30.14 26.28 -35.55
CA SER B 452 -29.18 25.52 -34.74
C SER B 452 -28.02 25.01 -35.58
N ARG B 453 -28.31 24.56 -36.81
CA ARG B 453 -27.27 24.06 -37.69
C ARG B 453 -26.24 25.16 -38.00
N ILE B 454 -26.69 26.41 -38.04
CA ILE B 454 -25.77 27.52 -38.29
C ILE B 454 -25.05 27.91 -37.00
N VAL B 455 -25.75 27.88 -35.87
CA VAL B 455 -25.24 28.48 -34.65
C VAL B 455 -24.32 27.54 -33.89
N PHE B 456 -24.77 26.30 -33.64
CA PHE B 456 -24.01 25.39 -32.80
C PHE B 456 -22.58 25.17 -33.26
N PRO B 457 -22.29 24.89 -34.54
CA PRO B 457 -20.88 24.86 -34.96
C PRO B 457 -20.18 26.19 -34.78
N PHE B 458 -20.89 27.30 -34.99
CA PHE B 458 -20.27 28.62 -34.83
C PHE B 458 -19.95 28.91 -33.37
N THR B 459 -20.90 28.63 -32.47
CA THR B 459 -20.67 28.91 -31.06
C THR B 459 -19.54 28.04 -30.50
N PHE B 460 -19.51 26.77 -30.88
CA PHE B 460 -18.43 25.90 -30.42
C PHE B 460 -17.09 26.34 -30.98
N SER B 461 -17.06 26.78 -32.23
CA SER B 461 -15.83 27.35 -32.79
C SER B 461 -15.44 28.61 -32.04
N LEU B 462 -16.42 29.46 -31.71
CA LEU B 462 -16.14 30.64 -30.91
C LEU B 462 -15.63 30.25 -29.52
N PHE B 463 -16.23 29.22 -28.92
CA PHE B 463 -15.78 28.75 -27.62
C PHE B 463 -14.33 28.25 -27.68
N ASN B 464 -13.99 27.49 -28.73
CA ASN B 464 -12.61 27.03 -28.88
C ASN B 464 -11.67 28.18 -29.14
N LEU B 465 -12.07 29.13 -29.99
CA LEU B 465 -11.19 30.24 -30.33
C LEU B 465 -10.86 31.09 -29.10
N VAL B 466 -11.87 31.39 -28.29
CA VAL B 466 -11.63 32.12 -27.05
C VAL B 466 -10.78 31.29 -26.09
N TYR B 467 -11.06 29.99 -26.01
CA TYR B 467 -10.37 29.13 -25.07
C TYR B 467 -8.88 29.04 -25.39
N TRP B 468 -8.54 28.76 -26.65
CA TRP B 468 -7.13 28.56 -26.99
C TRP B 468 -6.35 29.87 -26.95
N LEU B 469 -6.96 30.97 -27.37
CA LEU B 469 -6.29 32.27 -27.29
C LEU B 469 -6.04 32.66 -25.83
N TYR B 470 -6.97 32.32 -24.94
CA TYR B 470 -6.82 32.69 -23.53
C TYR B 470 -5.66 31.94 -22.87
N TYR B 471 -5.42 30.69 -23.27
CA TYR B 471 -4.41 29.87 -22.62
C TYR B 471 -3.12 29.70 -23.41
N VAL B 472 -3.11 30.06 -24.69
CA VAL B 472 -1.88 29.97 -25.48
C VAL B 472 -1.38 31.36 -25.82
N VAL C 58 43.93 -20.32 16.12
CA VAL C 58 43.22 -19.61 15.04
C VAL C 58 42.82 -18.22 15.52
N THR C 59 42.43 -18.13 16.80
CA THR C 59 42.07 -16.83 17.35
C THR C 59 43.25 -15.88 17.35
N VAL C 60 44.47 -16.39 17.55
CA VAL C 60 45.66 -15.56 17.49
C VAL C 60 45.83 -14.96 16.11
N ILE C 61 45.51 -15.73 15.08
CA ILE C 61 45.67 -15.26 13.70
C ILE C 61 44.76 -14.07 13.45
N LEU C 62 43.49 -14.17 13.87
CA LEU C 62 42.53 -13.09 13.64
C LEU C 62 42.94 -11.82 14.37
N ASN C 63 43.38 -11.95 15.62
CA ASN C 63 43.77 -10.77 16.39
C ASN C 63 44.96 -10.06 15.76
N ASN C 64 45.94 -10.82 15.27
CA ASN C 64 47.12 -10.21 14.66
C ASN C 64 46.76 -9.47 13.38
N LEU C 65 45.83 -10.02 12.60
CA LEU C 65 45.46 -9.37 11.34
C LEU C 65 44.84 -8.00 11.58
N LEU C 66 43.95 -7.89 12.56
CA LEU C 66 43.29 -6.62 12.84
C LEU C 66 44.18 -5.67 13.64
N GLU C 67 45.24 -6.17 14.25
CA GLU C 67 46.11 -5.32 15.07
C GLU C 67 47.05 -4.54 14.18
N GLY C 68 47.05 -3.22 14.33
CA GLY C 68 47.84 -2.37 13.45
C GLY C 68 47.25 -2.20 12.07
N TYR C 69 45.96 -2.48 11.89
CA TYR C 69 45.30 -2.37 10.60
C TYR C 69 44.47 -1.10 10.58
N ASP C 70 44.62 -0.32 9.51
CA ASP C 70 43.91 0.95 9.34
C ASP C 70 42.89 0.76 8.22
N ASN C 71 41.62 0.61 8.60
CA ASN C 71 40.57 0.41 7.60
C ASN C 71 40.28 1.68 6.81
N LYS C 72 40.74 2.83 7.27
CA LYS C 72 40.52 4.08 6.56
C LYS C 72 41.36 4.20 5.30
N LEU C 73 42.35 3.33 5.11
CA LEU C 73 43.25 3.39 3.96
C LEU C 73 43.07 2.15 3.11
N ARG C 74 42.88 2.35 1.81
CA ARG C 74 42.76 1.24 0.88
C ARG C 74 44.11 0.54 0.74
N PRO C 75 44.11 -0.74 0.35
CA PRO C 75 45.37 -1.41 0.07
C PRO C 75 46.13 -0.70 -1.05
N ASP C 76 47.44 -0.58 -0.87
CA ASP C 76 48.30 0.15 -1.79
C ASP C 76 47.76 1.56 -2.04
N ILE C 77 47.73 2.35 -0.95
CA ILE C 77 47.12 3.68 -1.01
C ILE C 77 47.86 4.57 -2.00
N GLY C 78 49.18 4.45 -2.06
CA GLY C 78 49.96 5.23 -3.00
C GLY C 78 50.82 4.37 -3.90
N VAL C 79 50.92 3.08 -3.58
CA VAL C 79 51.79 2.19 -4.34
C VAL C 79 51.25 1.98 -5.75
N LYS C 80 49.96 1.66 -5.86
CA LYS C 80 49.35 1.32 -7.14
C LYS C 80 47.84 1.35 -6.98
N PRO C 81 47.10 1.55 -8.07
CA PRO C 81 45.64 1.45 -7.99
C PRO C 81 45.21 0.05 -7.56
N THR C 82 44.15 -0.01 -6.76
CA THR C 82 43.63 -1.28 -6.29
C THR C 82 42.78 -1.93 -7.38
N LEU C 83 43.09 -3.18 -7.69
CA LEU C 83 42.39 -3.93 -8.72
C LEU C 83 41.33 -4.82 -8.07
N ILE C 84 40.08 -4.66 -8.47
CA ILE C 84 38.96 -5.38 -7.88
C ILE C 84 38.27 -6.18 -8.98
N HIS C 85 38.12 -7.47 -8.75
CA HIS C 85 37.41 -8.36 -9.66
C HIS C 85 36.00 -8.58 -9.13
N THR C 86 35.00 -8.27 -9.95
CA THR C 86 33.60 -8.35 -9.55
C THR C 86 32.90 -9.47 -10.31
N ASP C 87 32.06 -10.21 -9.59
CA ASP C 87 31.25 -11.26 -10.17
C ASP C 87 29.81 -11.07 -9.71
N MET C 88 28.87 -11.34 -10.60
CA MET C 88 27.45 -11.13 -10.32
C MET C 88 26.66 -12.36 -10.72
N TYR C 89 25.81 -12.84 -9.82
CA TYR C 89 24.89 -13.94 -10.09
C TYR C 89 23.47 -13.41 -9.97
N VAL C 90 22.80 -13.25 -11.11
CA VAL C 90 21.44 -12.71 -11.12
C VAL C 90 20.48 -13.78 -10.61
N ASN C 91 20.08 -13.67 -9.34
CA ASN C 91 19.14 -14.63 -8.79
C ASN C 91 17.80 -14.57 -9.51
N SER C 92 17.30 -13.36 -9.76
CA SER C 92 16.04 -13.18 -10.46
C SER C 92 15.91 -11.70 -10.83
N ILE C 93 15.18 -11.45 -11.92
CA ILE C 93 14.84 -10.10 -12.33
C ILE C 93 13.37 -9.86 -12.00
N GLY C 94 13.11 -8.85 -11.18
CA GLY C 94 11.77 -8.58 -10.72
C GLY C 94 10.92 -7.93 -11.79
N PRO C 95 9.70 -7.55 -11.42
CA PRO C 95 8.80 -6.90 -12.39
C PRO C 95 9.37 -5.58 -12.87
N VAL C 96 9.09 -5.27 -14.13
CA VAL C 96 9.53 -4.02 -14.74
C VAL C 96 8.39 -3.01 -14.59
N ASN C 97 8.61 -1.98 -13.78
CA ASN C 97 7.59 -0.96 -13.54
C ASN C 97 7.68 0.07 -14.65
N ALA C 98 6.78 -0.04 -15.62
CA ALA C 98 6.78 0.90 -16.74
C ALA C 98 6.36 2.29 -16.30
N ILE C 99 5.50 2.40 -15.29
CA ILE C 99 5.06 3.71 -14.83
C ILE C 99 6.22 4.49 -14.23
N ASN C 100 6.99 3.85 -13.34
CA ASN C 100 8.12 4.49 -12.69
C ASN C 100 9.41 4.31 -13.47
N MET C 101 9.39 3.58 -14.58
CA MET C 101 10.58 3.31 -15.38
C MET C 101 11.68 2.66 -14.55
N GLU C 102 11.29 1.69 -13.72
CA GLU C 102 12.19 0.95 -12.87
C GLU C 102 12.08 -0.54 -13.16
N TYR C 103 13.00 -1.30 -12.56
CA TYR C 103 12.94 -2.75 -12.62
C TYR C 103 13.71 -3.31 -11.44
N THR C 104 13.14 -4.31 -10.77
CA THR C 104 13.76 -4.93 -9.62
C THR C 104 14.67 -6.06 -10.07
N ILE C 105 15.82 -6.18 -9.41
CA ILE C 105 16.77 -7.24 -9.71
C ILE C 105 17.39 -7.72 -8.40
N ASP C 106 17.50 -9.04 -8.25
CA ASP C 106 18.08 -9.67 -7.07
C ASP C 106 19.35 -10.39 -7.51
N ILE C 107 20.48 -10.02 -6.92
CA ILE C 107 21.78 -10.54 -7.32
C ILE C 107 22.60 -10.91 -6.10
N PHE C 108 23.61 -11.75 -6.33
CA PHE C 108 24.64 -12.06 -5.35
C PHE C 108 25.92 -11.36 -5.81
N PHE C 109 26.13 -10.14 -5.32
CA PHE C 109 27.25 -9.32 -5.75
C PHE C 109 28.52 -9.74 -5.03
N ALA C 110 29.48 -10.25 -5.78
CA ALA C 110 30.73 -10.77 -5.23
C ALA C 110 31.89 -9.92 -5.72
N GLN C 111 32.77 -9.54 -4.80
CA GLN C 111 33.94 -8.71 -5.12
C GLN C 111 35.19 -9.39 -4.59
N THR C 112 36.26 -9.35 -5.38
CA THR C 112 37.53 -9.96 -5.02
C THR C 112 38.65 -8.94 -5.20
N TRP C 113 39.50 -8.81 -4.19
CA TRP C 113 40.64 -7.91 -4.27
C TRP C 113 41.73 -8.42 -3.35
N TYR C 114 42.93 -7.87 -3.53
CA TYR C 114 44.10 -8.26 -2.74
C TYR C 114 44.41 -7.20 -1.70
N ASP C 115 44.53 -7.62 -0.45
CA ASP C 115 44.95 -6.77 0.65
C ASP C 115 46.10 -7.46 1.36
N ARG C 116 47.33 -7.06 1.04
CA ARG C 116 48.51 -7.72 1.58
C ARG C 116 48.69 -7.48 3.07
N ARG C 117 47.94 -6.54 3.66
CA ARG C 117 47.98 -6.38 5.11
C ARG C 117 47.34 -7.54 5.85
N LEU C 118 46.55 -8.36 5.15
CA LEU C 118 45.85 -9.48 5.76
C LEU C 118 46.54 -10.82 5.52
N LYS C 119 47.78 -10.81 5.04
CA LYS C 119 48.51 -12.06 4.83
C LYS C 119 48.78 -12.74 6.16
N PHE C 120 48.56 -14.05 6.19
CA PHE C 120 48.86 -14.87 7.36
C PHE C 120 49.44 -16.19 6.90
N ASN C 121 50.44 -16.68 7.64
CA ASN C 121 51.09 -17.95 7.35
C ASN C 121 50.49 -19.02 8.24
N SER C 122 49.73 -19.94 7.65
CA SER C 122 49.13 -21.04 8.37
C SER C 122 48.75 -22.12 7.38
N THR C 123 48.40 -23.29 7.91
CA THR C 123 48.00 -24.43 7.08
C THR C 123 46.53 -24.39 6.70
N ILE C 124 45.75 -23.49 7.29
CA ILE C 124 44.31 -23.42 6.97
C ILE C 124 44.10 -22.90 5.55
N LYS C 125 44.86 -21.87 5.16
CA LYS C 125 44.86 -21.26 3.83
C LYS C 125 43.56 -20.53 3.50
N VAL C 126 42.58 -20.52 4.41
CA VAL C 126 41.33 -19.81 4.17
C VAL C 126 40.69 -19.55 5.52
N LEU C 127 39.96 -18.43 5.61
CA LEU C 127 39.30 -18.03 6.85
C LEU C 127 37.92 -17.48 6.52
N ARG C 128 36.90 -18.31 6.68
CA ARG C 128 35.52 -17.88 6.50
C ARG C 128 35.07 -17.18 7.76
N LEU C 129 34.80 -15.88 7.67
CA LEU C 129 34.54 -15.05 8.83
C LEU C 129 33.10 -14.54 8.82
N ASN C 130 32.66 -14.07 9.98
CA ASN C 130 31.30 -13.58 10.14
C ASN C 130 31.14 -12.20 9.53
N SER C 131 29.88 -11.78 9.38
CA SER C 131 29.60 -10.48 8.81
C SER C 131 30.09 -9.34 9.69
N ASN C 132 30.24 -9.58 10.99
CA ASN C 132 30.77 -8.55 11.89
C ASN C 132 32.23 -8.23 11.59
N MET C 133 32.97 -9.17 10.99
CA MET C 133 34.35 -8.92 10.63
C MET C 133 34.47 -7.90 9.50
N VAL C 134 33.41 -7.69 8.71
CA VAL C 134 33.48 -6.82 7.56
C VAL C 134 33.80 -5.39 7.97
N GLY C 135 33.15 -4.91 9.04
CA GLY C 135 33.38 -3.55 9.49
C GLY C 135 34.79 -3.29 9.96
N LYS C 136 35.56 -4.34 10.27
CA LYS C 136 36.91 -4.15 10.78
C LYS C 136 37.89 -3.81 9.66
N ILE C 137 37.71 -4.38 8.47
CA ILE C 137 38.68 -4.25 7.40
C ILE C 137 38.16 -3.28 6.34
N TRP C 138 39.03 -2.91 5.41
CA TRP C 138 38.67 -1.99 4.35
C TRP C 138 37.75 -2.68 3.34
N ILE C 139 36.70 -1.98 2.94
CA ILE C 139 35.74 -2.49 1.97
C ILE C 139 35.57 -1.47 0.86
N PRO C 140 35.64 -1.87 -0.41
CA PRO C 140 35.43 -0.91 -1.50
C PRO C 140 34.05 -0.28 -1.43
N ASP C 141 33.99 1.00 -1.78
CA ASP C 141 32.74 1.77 -1.70
C ASP C 141 31.96 1.65 -3.02
N THR C 142 31.67 0.41 -3.39
CA THR C 142 30.93 0.16 -4.62
C THR C 142 29.48 0.55 -4.46
N PHE C 143 28.97 1.35 -5.39
CA PHE C 143 27.58 1.76 -5.40
C PHE C 143 27.04 1.67 -6.82
N PHE C 144 25.72 1.54 -6.93
CA PHE C 144 25.06 1.41 -8.21
C PHE C 144 24.55 2.78 -8.65
N ARG C 145 25.02 3.24 -9.82
CA ARG C 145 24.77 4.61 -10.23
C ARG C 145 23.31 4.85 -10.62
N ASN C 146 22.65 3.84 -11.18
CA ASN C 146 21.27 3.98 -11.63
C ASN C 146 20.28 3.34 -10.66
N SER C 147 20.69 3.10 -9.42
CA SER C 147 19.82 2.50 -8.43
C SER C 147 18.98 3.56 -7.74
N LYS C 148 17.69 3.27 -7.58
CA LYS C 148 16.78 4.16 -6.86
C LYS C 148 16.58 3.72 -5.41
N LYS C 149 16.24 2.46 -5.19
CA LYS C 149 16.09 1.90 -3.85
C LYS C 149 16.72 0.52 -3.83
N ALA C 150 17.88 0.40 -3.19
CA ALA C 150 18.58 -0.86 -3.04
C ALA C 150 18.72 -1.20 -1.57
N ASP C 151 18.56 -2.47 -1.23
CA ASP C 151 18.63 -2.93 0.14
C ASP C 151 19.44 -4.22 0.23
N ALA C 152 20.04 -4.45 1.39
CA ALA C 152 20.71 -5.70 1.70
C ALA C 152 19.94 -6.39 2.82
N HIS C 153 19.60 -7.65 2.60
CA HIS C 153 18.74 -8.36 3.54
C HIS C 153 19.50 -8.69 4.82
N TRP C 154 18.80 -8.60 5.95
CA TRP C 154 19.39 -8.84 7.26
C TRP C 154 18.76 -10.02 7.99
N ILE C 155 17.94 -10.82 7.32
CA ILE C 155 17.20 -11.91 7.94
C ILE C 155 17.77 -13.23 7.44
N THR C 156 18.16 -14.11 8.36
CA THR C 156 18.07 -13.86 9.79
C THR C 156 19.29 -13.09 10.30
N THR C 157 20.39 -13.23 9.57
CA THR C 157 21.63 -12.54 9.86
C THR C 157 22.00 -11.69 8.66
N PRO C 158 22.93 -10.73 8.81
CA PRO C 158 23.40 -9.98 7.62
C PRO C 158 23.86 -10.91 6.52
N ASN C 159 23.23 -10.82 5.34
CA ASN C 159 23.55 -11.69 4.22
C ASN C 159 24.83 -11.21 3.52
N ARG C 160 25.93 -11.27 4.27
CA ARG C 160 27.24 -10.87 3.79
C ARG C 160 28.25 -11.95 4.09
N MET C 161 29.13 -12.21 3.14
CA MET C 161 30.17 -13.24 3.26
C MET C 161 31.53 -12.58 3.17
N LEU C 162 32.46 -13.04 4.01
CA LEU C 162 33.82 -12.50 4.01
C LEU C 162 34.79 -13.65 4.20
N ARG C 163 35.57 -13.94 3.16
CA ARG C 163 36.56 -15.01 3.19
C ARG C 163 37.93 -14.42 2.88
N ILE C 164 38.93 -14.79 3.68
CA ILE C 164 40.29 -14.29 3.53
C ILE C 164 41.21 -15.48 3.33
N TRP C 165 42.04 -15.41 2.29
CA TRP C 165 43.03 -16.44 2.04
C TRP C 165 44.38 -16.04 2.65
N ASN C 166 45.30 -17.01 2.68
CA ASN C 166 46.61 -16.78 3.28
C ASN C 166 47.43 -15.76 2.50
N ASP C 167 47.27 -15.71 1.17
CA ASP C 167 48.05 -14.82 0.34
C ASP C 167 47.53 -13.39 0.33
N GLY C 168 46.46 -13.11 1.07
CA GLY C 168 45.91 -11.78 1.17
C GLY C 168 44.70 -11.52 0.30
N ARG C 169 44.32 -12.47 -0.54
CA ARG C 169 43.12 -12.29 -1.36
C ARG C 169 41.87 -12.32 -0.49
N VAL C 170 40.95 -11.41 -0.77
CA VAL C 170 39.74 -11.24 0.02
C VAL C 170 38.54 -11.38 -0.89
N LEU C 171 37.57 -12.20 -0.48
CA LEU C 171 36.31 -12.35 -1.18
C LEU C 171 35.19 -11.79 -0.33
N TYR C 172 34.40 -10.89 -0.91
CA TYR C 172 33.31 -10.22 -0.20
C TYR C 172 32.05 -10.32 -1.05
N THR C 173 31.10 -11.14 -0.61
CA THR C 173 29.87 -11.38 -1.33
C THR C 173 28.68 -10.97 -0.46
N LEU C 174 27.80 -10.14 -1.01
CA LEU C 174 26.62 -9.68 -0.30
C LEU C 174 25.42 -9.76 -1.22
N ARG C 175 24.27 -10.17 -0.66
CA ARG C 175 23.04 -10.28 -1.42
C ARG C 175 22.33 -8.94 -1.46
N LEU C 176 21.89 -8.53 -2.64
CA LEU C 176 21.30 -7.21 -2.83
C LEU C 176 20.03 -7.32 -3.67
N THR C 177 19.04 -6.51 -3.30
CA THR C 177 17.86 -6.29 -4.12
C THR C 177 17.86 -4.83 -4.57
N ILE C 178 17.85 -4.61 -5.88
CA ILE C 178 18.10 -3.30 -6.46
C ILE C 178 16.91 -2.92 -7.33
N ASP C 179 16.39 -1.71 -7.12
CA ASP C 179 15.39 -1.12 -7.99
C ASP C 179 16.10 -0.10 -8.88
N ALA C 180 16.68 -0.58 -9.96
CA ALA C 180 17.46 0.26 -10.84
C ALA C 180 16.55 1.12 -11.71
N GLU C 181 17.14 2.17 -12.27
CA GLU C 181 16.42 3.08 -13.16
C GLU C 181 16.62 2.67 -14.61
N CYS C 182 15.52 2.54 -15.34
CA CYS C 182 15.56 2.13 -16.74
C CYS C 182 14.63 3.06 -17.52
N GLN C 183 15.21 4.04 -18.20
CA GLN C 183 14.43 4.99 -18.99
C GLN C 183 13.83 4.27 -20.18
N LEU C 184 12.52 4.01 -20.13
CA LEU C 184 11.84 3.28 -21.18
C LEU C 184 11.34 4.25 -22.24
N GLN C 185 11.81 4.07 -23.47
CA GLN C 185 11.30 4.82 -24.61
C GLN C 185 10.12 4.06 -25.17
N LEU C 186 8.91 4.46 -24.78
CA LEU C 186 7.70 3.69 -25.03
C LEU C 186 7.12 3.90 -26.41
N HIS C 187 7.90 4.40 -27.37
CA HIS C 187 7.45 4.38 -28.74
C HIS C 187 7.30 2.95 -29.22
N ASN C 188 6.36 2.73 -30.14
CA ASN C 188 6.04 1.41 -30.68
C ASN C 188 5.48 0.47 -29.61
N PHE C 189 4.95 1.02 -28.53
CA PHE C 189 4.28 0.21 -27.53
C PHE C 189 3.02 -0.41 -28.13
N PRO C 190 2.72 -1.69 -27.83
CA PRO C 190 3.42 -2.60 -26.92
C PRO C 190 4.51 -3.44 -27.59
N MET C 191 4.79 -3.18 -28.86
CA MET C 191 5.83 -3.90 -29.58
C MET C 191 7.22 -3.35 -29.31
N ASP C 192 7.38 -2.55 -28.26
CA ASP C 192 8.67 -1.94 -27.95
C ASP C 192 9.63 -2.96 -27.35
N GLU C 193 10.91 -2.69 -27.53
CA GLU C 193 11.99 -3.49 -26.94
C GLU C 193 12.91 -2.56 -26.19
N HIS C 194 13.37 -3.00 -25.01
CA HIS C 194 14.15 -2.16 -24.12
C HIS C 194 15.42 -2.89 -23.70
N SER C 195 16.43 -2.10 -23.34
CA SER C 195 17.70 -2.60 -22.83
C SER C 195 17.97 -1.89 -21.51
N CYS C 196 17.55 -2.51 -20.41
CA CYS C 196 17.70 -1.89 -19.09
C CYS C 196 19.11 -2.10 -18.58
N PRO C 197 19.84 -1.05 -18.25
CA PRO C 197 21.23 -1.19 -17.79
C PRO C 197 21.30 -1.38 -16.28
N LEU C 198 22.53 -1.67 -15.82
CA LEU C 198 22.83 -1.77 -14.40
C LEU C 198 24.28 -1.34 -14.21
N GLU C 199 24.47 -0.12 -13.75
CA GLU C 199 25.79 0.50 -13.68
C GLU C 199 26.23 0.62 -12.22
N PHE C 200 27.47 0.25 -11.95
CA PHE C 200 28.05 0.39 -10.62
C PHE C 200 29.51 0.78 -10.73
N SER C 201 30.00 1.48 -9.71
CA SER C 201 31.38 1.97 -9.68
C SER C 201 31.70 2.39 -8.26
N SER C 202 32.97 2.71 -8.04
CA SER C 202 33.39 3.23 -6.74
C SER C 202 32.92 4.67 -6.59
N TYR C 203 32.37 4.98 -5.41
CA TYR C 203 31.81 6.31 -5.20
C TYR C 203 32.88 7.37 -5.03
N GLY C 204 33.95 7.07 -4.29
CA GLY C 204 34.92 8.09 -3.96
C GLY C 204 36.29 7.91 -4.56
N TYR C 205 36.67 6.68 -4.89
CA TYR C 205 38.00 6.39 -5.40
C TYR C 205 38.02 6.50 -6.92
N PRO C 206 38.81 7.40 -7.49
CA PRO C 206 38.84 7.52 -8.96
C PRO C 206 39.57 6.36 -9.62
N ARG C 207 39.74 6.45 -10.95
CA ARG C 207 40.42 5.38 -11.68
C ARG C 207 41.87 5.23 -11.27
N GLU C 208 42.47 6.26 -10.66
CA GLU C 208 43.86 6.18 -10.23
C GLU C 208 44.02 5.45 -8.90
N GLU C 209 42.93 5.08 -8.24
CA GLU C 209 43.00 4.41 -6.95
C GLU C 209 42.29 3.07 -6.92
N ILE C 210 41.13 2.95 -7.58
CA ILE C 210 40.38 1.70 -7.64
C ILE C 210 40.02 1.43 -9.09
N VAL C 211 40.35 0.22 -9.55
CA VAL C 211 40.03 -0.21 -10.91
C VAL C 211 39.24 -1.51 -10.81
N TYR C 212 38.04 -1.51 -11.40
CA TYR C 212 37.23 -2.70 -11.46
C TYR C 212 37.57 -3.52 -12.70
N GLN C 213 37.17 -4.78 -12.68
CA GLN C 213 37.43 -5.68 -13.80
C GLN C 213 36.53 -6.90 -13.68
N TRP C 214 35.83 -7.22 -14.76
CA TRP C 214 35.00 -8.41 -14.77
C TRP C 214 35.86 -9.67 -14.76
N LYS C 215 35.32 -10.74 -14.19
CA LYS C 215 35.97 -12.03 -14.20
C LYS C 215 35.57 -12.80 -15.46
N ARG C 216 36.13 -14.00 -15.62
CA ARG C 216 35.78 -14.83 -16.77
C ARG C 216 34.37 -15.38 -16.69
N SER C 217 33.71 -15.25 -15.54
CA SER C 217 32.32 -15.66 -15.37
C SER C 217 31.53 -14.46 -14.84
N SER C 218 31.69 -13.32 -15.53
CA SER C 218 31.23 -12.03 -15.01
C SER C 218 29.77 -12.07 -14.56
N VAL C 219 28.85 -12.34 -15.48
CA VAL C 219 27.43 -12.35 -15.18
C VAL C 219 26.90 -13.75 -15.42
N GLU C 220 26.31 -14.35 -14.38
CA GLU C 220 25.73 -15.67 -14.46
C GLU C 220 24.24 -15.57 -14.13
N VAL C 221 23.41 -15.98 -15.07
CA VAL C 221 21.97 -15.95 -14.89
C VAL C 221 21.50 -17.31 -14.39
N GLY C 222 20.32 -17.32 -13.78
CA GLY C 222 19.75 -18.56 -13.29
C GLY C 222 19.08 -19.35 -14.40
N ASP C 223 17.94 -19.98 -14.08
CA ASP C 223 17.21 -20.73 -15.08
C ASP C 223 16.41 -19.85 -16.02
N THR C 224 16.28 -18.55 -15.72
CA THR C 224 15.52 -17.58 -16.50
C THR C 224 14.04 -17.94 -16.53
N ARG C 225 13.64 -18.99 -15.79
CA ARG C 225 12.25 -19.38 -15.68
C ARG C 225 11.66 -19.09 -14.32
N SER C 226 12.48 -19.00 -13.27
CA SER C 226 12.03 -18.55 -11.96
C SER C 226 12.03 -17.04 -11.84
N TRP C 227 12.46 -16.33 -12.88
CA TRP C 227 12.50 -14.88 -12.84
C TRP C 227 11.10 -14.29 -12.82
N ARG C 228 10.97 -13.14 -12.15
CA ARG C 228 9.67 -12.51 -11.93
C ARG C 228 9.17 -11.74 -13.14
N LEU C 229 9.78 -11.90 -14.31
CA LEU C 229 9.32 -11.23 -15.52
C LEU C 229 8.05 -11.91 -16.01
N TYR C 230 6.93 -11.19 -15.93
CA TYR C 230 5.67 -11.70 -16.46
C TYR C 230 5.14 -10.90 -17.64
N GLN C 231 5.63 -9.68 -17.86
CA GLN C 231 5.29 -8.88 -19.03
C GLN C 231 6.31 -9.03 -20.15
N PHE C 232 7.58 -8.87 -19.82
CA PHE C 232 8.65 -8.90 -20.81
C PHE C 232 9.25 -10.30 -20.91
N SER C 233 10.19 -10.47 -21.85
CA SER C 233 10.92 -11.71 -22.02
C SER C 233 12.41 -11.39 -22.09
N PHE C 234 13.20 -12.12 -21.30
CA PHE C 234 14.64 -11.91 -21.29
C PHE C 234 15.25 -12.51 -22.55
N VAL C 235 15.86 -11.67 -23.37
CA VAL C 235 16.38 -12.09 -24.66
C VAL C 235 17.86 -11.84 -24.84
N GLY C 236 18.47 -10.95 -24.05
CA GLY C 236 19.88 -10.61 -24.26
C GLY C 236 20.54 -10.21 -22.97
N LEU C 237 21.88 -10.25 -22.99
CA LEU C 237 22.68 -9.92 -21.82
C LEU C 237 24.08 -9.57 -22.29
N ARG C 238 24.53 -8.36 -21.96
CA ARG C 238 25.88 -7.93 -22.32
C ARG C 238 26.48 -7.12 -21.17
N ASN C 239 27.80 -7.17 -21.06
CA ASN C 239 28.54 -6.47 -20.03
C ASN C 239 29.53 -5.50 -20.68
N THR C 240 29.72 -4.34 -20.06
CA THR C 240 30.53 -3.28 -20.63
C THR C 240 31.40 -2.67 -19.55
N THR C 241 32.55 -2.13 -19.96
CA THR C 241 33.46 -1.40 -19.09
C THR C 241 33.70 -0.02 -19.69
N GLU C 242 33.53 1.01 -18.88
CA GLU C 242 33.66 2.39 -19.33
C GLU C 242 34.34 3.23 -18.26
N VAL C 243 34.79 4.41 -18.66
CA VAL C 243 35.33 5.41 -17.75
C VAL C 243 34.48 6.67 -17.90
N VAL C 244 33.93 7.15 -16.79
CA VAL C 244 33.07 8.32 -16.77
C VAL C 244 33.77 9.43 -16.00
N LYS C 245 33.89 10.59 -16.63
CA LYS C 245 34.55 11.74 -16.02
C LYS C 245 33.50 12.63 -15.38
N THR C 246 33.68 12.92 -14.09
CA THR C 246 32.75 13.78 -13.36
C THR C 246 33.51 14.93 -12.70
N THR C 247 32.81 15.70 -11.87
CA THR C 247 33.45 16.80 -11.16
C THR C 247 34.53 16.30 -10.22
N SER C 248 34.25 15.21 -9.49
CA SER C 248 35.23 14.67 -8.55
C SER C 248 36.44 14.11 -9.29
N GLY C 249 36.21 13.42 -10.40
CA GLY C 249 37.31 12.82 -11.14
C GLY C 249 36.79 11.84 -12.17
N ASP C 250 37.70 10.96 -12.60
CA ASP C 250 37.38 9.92 -13.58
C ASP C 250 37.23 8.59 -12.87
N TYR C 251 36.11 7.93 -13.08
CA TYR C 251 35.77 6.68 -12.41
C TYR C 251 35.53 5.58 -13.41
N VAL C 252 36.02 4.39 -13.10
CA VAL C 252 35.76 3.21 -13.93
C VAL C 252 34.37 2.69 -13.60
N VAL C 253 33.49 2.65 -14.60
CA VAL C 253 32.10 2.30 -14.41
C VAL C 253 31.82 1.00 -15.15
N MET C 254 31.32 0.00 -14.43
CA MET C 254 30.91 -1.26 -15.01
C MET C 254 29.40 -1.23 -15.27
N SER C 255 29.00 -1.76 -16.42
CA SER C 255 27.60 -1.73 -16.83
C SER C 255 27.18 -3.11 -17.30
N VAL C 256 25.95 -3.49 -16.96
CA VAL C 256 25.33 -4.72 -17.43
C VAL C 256 23.99 -4.34 -18.04
N TYR C 257 23.78 -4.73 -19.30
CA TYR C 257 22.55 -4.40 -20.02
C TYR C 257 21.72 -5.66 -20.18
N PHE C 258 20.44 -5.56 -19.83
CA PHE C 258 19.48 -6.65 -20.00
C PHE C 258 18.50 -6.26 -21.09
N ASP C 259 18.47 -7.05 -22.16
CA ASP C 259 17.57 -6.80 -23.28
C ASP C 259 16.23 -7.46 -23.00
N LEU C 260 15.16 -6.65 -23.01
CA LEU C 260 13.82 -7.13 -22.71
C LEU C 260 12.89 -6.74 -23.85
N SER C 261 12.11 -7.72 -24.31
CA SER C 261 11.11 -7.50 -25.35
C SER C 261 9.73 -7.75 -24.76
N ARG C 262 8.85 -6.77 -24.87
CA ARG C 262 7.50 -6.92 -24.34
C ARG C 262 6.73 -7.93 -25.15
N ARG C 263 5.91 -8.72 -24.47
CA ARG C 263 5.07 -9.73 -25.11
C ARG C 263 3.67 -9.15 -25.30
N MET C 264 3.20 -9.15 -26.55
CA MET C 264 1.99 -8.45 -26.93
C MET C 264 0.73 -9.29 -26.79
N GLY C 265 0.84 -10.51 -26.26
CA GLY C 265 -0.32 -11.37 -26.16
C GLY C 265 -1.43 -10.78 -25.31
N TYR C 266 -1.07 -10.12 -24.20
CA TYR C 266 -2.08 -9.55 -23.32
C TYR C 266 -2.84 -8.43 -24.00
N PHE C 267 -2.15 -7.53 -24.70
CA PHE C 267 -2.80 -6.35 -25.26
C PHE C 267 -3.62 -6.67 -26.49
N THR C 268 -3.26 -7.70 -27.25
CA THR C 268 -4.02 -8.07 -28.43
C THR C 268 -5.44 -8.45 -28.05
N ILE C 269 -5.59 -9.33 -27.05
CA ILE C 269 -6.92 -9.71 -26.59
C ILE C 269 -7.60 -8.55 -25.87
N GLN C 270 -6.84 -7.77 -25.11
CA GLN C 270 -7.43 -6.71 -24.29
C GLN C 270 -7.97 -5.57 -25.14
N THR C 271 -7.17 -5.08 -26.09
CA THR C 271 -7.51 -3.86 -26.81
C THR C 271 -7.65 -4.06 -28.31
N TYR C 272 -6.68 -4.72 -28.95
CA TYR C 272 -6.67 -4.78 -30.41
C TYR C 272 -7.89 -5.52 -30.95
N ILE C 273 -8.16 -6.71 -30.43
CA ILE C 273 -9.32 -7.47 -30.90
C ILE C 273 -10.64 -6.77 -30.60
N PRO C 274 -10.90 -6.31 -29.36
CA PRO C 274 -12.19 -5.63 -29.13
C PRO C 274 -12.38 -4.36 -29.94
N CYS C 275 -11.34 -3.54 -30.06
CA CYS C 275 -11.47 -2.31 -30.84
C CYS C 275 -11.73 -2.62 -32.31
N THR C 276 -11.07 -3.64 -32.84
CA THR C 276 -11.30 -4.03 -34.23
C THR C 276 -12.74 -4.49 -34.44
N LEU C 277 -13.28 -5.28 -33.51
CA LEU C 277 -14.63 -5.78 -33.65
C LEU C 277 -15.67 -4.67 -33.56
N ILE C 278 -15.42 -3.66 -32.73
CA ILE C 278 -16.34 -2.53 -32.64
C ILE C 278 -16.40 -1.78 -33.97
N VAL C 279 -15.24 -1.59 -34.60
CA VAL C 279 -15.22 -0.95 -35.92
C VAL C 279 -16.01 -1.77 -36.93
N VAL C 280 -15.90 -3.10 -36.85
CA VAL C 280 -16.69 -3.96 -37.73
C VAL C 280 -18.18 -3.78 -37.45
N LEU C 281 -18.56 -3.67 -36.17
CA LEU C 281 -19.95 -3.44 -35.83
C LEU C 281 -20.47 -2.12 -36.40
N SER C 282 -19.61 -1.11 -36.50
CA SER C 282 -20.03 0.14 -37.11
C SER C 282 -20.38 -0.04 -38.58
N TRP C 283 -19.65 -0.91 -39.28
CA TRP C 283 -19.95 -1.19 -40.68
C TRP C 283 -21.29 -1.87 -40.88
N VAL C 284 -21.80 -2.53 -39.83
CA VAL C 284 -23.10 -3.20 -39.93
C VAL C 284 -24.19 -2.21 -40.28
N SER C 285 -24.06 -0.96 -39.83
CA SER C 285 -25.06 0.05 -40.14
C SER C 285 -25.19 0.29 -41.63
N PHE C 286 -24.13 0.03 -42.39
CA PHE C 286 -24.18 0.28 -43.84
C PHE C 286 -25.16 -0.66 -44.53
N TRP C 287 -25.31 -1.89 -44.04
CA TRP C 287 -26.22 -2.84 -44.65
C TRP C 287 -27.65 -2.69 -44.17
N ILE C 288 -27.87 -2.10 -43.00
CA ILE C 288 -29.23 -1.87 -42.53
C ILE C 288 -29.91 -0.85 -43.42
N ASN C 289 -31.21 -1.04 -43.66
CA ASN C 289 -31.95 -0.15 -44.55
C ASN C 289 -31.92 1.28 -44.02
N LYS C 290 -31.75 2.22 -44.95
CA LYS C 290 -31.65 3.63 -44.58
C LYS C 290 -32.95 4.16 -43.99
N ASP C 291 -34.09 3.51 -44.26
CA ASP C 291 -35.35 3.95 -43.68
C ASP C 291 -35.42 3.68 -42.17
N ALA C 292 -34.63 2.72 -41.67
CA ALA C 292 -34.61 2.41 -40.24
C ALA C 292 -33.72 3.44 -39.53
N VAL C 293 -34.25 4.65 -39.42
CA VAL C 293 -33.48 5.75 -38.81
C VAL C 293 -33.13 5.47 -37.35
N PRO C 294 -34.06 5.06 -36.48
CA PRO C 294 -33.66 4.77 -35.10
C PRO C 294 -32.63 3.66 -34.98
N ALA C 295 -32.71 2.65 -35.85
CA ALA C 295 -31.79 1.53 -35.75
C ALA C 295 -30.36 1.94 -36.11
N ARG C 296 -30.20 2.62 -37.24
CA ARG C 296 -28.85 2.98 -37.68
C ARG C 296 -28.25 4.08 -36.80
N THR C 297 -29.06 5.06 -36.42
CA THR C 297 -28.55 6.14 -35.58
C THR C 297 -28.09 5.64 -34.22
N SER C 298 -28.88 4.76 -33.59
CA SER C 298 -28.49 4.22 -32.30
C SER C 298 -27.27 3.33 -32.41
N LEU C 299 -27.10 2.64 -33.53
CA LEU C 299 -25.94 1.76 -33.70
C LEU C 299 -24.65 2.57 -33.72
N GLY C 300 -24.60 3.63 -34.54
CA GLY C 300 -23.41 4.43 -34.61
C GLY C 300 -23.10 5.14 -33.30
N ILE C 301 -24.13 5.66 -32.64
CA ILE C 301 -23.91 6.45 -31.43
C ILE C 301 -23.42 5.57 -30.29
N THR C 302 -23.89 4.34 -30.21
CA THR C 302 -23.45 3.44 -29.13
C THR C 302 -22.06 2.89 -29.38
N THR C 303 -21.71 2.65 -30.64
CA THR C 303 -20.36 2.18 -30.95
C THR C 303 -19.31 3.22 -30.57
N VAL C 304 -19.62 4.50 -30.79
CA VAL C 304 -18.72 5.56 -30.35
C VAL C 304 -18.60 5.56 -28.84
N LEU C 305 -19.71 5.33 -28.14
CA LEU C 305 -19.65 5.19 -26.70
C LEU C 305 -18.81 3.98 -26.29
N THR C 306 -18.84 2.91 -27.07
CA THR C 306 -18.05 1.73 -26.75
C THR C 306 -16.57 2.02 -26.89
N MET C 307 -16.16 2.70 -27.98
CA MET C 307 -14.76 3.04 -28.16
C MET C 307 -14.28 4.00 -27.08
N THR C 308 -15.17 4.85 -26.57
CA THR C 308 -14.80 5.71 -25.44
C THR C 308 -14.42 4.88 -24.22
N THR C 309 -15.20 3.84 -23.93
CA THR C 309 -14.87 2.97 -22.82
C THR C 309 -13.56 2.22 -23.05
N LEU C 310 -13.34 1.75 -24.28
CA LEU C 310 -12.13 0.98 -24.56
C LEU C 310 -10.90 1.87 -24.63
N SER C 311 -11.06 3.13 -25.05
CA SER C 311 -9.90 4.02 -25.16
C SER C 311 -9.26 4.27 -23.81
N THR C 312 -10.08 4.46 -22.77
CA THR C 312 -9.54 4.73 -21.44
C THR C 312 -8.75 3.55 -20.91
N ILE C 313 -9.27 2.33 -21.10
CA ILE C 313 -8.60 1.15 -20.58
C ILE C 313 -7.32 0.84 -21.33
N ALA C 314 -7.14 1.42 -22.52
CA ALA C 314 -5.95 1.12 -23.32
C ALA C 314 -4.68 1.59 -22.62
N ARG C 315 -4.70 2.78 -22.05
CA ARG C 315 -3.52 3.38 -21.42
C ARG C 315 -3.66 3.40 -19.89
N LYS C 316 -4.26 2.36 -19.33
CA LYS C 316 -4.34 2.25 -17.88
C LYS C 316 -3.03 1.83 -17.25
N SER C 317 -1.98 1.64 -18.06
CA SER C 317 -0.72 1.12 -17.53
C SER C 317 0.47 1.98 -17.92
N LEU C 318 0.44 2.58 -19.11
CA LEU C 318 1.53 3.43 -19.51
C LEU C 318 1.57 4.69 -18.64
N PRO C 319 2.75 5.28 -18.45
CA PRO C 319 2.82 6.60 -17.82
C PRO C 319 2.22 7.67 -18.72
N LYS C 320 2.32 8.93 -18.32
CA LYS C 320 1.67 10.02 -19.02
C LYS C 320 2.53 10.59 -20.14
N VAL C 321 3.37 9.75 -20.76
CA VAL C 321 4.21 10.18 -21.87
C VAL C 321 3.38 10.92 -22.91
N SER C 322 3.97 11.94 -23.51
CA SER C 322 3.26 12.80 -24.44
C SER C 322 3.37 12.35 -25.89
N TYR C 323 4.24 11.40 -26.19
CA TYR C 323 4.35 10.93 -27.57
C TYR C 323 3.28 9.90 -27.88
N VAL C 324 2.97 9.77 -29.16
CA VAL C 324 1.89 8.90 -29.62
C VAL C 324 2.44 7.49 -29.74
N THR C 325 2.09 6.62 -28.78
CA THR C 325 2.48 5.23 -28.87
C THR C 325 1.62 4.52 -29.91
N ALA C 326 2.11 3.36 -30.36
CA ALA C 326 1.38 2.59 -31.36
C ALA C 326 0.03 2.15 -30.84
N MET C 327 -0.08 1.85 -29.54
CA MET C 327 -1.37 1.50 -28.97
C MET C 327 -2.34 2.67 -29.04
N ASP C 328 -1.86 3.88 -28.73
CA ASP C 328 -2.71 5.06 -28.78
C ASP C 328 -3.13 5.38 -30.21
N LEU C 329 -2.20 5.23 -31.16
CA LEU C 329 -2.51 5.52 -32.55
C LEU C 329 -3.60 4.59 -33.07
N PHE C 330 -3.50 3.30 -32.75
CA PHE C 330 -4.50 2.34 -33.22
C PHE C 330 -5.88 2.66 -32.66
N VAL C 331 -5.96 2.97 -31.36
CA VAL C 331 -7.24 3.29 -30.75
C VAL C 331 -7.82 4.56 -31.34
N SER C 332 -6.97 5.59 -31.53
CA SER C 332 -7.46 6.85 -32.08
C SER C 332 -8.00 6.68 -33.49
N VAL C 333 -7.30 5.90 -34.32
CA VAL C 333 -7.78 5.65 -35.68
C VAL C 333 -9.09 4.89 -35.65
N CYS C 334 -9.19 3.87 -34.79
CA CYS C 334 -10.44 3.14 -34.67
C CYS C 334 -11.58 4.05 -34.19
N PHE C 335 -11.26 5.04 -33.36
CA PHE C 335 -12.27 5.99 -32.93
C PHE C 335 -12.78 6.82 -34.10
N ILE C 336 -11.88 7.18 -35.02
CA ILE C 336 -12.29 7.95 -36.19
C ILE C 336 -13.21 7.12 -37.08
N PHE C 337 -12.91 5.84 -37.26
CA PHE C 337 -13.70 5.00 -38.16
C PHE C 337 -15.14 4.88 -37.68
N VAL C 338 -15.34 4.61 -36.39
CA VAL C 338 -16.69 4.51 -35.88
C VAL C 338 -17.35 5.89 -35.87
N PHE C 339 -16.58 6.94 -35.61
CA PHE C 339 -17.12 8.30 -35.69
C PHE C 339 -17.54 8.63 -37.11
N SER C 340 -16.74 8.26 -38.09
CA SER C 340 -17.06 8.57 -39.48
C SER C 340 -18.23 7.73 -39.98
N ALA C 341 -18.44 6.55 -39.39
CA ALA C 341 -19.55 5.70 -39.82
C ALA C 341 -20.89 6.37 -39.55
N LEU C 342 -21.04 6.99 -38.37
CA LEU C 342 -22.28 7.67 -38.07
C LEU C 342 -22.42 8.96 -38.86
N VAL C 343 -21.31 9.67 -39.09
CA VAL C 343 -21.34 10.86 -39.93
C VAL C 343 -21.74 10.49 -41.36
N GLU C 344 -21.30 9.32 -41.82
CA GLU C 344 -21.69 8.86 -43.15
C GLU C 344 -23.21 8.71 -43.26
N TYR C 345 -23.83 8.10 -42.24
CA TYR C 345 -25.28 7.96 -42.27
C TYR C 345 -25.98 9.31 -42.16
N GLY C 346 -25.45 10.21 -41.33
CA GLY C 346 -26.05 11.52 -41.21
C GLY C 346 -26.07 12.27 -42.52
N THR C 347 -24.95 12.23 -43.26
CA THR C 347 -24.94 12.80 -44.60
C THR C 347 -25.88 12.03 -45.52
N LEU C 348 -25.86 10.70 -45.46
CA LEU C 348 -26.71 9.90 -46.32
C LEU C 348 -28.18 10.15 -46.05
N HIS C 349 -28.56 10.23 -44.77
CA HIS C 349 -29.97 10.38 -44.43
C HIS C 349 -30.55 11.69 -44.94
N TYR C 350 -29.77 12.78 -44.83
CA TYR C 350 -30.28 14.09 -45.19
C TYR C 350 -30.62 14.17 -46.68
N PHE C 351 -29.68 13.78 -47.54
CA PHE C 351 -29.92 13.88 -48.97
C PHE C 351 -31.02 12.92 -49.42
N VAL C 352 -31.08 11.73 -48.85
CA VAL C 352 -32.15 10.79 -49.19
C VAL C 352 -33.49 11.34 -48.75
N SER C 353 -33.57 11.88 -47.54
CA SER C 353 -34.83 12.44 -47.05
C SER C 353 -35.19 13.77 -47.72
N ASN C 354 -34.27 14.36 -48.47
CA ASN C 354 -34.54 15.62 -49.15
C ASN C 354 -34.14 15.55 -50.63
N ARG C 437 -23.66 8.30 -57.14
CA ARG C 437 -23.96 9.61 -56.58
C ARG C 437 -24.11 9.54 -55.07
N ILE C 438 -24.74 10.58 -54.50
CA ILE C 438 -24.96 10.63 -53.06
C ILE C 438 -25.97 9.57 -52.63
N ALA C 439 -26.99 9.33 -53.47
CA ALA C 439 -28.04 8.39 -53.10
C ALA C 439 -27.49 6.97 -52.90
N LYS C 440 -26.41 6.62 -53.59
CA LYS C 440 -25.78 5.32 -53.45
C LYS C 440 -24.56 5.37 -52.54
N MET C 441 -24.59 6.22 -51.51
CA MET C 441 -23.46 6.31 -50.60
C MET C 441 -23.29 5.05 -49.79
N ASP C 442 -24.38 4.33 -49.52
CA ASP C 442 -24.28 3.08 -48.78
C ASP C 442 -23.45 2.05 -49.55
N SER C 443 -23.65 1.96 -50.86
CA SER C 443 -22.88 1.02 -51.66
C SER C 443 -21.39 1.34 -51.62
N TYR C 444 -21.04 2.63 -51.70
CA TYR C 444 -19.64 3.03 -51.59
C TYR C 444 -19.11 2.76 -50.19
N ALA C 445 -19.93 3.01 -49.16
CA ALA C 445 -19.47 2.81 -47.79
C ALA C 445 -19.19 1.34 -47.50
N ARG C 446 -19.99 0.44 -48.09
CA ARG C 446 -19.79 -0.99 -47.87
C ARG C 446 -18.46 -1.48 -48.42
N ILE C 447 -17.82 -0.71 -49.31
CA ILE C 447 -16.55 -1.07 -49.89
C ILE C 447 -15.42 -0.19 -49.36
N PHE C 448 -15.65 1.11 -49.26
CA PHE C 448 -14.59 2.04 -48.86
C PHE C 448 -14.17 1.80 -47.41
N PHE C 449 -15.13 1.71 -46.50
CA PHE C 449 -14.78 1.55 -45.09
C PHE C 449 -14.04 0.25 -44.80
N PRO C 450 -14.49 -0.92 -45.24
CA PRO C 450 -13.68 -2.14 -45.00
C PRO C 450 -12.31 -2.07 -45.65
N THR C 451 -12.21 -1.46 -46.82
CA THR C 451 -10.92 -1.38 -47.51
C THR C 451 -9.96 -0.46 -46.76
N ALA C 452 -10.44 0.72 -46.36
CA ALA C 452 -9.57 1.68 -45.68
C ALA C 452 -9.04 1.13 -44.37
N PHE C 453 -9.89 0.47 -43.59
CA PHE C 453 -9.44 -0.10 -42.33
C PHE C 453 -8.47 -1.25 -42.54
N CYS C 454 -8.76 -2.11 -43.52
CA CYS C 454 -7.81 -3.18 -43.85
C CYS C 454 -6.51 -2.61 -44.39
N LEU C 455 -6.60 -1.54 -45.20
CA LEU C 455 -5.39 -0.86 -45.66
C LEU C 455 -4.63 -0.26 -44.49
N PHE C 456 -5.35 0.32 -43.53
CA PHE C 456 -4.69 0.87 -42.35
C PHE C 456 -3.99 -0.21 -41.55
N ASN C 457 -4.64 -1.36 -41.36
CA ASN C 457 -4.01 -2.46 -40.63
C ASN C 457 -2.77 -2.95 -41.35
N LEU C 458 -2.82 -3.03 -42.68
CA LEU C 458 -1.67 -3.49 -43.44
C LEU C 458 -0.48 -2.56 -43.25
N VAL C 459 -0.72 -1.25 -43.28
CA VAL C 459 0.36 -0.28 -43.05
C VAL C 459 0.79 -0.31 -41.59
N TYR C 460 -0.17 -0.38 -40.67
CA TYR C 460 0.14 -0.25 -39.24
C TYR C 460 1.00 -1.41 -38.74
N TRP C 461 0.58 -2.65 -39.02
CA TRP C 461 1.29 -3.79 -38.48
C TRP C 461 2.67 -3.95 -39.09
N VAL C 462 2.80 -3.67 -40.39
CA VAL C 462 4.10 -3.78 -41.04
C VAL C 462 5.06 -2.72 -40.51
N SER C 463 4.56 -1.51 -40.28
CA SER C 463 5.42 -0.43 -39.84
C SER C 463 5.99 -0.64 -38.43
N TYR C 464 5.38 -1.51 -37.64
CA TYR C 464 5.84 -1.77 -36.28
C TYR C 464 6.44 -3.15 -36.10
N LEU C 465 5.73 -4.21 -36.52
CA LEU C 465 6.30 -5.55 -36.42
C LEU C 465 7.53 -5.73 -37.31
N TYR C 466 7.68 -4.89 -38.33
CA TYR C 466 8.85 -4.94 -39.20
C TYR C 466 9.40 -3.54 -39.42
N LEU C 467 10.35 -3.40 -40.35
CA LEU C 467 10.98 -2.12 -40.65
C LEU C 467 11.62 -1.50 -39.42
N GLY D 32 19.14 -20.60 41.78
CA GLY D 32 18.78 -19.77 42.92
C GLY D 32 19.74 -18.64 43.17
N ASN D 33 21.02 -18.97 43.26
CA ASN D 33 22.07 -17.97 43.48
C ASN D 33 22.31 -17.21 42.19
N MET D 34 21.81 -15.97 42.12
CA MET D 34 21.98 -15.18 40.91
C MET D 34 23.45 -14.84 40.67
N SER D 35 24.20 -14.60 41.75
CA SER D 35 25.63 -14.34 41.60
C SER D 35 26.35 -15.55 41.02
N PHE D 36 25.99 -16.75 41.47
CA PHE D 36 26.58 -17.96 40.92
C PHE D 36 26.23 -18.11 39.44
N VAL D 37 24.98 -17.84 39.08
CA VAL D 37 24.59 -17.88 37.67
C VAL D 37 25.31 -16.80 36.88
N LYS D 38 25.44 -15.60 37.46
CA LYS D 38 26.11 -14.51 36.77
C LYS D 38 27.57 -14.85 36.48
N GLU D 39 28.26 -15.45 37.45
CA GLU D 39 29.64 -15.85 37.24
C GLU D 39 29.73 -16.91 36.14
N THR D 40 28.79 -17.86 36.13
CA THR D 40 28.81 -18.91 35.12
C THR D 40 28.64 -18.32 33.72
N VAL D 41 27.68 -17.40 33.56
CA VAL D 41 27.44 -16.80 32.25
C VAL D 41 28.62 -15.95 31.82
N ASP D 42 29.20 -15.19 32.74
CA ASP D 42 30.36 -14.37 32.40
C ASP D 42 31.54 -15.22 31.98
N LYS D 43 31.73 -16.37 32.63
CA LYS D 43 32.80 -17.27 32.23
C LYS D 43 32.58 -17.81 30.82
N LEU D 44 31.34 -18.13 30.47
CA LEU D 44 31.05 -18.66 29.14
C LEU D 44 31.38 -17.63 28.06
N LEU D 45 31.04 -16.36 28.29
CA LEU D 45 31.28 -15.33 27.30
C LEU D 45 32.71 -14.80 27.33
N LYS D 46 33.50 -15.18 28.33
CA LYS D 46 34.89 -14.72 28.42
C LYS D 46 35.74 -15.49 27.43
N GLY D 47 36.38 -14.77 26.51
CA GLY D 47 37.17 -15.39 25.47
C GLY D 47 36.38 -15.97 24.32
N TYR D 48 35.05 -15.82 24.33
CA TYR D 48 34.23 -16.35 23.26
C TYR D 48 34.41 -15.52 22.00
N ASP D 49 34.70 -16.18 20.89
CA ASP D 49 34.92 -15.53 19.60
C ASP D 49 33.71 -15.79 18.72
N ILE D 50 32.89 -14.75 18.50
CA ILE D 50 31.74 -14.88 17.63
C ILE D 50 32.14 -15.11 16.18
N ARG D 51 33.37 -14.75 15.81
CA ARG D 51 33.81 -14.90 14.43
C ARG D 51 34.03 -16.36 14.05
N LEU D 52 34.21 -17.24 15.02
CA LEU D 52 34.52 -18.65 14.76
C LEU D 52 33.31 -19.52 15.08
N ARG D 53 32.94 -20.36 14.13
CA ARG D 53 31.82 -21.28 14.34
C ARG D 53 32.22 -22.37 15.33
N PRO D 54 31.23 -23.03 15.95
CA PRO D 54 31.56 -24.18 16.80
C PRO D 54 32.25 -25.27 16.00
N ASP D 55 33.20 -25.93 16.65
CA ASP D 55 34.02 -26.97 16.02
C ASP D 55 34.70 -26.45 14.75
N PHE D 56 35.27 -25.25 14.86
CA PHE D 56 35.98 -24.65 13.74
C PHE D 56 37.14 -25.55 13.33
N GLY D 57 37.22 -25.83 12.03
CA GLY D 57 38.24 -26.72 11.51
C GLY D 57 37.94 -28.20 11.70
N GLY D 58 36.79 -28.55 12.27
CA GLY D 58 36.43 -29.93 12.49
C GLY D 58 35.21 -30.34 11.69
N PRO D 59 34.44 -31.29 12.21
CA PRO D 59 33.24 -31.73 11.51
C PRO D 59 32.24 -30.60 11.44
N PRO D 60 31.41 -30.57 10.40
CA PRO D 60 30.39 -29.52 10.29
C PRO D 60 29.38 -29.62 11.43
N VAL D 61 28.92 -28.46 11.87
CA VAL D 61 27.93 -28.39 12.95
C VAL D 61 26.55 -28.63 12.36
N CYS D 62 25.81 -29.56 12.96
CA CYS D 62 24.47 -29.88 12.50
C CYS D 62 23.47 -28.93 13.15
N VAL D 63 22.68 -28.25 12.34
CA VAL D 63 21.69 -27.28 12.80
C VAL D 63 20.31 -27.82 12.49
N GLY D 64 19.51 -28.04 13.54
CA GLY D 64 18.14 -28.48 13.37
C GLY D 64 17.18 -27.31 13.40
N MET D 65 16.24 -27.32 12.46
CA MET D 65 15.31 -26.21 12.28
C MET D 65 13.88 -26.71 12.36
N ASN D 66 13.03 -25.96 13.07
CA ASN D 66 11.61 -26.21 13.10
C ASN D 66 10.90 -24.87 12.96
N ILE D 67 9.75 -24.89 12.27
CA ILE D 67 9.01 -23.67 11.96
C ILE D 67 7.59 -23.84 12.47
N ASP D 68 7.10 -22.83 13.20
CA ASP D 68 5.71 -22.77 13.62
C ASP D 68 5.05 -21.62 12.88
N ILE D 69 4.19 -21.95 11.92
CA ILE D 69 3.55 -20.94 11.09
C ILE D 69 2.52 -20.18 11.91
N ALA D 70 2.58 -18.85 11.86
CA ALA D 70 1.58 -18.03 12.52
C ALA D 70 0.43 -17.69 11.57
N SER D 71 0.74 -17.27 10.35
CA SER D 71 -0.27 -16.94 9.36
C SER D 71 0.41 -16.74 8.01
N ILE D 72 -0.39 -16.90 6.96
CA ILE D 72 -0.01 -16.50 5.61
C ILE D 72 -0.91 -15.32 5.26
N ASP D 73 -0.40 -14.10 5.43
CA ASP D 73 -1.25 -12.92 5.35
C ASP D 73 -1.80 -12.71 3.95
N MET D 74 -0.92 -12.70 2.94
CA MET D 74 -1.33 -12.33 1.59
C MET D 74 -0.72 -13.27 0.58
N VAL D 75 -1.44 -13.49 -0.52
CA VAL D 75 -0.92 -14.15 -1.71
C VAL D 75 -1.25 -13.24 -2.88
N SER D 76 -0.21 -12.70 -3.52
CA SER D 76 -0.37 -11.68 -4.55
C SER D 76 -0.03 -12.29 -5.90
N GLU D 77 -1.01 -12.30 -6.81
CA GLU D 77 -0.75 -12.77 -8.17
C GLU D 77 0.00 -11.71 -8.97
N VAL D 78 -0.32 -10.43 -8.76
CA VAL D 78 0.34 -9.37 -9.52
C VAL D 78 1.83 -9.31 -9.19
N ASN D 79 2.18 -9.43 -7.90
CA ASN D 79 3.57 -9.40 -7.49
C ASN D 79 4.21 -10.78 -7.47
N MET D 80 3.43 -11.85 -7.63
CA MET D 80 3.91 -13.22 -7.61
C MET D 80 4.74 -13.49 -6.35
N ASP D 81 4.12 -13.25 -5.21
CA ASP D 81 4.77 -13.46 -3.92
C ASP D 81 3.70 -13.66 -2.85
N TYR D 82 4.14 -14.16 -1.70
CA TYR D 82 3.25 -14.35 -0.56
C TYR D 82 3.96 -13.88 0.70
N THR D 83 3.17 -13.47 1.69
CA THR D 83 3.70 -12.98 2.96
C THR D 83 3.46 -14.02 4.04
N LEU D 84 4.53 -14.37 4.77
CA LEU D 84 4.49 -15.45 5.75
C LEU D 84 5.01 -14.93 7.08
N THR D 85 4.28 -15.24 8.15
CA THR D 85 4.70 -14.95 9.52
C THR D 85 4.88 -16.27 10.26
N MET D 86 6.02 -16.44 10.90
CA MET D 86 6.37 -17.74 11.48
C MET D 86 7.30 -17.56 12.66
N TYR D 87 7.37 -18.60 13.49
CA TYR D 87 8.33 -18.70 14.57
C TYR D 87 9.45 -19.61 14.09
N PHE D 88 10.59 -19.02 13.74
CA PHE D 88 11.72 -19.75 13.18
C PHE D 88 12.69 -20.08 14.32
N GLN D 89 12.96 -21.38 14.50
CA GLN D 89 13.80 -21.86 15.59
C GLN D 89 14.93 -22.71 15.05
N GLN D 90 16.11 -22.58 15.64
CA GLN D 90 17.29 -23.31 15.23
C GLN D 90 17.91 -24.01 16.44
N TYR D 91 18.34 -25.25 16.23
N TYR D 91 18.43 -25.21 16.20
CA TYR D 91 18.94 -26.07 17.27
CA TYR D 91 18.92 -26.09 17.26
C TYR D 91 20.35 -26.46 16.86
C TYR D 91 20.34 -26.54 16.89
N TRP D 92 21.32 -26.21 17.73
CA TRP D 92 22.69 -26.63 17.47
C TRP D 92 23.44 -26.72 18.78
N ARG D 93 24.60 -27.38 18.74
CA ARG D 93 25.44 -27.59 19.90
C ARG D 93 26.71 -26.76 19.77
N ASP D 94 27.03 -26.00 20.81
CA ASP D 94 28.27 -25.23 20.89
C ASP D 94 28.98 -25.63 22.17
N LYS D 95 30.07 -26.41 22.04
CA LYS D 95 30.80 -26.87 23.21
C LYS D 95 31.42 -25.71 23.98
N ARG D 96 31.68 -24.57 23.33
CA ARG D 96 32.19 -23.41 24.05
C ARG D 96 31.19 -22.89 25.07
N LEU D 97 29.91 -23.17 24.91
CA LEU D 97 28.87 -22.69 25.81
C LEU D 97 28.43 -23.75 26.81
N ALA D 98 29.09 -24.90 26.85
CA ALA D 98 28.75 -25.92 27.82
C ALA D 98 29.07 -25.46 29.22
N TYR D 99 28.14 -25.68 30.15
CA TYR D 99 28.31 -25.30 31.55
C TYR D 99 27.91 -26.45 32.45
N SER D 100 28.50 -26.48 33.65
CA SER D 100 28.28 -27.54 34.60
C SER D 100 27.87 -26.97 35.94
N GLY D 101 27.18 -27.79 36.73
CA GLY D 101 26.75 -27.41 38.06
C GLY D 101 25.40 -26.74 38.13
N ILE D 102 24.77 -26.45 37.00
CA ILE D 102 23.46 -25.81 36.96
C ILE D 102 22.52 -26.74 36.21
N PRO D 103 21.68 -27.50 36.91
CA PRO D 103 20.74 -28.43 36.27
C PRO D 103 19.47 -27.75 35.75
N LEU D 104 19.64 -26.68 34.98
CA LEU D 104 18.53 -25.92 34.44
C LEU D 104 18.85 -25.46 33.03
N ASN D 105 17.80 -25.19 32.27
CA ASN D 105 17.92 -24.58 30.95
C ASN D 105 17.83 -23.06 31.12
N LEU D 106 18.92 -22.38 30.83
CA LEU D 106 19.01 -20.94 31.07
C LEU D 106 18.34 -20.18 29.93
N THR D 107 17.20 -19.55 30.23
CA THR D 107 16.53 -18.68 29.28
C THR D 107 17.05 -17.26 29.50
N LEU D 108 17.85 -16.77 28.56
CA LEU D 108 18.53 -15.49 28.71
C LEU D 108 17.79 -14.40 27.93
N ASP D 109 18.18 -13.16 28.21
CA ASP D 109 17.64 -12.03 27.47
C ASP D 109 18.05 -12.11 26.00
N ASN D 110 17.17 -11.63 25.12
CA ASN D 110 17.43 -11.72 23.69
C ASN D 110 18.68 -10.96 23.28
N ARG D 111 19.13 -10.00 24.09
CA ARG D 111 20.34 -9.24 23.76
C ARG D 111 21.61 -10.06 23.90
N VAL D 112 21.55 -11.24 24.53
CA VAL D 112 22.73 -12.09 24.63
C VAL D 112 23.06 -12.75 23.29
N ALA D 113 22.10 -12.78 22.35
CA ALA D 113 22.36 -13.38 21.06
C ALA D 113 23.44 -12.62 20.30
N ASP D 114 23.60 -11.34 20.57
CA ASP D 114 24.64 -10.56 19.91
C ASP D 114 26.04 -10.98 20.34
N GLN D 115 26.16 -11.67 21.47
CA GLN D 115 27.46 -12.14 21.97
C GLN D 115 27.70 -13.62 21.67
N LEU D 116 26.84 -14.24 20.87
CA LEU D 116 26.95 -15.66 20.56
C LEU D 116 27.02 -15.86 19.05
N TRP D 117 27.59 -16.98 18.65
CA TRP D 117 27.59 -17.38 17.25
C TRP D 117 26.23 -17.95 16.87
N VAL D 118 25.71 -17.50 15.75
CA VAL D 118 24.44 -18.03 15.22
C VAL D 118 24.64 -18.38 13.75
N PRO D 119 23.93 -19.37 13.22
CA PRO D 119 24.09 -19.71 11.81
C PRO D 119 23.67 -18.56 10.91
N ASP D 120 24.36 -18.44 9.77
CA ASP D 120 24.04 -17.39 8.81
C ASP D 120 22.87 -17.81 7.92
N THR D 121 21.77 -18.20 8.55
CA THR D 121 20.62 -18.68 7.80
C THR D 121 19.92 -17.53 7.10
N TYR D 122 19.59 -17.72 5.83
CA TYR D 122 18.86 -16.73 5.06
C TYR D 122 17.88 -17.44 4.14
N PHE D 123 16.87 -16.72 3.70
CA PHE D 123 15.86 -17.26 2.79
C PHE D 123 16.18 -16.81 1.38
N LEU D 124 16.45 -17.78 0.50
CA LEU D 124 16.94 -17.46 -0.83
C LEU D 124 15.87 -16.78 -1.68
N ASN D 125 14.61 -17.14 -1.50
CA ASN D 125 13.53 -16.65 -2.36
C ASN D 125 12.73 -15.52 -1.72
N ASP D 126 13.22 -14.94 -0.64
CA ASP D 126 12.49 -13.86 0.01
C ASP D 126 12.72 -12.54 -0.71
N LYS D 127 11.74 -11.64 -0.60
CA LYS D 127 11.84 -10.32 -1.20
C LYS D 127 11.96 -9.21 -0.17
N LYS D 128 11.34 -9.36 0.99
CA LYS D 128 11.42 -8.36 2.05
C LYS D 128 11.06 -9.04 3.36
N SER D 129 11.97 -9.03 4.32
CA SER D 129 11.77 -9.71 5.60
C SER D 129 12.24 -8.81 6.73
N PHE D 130 11.64 -9.01 7.90
CA PHE D 130 12.03 -8.26 9.09
C PHE D 130 11.69 -9.09 10.32
N VAL D 131 12.32 -8.74 11.43
CA VAL D 131 12.06 -9.36 12.72
C VAL D 131 11.29 -8.37 13.57
N HIS D 132 10.15 -8.82 14.11
CA HIS D 132 9.32 -7.94 14.94
C HIS D 132 10.09 -7.47 16.15
N GLY D 133 9.94 -6.18 16.48
CA GLY D 133 10.70 -5.60 17.57
C GLY D 133 9.87 -4.88 18.62
N VAL D 134 8.61 -5.30 18.78
CA VAL D 134 7.72 -4.73 19.78
C VAL D 134 7.24 -5.86 20.68
N THR D 135 7.40 -5.69 21.99
CA THR D 135 7.99 -4.49 22.59
C THR D 135 9.50 -4.54 22.56
N VAL D 136 10.04 -5.74 22.32
CA VAL D 136 11.46 -5.96 22.11
C VAL D 136 11.60 -6.84 20.88
N LYS D 137 12.84 -7.06 20.46
CA LYS D 137 13.08 -7.98 19.35
C LYS D 137 12.57 -9.36 19.71
N ASN D 138 11.67 -9.90 18.88
CA ASN D 138 11.06 -11.19 19.16
C ASN D 138 12.10 -12.26 18.92
N ARG D 139 12.99 -12.41 19.91
CA ARG D 139 14.13 -13.30 19.82
C ARG D 139 14.29 -14.04 21.13
N MET D 140 14.67 -15.31 21.05
CA MET D 140 14.80 -16.16 22.22
C MET D 140 16.13 -16.90 22.17
N ILE D 141 16.84 -16.91 23.30
CA ILE D 141 18.05 -17.69 23.47
C ILE D 141 17.88 -18.55 24.71
N ARG D 142 18.00 -19.87 24.54
CA ARG D 142 17.88 -20.81 25.65
C ARG D 142 19.06 -21.77 25.59
N LEU D 143 19.86 -21.77 26.64
CA LEU D 143 21.04 -22.62 26.71
C LEU D 143 20.74 -23.90 27.47
N HIS D 144 21.58 -24.90 27.23
CA HIS D 144 21.46 -26.20 27.87
C HIS D 144 22.83 -26.61 28.43
N PRO D 145 22.85 -27.46 29.45
CA PRO D 145 24.13 -27.80 30.09
C PRO D 145 25.15 -28.39 29.15
N ASP D 146 24.72 -29.13 28.13
CA ASP D 146 25.65 -29.76 27.20
C ASP D 146 26.15 -28.83 26.11
N GLY D 147 25.69 -27.58 26.09
CA GLY D 147 26.06 -26.64 25.06
C GLY D 147 25.04 -26.47 23.96
N THR D 148 23.88 -27.12 24.07
CA THR D 148 22.83 -26.96 23.08
C THR D 148 22.21 -25.58 23.18
N VAL D 149 22.04 -24.92 22.03
CA VAL D 149 21.51 -23.57 21.96
C VAL D 149 20.19 -23.61 21.19
N LEU D 150 19.16 -23.02 21.77
CA LEU D 150 17.88 -22.84 21.11
C LEU D 150 17.72 -21.37 20.77
N TYR D 151 17.56 -21.09 19.48
CA TYR D 151 17.52 -19.72 18.97
C TYR D 151 16.23 -19.55 18.16
N GLY D 152 15.30 -18.77 18.70
CA GLY D 152 14.00 -18.58 18.08
C GLY D 152 13.80 -17.13 17.62
N LEU D 153 13.17 -16.97 16.47
CA LEU D 153 12.87 -15.67 15.91
C LEU D 153 11.46 -15.67 15.35
N ARG D 154 10.77 -14.55 15.52
CA ARG D 154 9.46 -14.34 14.89
C ARG D 154 9.69 -13.45 13.68
N ILE D 155 9.50 -14.01 12.49
CA ILE D 155 9.90 -13.38 11.24
C ILE D 155 8.68 -13.25 10.34
N THR D 156 8.50 -12.07 9.77
CA THR D 156 7.53 -11.85 8.70
C THR D 156 8.30 -11.68 7.40
N THR D 157 8.04 -12.56 6.44
CA THR D 157 8.81 -12.61 5.21
C THR D 157 7.89 -12.59 4.01
N THR D 158 8.30 -11.87 2.96
CA THR D 158 7.63 -11.87 1.67
C THR D 158 8.51 -12.65 0.69
N ALA D 159 8.05 -13.82 0.28
CA ALA D 159 8.82 -14.73 -0.55
C ALA D 159 8.20 -14.84 -1.93
N ALA D 160 9.05 -14.80 -2.96
CA ALA D 160 8.59 -14.91 -4.33
C ALA D 160 8.01 -16.29 -4.60
N CYS D 161 7.00 -16.34 -5.47
CA CYS D 161 6.37 -17.60 -5.85
C CYS D 161 5.87 -17.45 -7.28
N MET D 162 6.64 -17.96 -8.24
CA MET D 162 6.19 -17.95 -9.63
C MET D 162 4.93 -18.79 -9.79
N MET D 163 3.95 -18.23 -10.49
CA MET D 163 2.63 -18.85 -10.61
C MET D 163 2.33 -19.13 -12.08
N ASP D 164 1.86 -20.34 -12.35
CA ASP D 164 1.41 -20.72 -13.69
C ASP D 164 -0.08 -20.42 -13.77
N LEU D 165 -0.43 -19.35 -14.48
CA LEU D 165 -1.81 -18.89 -14.56
C LEU D 165 -2.50 -19.33 -15.83
N ARG D 166 -1.98 -20.36 -16.51
CA ARG D 166 -2.64 -20.87 -17.70
C ARG D 166 -4.04 -21.39 -17.39
N ARG D 167 -4.20 -22.06 -16.25
CA ARG D 167 -5.48 -22.60 -15.83
C ARG D 167 -6.21 -21.70 -14.86
N TYR D 168 -5.75 -20.46 -14.70
CA TYR D 168 -6.41 -19.52 -13.80
C TYR D 168 -7.84 -19.28 -14.26
N PRO D 169 -8.81 -19.18 -13.34
CA PRO D 169 -8.66 -19.28 -11.88
C PRO D 169 -8.85 -20.68 -11.32
N LEU D 170 -8.70 -21.70 -12.16
CA LEU D 170 -8.78 -23.10 -11.71
C LEU D 170 -7.40 -23.71 -11.58
N ASP D 171 -6.43 -22.92 -11.13
CA ASP D 171 -5.03 -23.31 -11.07
C ASP D 171 -4.64 -23.78 -9.68
N GLU D 172 -3.55 -24.54 -9.62
CA GLU D 172 -2.95 -25.00 -8.38
C GLU D 172 -1.51 -24.53 -8.34
N GLN D 173 -1.12 -23.92 -7.22
CA GLN D 173 0.18 -23.28 -7.11
C GLN D 173 1.04 -23.99 -6.08
N ASN D 174 2.34 -24.02 -6.33
CA ASN D 174 3.34 -24.61 -5.43
C ASN D 174 4.30 -23.50 -5.02
N CYS D 175 4.03 -22.89 -3.86
CA CYS D 175 4.87 -21.83 -3.32
C CYS D 175 5.83 -22.40 -2.29
N THR D 176 7.11 -22.13 -2.46
CA THR D 176 8.15 -22.70 -1.63
C THR D 176 8.82 -21.63 -0.77
N LEU D 177 9.53 -22.10 0.26
CA LEU D 177 10.35 -21.25 1.11
C LEU D 177 11.72 -21.91 1.22
N GLU D 178 12.73 -21.32 0.58
CA GLU D 178 14.05 -21.90 0.51
C GLU D 178 14.90 -21.40 1.65
N ILE D 179 15.43 -22.33 2.45
CA ILE D 179 16.27 -22.02 3.61
C ILE D 179 17.67 -22.52 3.32
N GLU D 180 18.66 -21.63 3.45
CA GLU D 180 20.02 -21.97 3.06
C GLU D 180 21.01 -21.17 3.90
N SER D 181 22.18 -21.75 4.11
CA SER D 181 23.27 -21.02 4.74
C SER D 181 23.97 -20.13 3.71
N TYR D 182 24.29 -18.91 4.12
CA TYR D 182 24.81 -17.94 3.16
C TYR D 182 26.29 -18.18 2.88
N GLY D 183 27.11 -18.26 3.92
CA GLY D 183 28.54 -18.32 3.72
C GLY D 183 29.18 -19.67 3.98
N TYR D 184 28.59 -20.45 4.90
CA TYR D 184 29.16 -21.72 5.28
C TYR D 184 28.70 -22.82 4.35
N THR D 185 29.65 -23.56 3.79
CA THR D 185 29.34 -24.68 2.90
C THR D 185 28.97 -25.91 3.72
N THR D 186 28.70 -27.02 3.02
CA THR D 186 28.38 -28.26 3.69
C THR D 186 29.55 -28.80 4.51
N ASP D 187 30.78 -28.39 4.19
CA ASP D 187 31.92 -28.78 4.99
C ASP D 187 31.91 -28.14 6.37
N ASP D 188 31.26 -26.99 6.53
CA ASP D 188 31.26 -26.26 7.78
C ASP D 188 29.93 -26.35 8.54
N ILE D 189 28.81 -26.51 7.85
CA ILE D 189 27.51 -26.52 8.50
C ILE D 189 26.58 -27.47 7.74
N GLU D 190 25.61 -28.02 8.45
CA GLU D 190 24.62 -28.92 7.86
C GLU D 190 23.25 -28.63 8.48
N PHE D 191 22.22 -28.67 7.65
CA PHE D 191 20.86 -28.41 8.07
C PHE D 191 20.03 -29.69 8.00
N TYR D 192 19.09 -29.81 8.92
CA TYR D 192 18.14 -30.91 8.90
C TYR D 192 16.84 -30.46 9.56
N TRP D 193 15.74 -31.10 9.19
CA TRP D 193 14.44 -30.81 9.79
C TRP D 193 14.36 -31.54 11.13
N ARG D 194 14.32 -30.78 12.22
CA ARG D 194 14.23 -31.37 13.55
C ARG D 194 12.82 -31.88 13.77
N GLY D 195 12.67 -33.19 13.88
CA GLY D 195 11.37 -33.82 14.00
C GLY D 195 10.85 -34.44 12.71
N GLY D 196 11.64 -34.46 11.65
CA GLY D 196 11.20 -35.07 10.41
C GLY D 196 10.05 -34.29 9.81
N ASP D 197 8.97 -35.02 9.47
CA ASP D 197 7.81 -34.40 8.84
C ASP D 197 7.00 -33.54 9.81
N LYS D 198 7.28 -33.60 11.11
CA LYS D 198 6.61 -32.79 12.10
C LYS D 198 7.34 -31.50 12.42
N ALA D 199 8.41 -31.20 11.67
CA ALA D 199 9.22 -30.02 11.96
C ALA D 199 8.44 -28.73 11.75
N VAL D 200 7.42 -28.74 10.89
CA VAL D 200 6.61 -27.56 10.59
C VAL D 200 5.20 -27.81 11.09
N THR D 201 4.73 -26.92 11.95
CA THR D 201 3.40 -27.00 12.54
C THR D 201 2.62 -25.73 12.24
N GLY D 202 1.33 -25.77 12.57
CA GLY D 202 0.47 -24.62 12.38
C GLY D 202 -0.06 -24.43 10.98
N VAL D 203 0.14 -25.40 10.08
CA VAL D 203 -0.36 -25.27 8.72
C VAL D 203 -1.89 -25.22 8.71
N GLU D 204 -2.52 -26.00 9.59
CA GLU D 204 -3.98 -26.02 9.66
C GLU D 204 -4.56 -24.69 10.10
N ARG D 205 -3.77 -23.86 10.80
CA ARG D 205 -4.27 -22.56 11.25
C ARG D 205 -4.36 -21.55 10.12
N ILE D 206 -3.69 -21.82 9.00
CA ILE D 206 -3.68 -20.87 7.89
C ILE D 206 -5.07 -20.78 7.29
N GLU D 207 -5.58 -19.55 7.17
CA GLU D 207 -6.92 -19.30 6.63
C GLU D 207 -6.80 -18.23 5.55
N LEU D 208 -6.53 -18.67 4.32
CA LEU D 208 -6.50 -17.78 3.18
C LEU D 208 -7.90 -17.66 2.59
N PRO D 209 -8.45 -16.46 2.45
CA PRO D 209 -9.79 -16.33 1.86
C PRO D 209 -9.87 -16.85 0.43
N GLN D 210 -8.79 -16.73 -0.35
CA GLN D 210 -8.83 -17.10 -1.75
C GLN D 210 -8.23 -18.47 -2.04
N PHE D 211 -7.47 -19.04 -1.10
CA PHE D 211 -6.79 -20.30 -1.33
C PHE D 211 -7.05 -21.28 -0.19
N SER D 212 -6.84 -22.56 -0.49
CA SER D 212 -6.89 -23.61 0.51
C SER D 212 -5.59 -24.40 0.45
N ILE D 213 -5.05 -24.73 1.63
CA ILE D 213 -3.76 -25.42 1.73
C ILE D 213 -4.03 -26.90 1.48
N VAL D 214 -3.72 -27.37 0.28
CA VAL D 214 -3.92 -28.78 -0.03
C VAL D 214 -2.91 -29.65 0.70
N GLU D 215 -1.63 -29.26 0.65
CA GLU D 215 -0.58 -30.08 1.21
C GLU D 215 0.66 -29.23 1.44
N HIS D 216 1.51 -29.68 2.34
CA HIS D 216 2.83 -29.08 2.56
C HIS D 216 3.87 -30.19 2.62
N ARG D 217 5.07 -29.88 2.14
CA ARG D 217 6.15 -30.85 2.06
C ARG D 217 7.43 -30.27 2.62
N LEU D 218 8.28 -31.13 3.14
CA LEU D 218 9.59 -30.76 3.66
C LEU D 218 10.67 -31.47 2.85
N VAL D 219 11.62 -30.70 2.33
CA VAL D 219 12.66 -31.22 1.45
C VAL D 219 14.02 -30.77 1.99
N SER D 220 14.96 -31.72 2.05
CA SER D 220 16.33 -31.44 2.42
C SER D 220 17.25 -31.87 1.28
N ARG D 221 18.16 -30.99 0.87
CA ARG D 221 19.05 -31.29 -0.23
C ARG D 221 20.25 -30.35 -0.16
N ASN D 222 21.22 -30.61 -1.04
CA ASN D 222 22.43 -29.81 -1.15
C ASN D 222 22.44 -29.10 -2.49
N VAL D 223 22.69 -27.79 -2.48
CA VAL D 223 22.73 -26.97 -3.68
C VAL D 223 24.17 -26.56 -3.94
N VAL D 224 24.64 -26.75 -5.16
CA VAL D 224 26.03 -26.47 -5.54
C VAL D 224 26.08 -25.15 -6.30
N PHE D 225 26.96 -24.26 -5.86
CA PHE D 225 27.23 -23.00 -6.52
C PHE D 225 28.69 -22.95 -6.94
N ALA D 226 29.09 -21.80 -7.51
CA ALA D 226 30.49 -21.61 -7.88
C ALA D 226 31.40 -21.56 -6.66
N THR D 227 30.90 -21.05 -5.54
CA THR D 227 31.68 -20.95 -4.33
C THR D 227 31.69 -22.25 -3.52
N GLY D 228 30.91 -23.24 -3.91
CA GLY D 228 30.87 -24.52 -3.22
C GLY D 228 29.45 -25.03 -3.11
N ALA D 229 29.30 -26.10 -2.34
CA ALA D 229 28.01 -26.74 -2.11
C ALA D 229 27.45 -26.29 -0.77
N TYR D 230 26.18 -25.90 -0.76
CA TYR D 230 25.56 -25.38 0.44
C TYR D 230 24.35 -26.22 0.84
N PRO D 231 24.10 -26.40 2.13
CA PRO D 231 22.89 -27.12 2.56
C PRO D 231 21.65 -26.31 2.25
N ARG D 232 20.55 -27.02 2.01
CA ARG D 232 19.30 -26.40 1.64
C ARG D 232 18.14 -27.11 2.31
N LEU D 233 17.22 -26.34 2.88
CA LEU D 233 15.96 -26.84 3.40
C LEU D 233 14.83 -26.10 2.68
N SER D 234 13.84 -26.86 2.22
CA SER D 234 12.75 -26.31 1.43
C SER D 234 11.42 -26.64 2.07
N LEU D 235 10.59 -25.63 2.26
CA LEU D 235 9.22 -25.79 2.73
C LEU D 235 8.29 -25.28 1.64
N SER D 236 7.41 -26.15 1.16
CA SER D 236 6.55 -25.82 0.03
C SER D 236 5.09 -26.07 0.39
N PHE D 237 4.22 -25.19 -0.09
CA PHE D 237 2.78 -25.32 0.10
C PHE D 237 2.11 -25.44 -1.27
N ARG D 238 1.17 -26.37 -1.39
CA ARG D 238 0.36 -26.50 -2.60
C ARG D 238 -0.97 -25.79 -2.35
N LEU D 239 -1.20 -24.71 -3.09
CA LEU D 239 -2.37 -23.87 -2.92
C LEU D 239 -3.35 -24.10 -4.06
N LYS D 240 -4.63 -24.27 -3.71
CA LYS D 240 -5.69 -24.41 -4.69
C LYS D 240 -6.62 -23.22 -4.57
N ARG D 241 -6.80 -22.49 -5.67
CA ARG D 241 -7.64 -21.30 -5.66
C ARG D 241 -9.11 -21.68 -5.53
N ASN D 242 -9.84 -20.92 -4.73
CA ASN D 242 -11.26 -21.15 -4.55
C ASN D 242 -12.03 -20.56 -5.73
N ILE D 243 -12.80 -21.41 -6.42
CA ILE D 243 -13.50 -21.00 -7.64
C ILE D 243 -14.81 -20.30 -7.36
N GLY D 244 -15.32 -20.37 -6.13
CA GLY D 244 -16.66 -19.87 -5.86
C GLY D 244 -16.81 -18.38 -6.14
N TYR D 245 -15.82 -17.58 -5.77
CA TYR D 245 -15.92 -16.14 -5.97
C TYR D 245 -15.99 -15.80 -7.44
N PHE D 246 -15.16 -16.44 -8.27
CA PHE D 246 -15.10 -16.08 -9.68
C PHE D 246 -16.32 -16.57 -10.45
N ILE D 247 -16.92 -17.68 -10.01
CA ILE D 247 -18.12 -18.18 -10.68
C ILE D 247 -19.25 -17.17 -10.57
N LEU D 248 -19.46 -16.63 -9.37
CA LEU D 248 -20.55 -15.68 -9.16
C LEU D 248 -20.23 -14.32 -9.77
N GLN D 249 -18.99 -13.86 -9.61
CA GLN D 249 -18.63 -12.50 -10.01
C GLN D 249 -18.48 -12.38 -11.53
N THR D 250 -17.92 -13.39 -12.19
CA THR D 250 -17.54 -13.28 -13.59
C THR D 250 -18.35 -14.17 -14.51
N TYR D 251 -18.40 -15.47 -14.23
CA TYR D 251 -19.03 -16.40 -15.18
C TYR D 251 -20.54 -16.16 -15.27
N MET D 252 -21.21 -16.00 -14.13
CA MET D 252 -22.65 -15.81 -14.16
C MET D 252 -23.08 -14.56 -14.93
N PRO D 253 -22.48 -13.38 -14.72
CA PRO D 253 -22.87 -12.24 -15.57
C PRO D 253 -22.63 -12.48 -17.05
N SER D 254 -21.53 -13.15 -17.41
CA SER D 254 -21.25 -13.40 -18.82
C SER D 254 -22.26 -14.36 -19.43
N ILE D 255 -22.63 -15.41 -18.69
CA ILE D 255 -23.59 -16.37 -19.21
C ILE D 255 -24.95 -15.71 -19.41
N LEU D 256 -25.39 -14.92 -18.42
CA LEU D 256 -26.70 -14.29 -18.51
C LEU D 256 -26.77 -13.30 -19.67
N ILE D 257 -25.69 -12.54 -19.90
CA ILE D 257 -25.67 -11.63 -21.02
C ILE D 257 -25.73 -12.39 -22.34
N THR D 258 -24.96 -13.48 -22.45
CA THR D 258 -24.98 -14.28 -23.67
C THR D 258 -26.37 -14.86 -23.91
N ILE D 259 -27.02 -15.37 -22.86
CA ILE D 259 -28.40 -15.82 -22.99
C ILE D 259 -29.30 -14.64 -23.35
N LEU D 260 -29.03 -13.48 -22.77
CA LEU D 260 -29.83 -12.29 -23.05
C LEU D 260 -29.71 -11.88 -24.51
N SER D 261 -28.56 -12.14 -25.14
CA SER D 261 -28.41 -11.82 -26.55
C SER D 261 -29.29 -12.72 -27.42
N TRP D 262 -29.55 -13.95 -26.98
CA TRP D 262 -30.40 -14.85 -27.74
C TRP D 262 -31.85 -14.40 -27.74
N VAL D 263 -32.23 -13.49 -26.83
CA VAL D 263 -33.59 -12.97 -26.80
C VAL D 263 -33.92 -12.27 -28.11
N SER D 264 -32.90 -11.73 -28.79
CA SER D 264 -33.12 -11.05 -30.06
C SER D 264 -33.73 -11.98 -31.10
N PHE D 265 -33.43 -13.28 -31.03
CA PHE D 265 -33.98 -14.22 -31.99
C PHE D 265 -35.50 -14.32 -31.86
N TRP D 266 -36.01 -14.30 -30.63
CA TRP D 266 -37.45 -14.32 -30.43
C TRP D 266 -38.10 -13.06 -31.00
N ILE D 267 -37.43 -11.92 -30.89
CA ILE D 267 -38.00 -10.66 -31.33
C ILE D 267 -38.26 -10.69 -32.83
N ASN D 268 -39.37 -10.07 -33.24
CA ASN D 268 -39.74 -10.04 -34.64
C ASN D 268 -38.71 -9.26 -35.46
N TYR D 269 -38.59 -9.62 -36.74
CA TYR D 269 -37.56 -9.04 -37.59
C TYR D 269 -37.81 -7.58 -37.89
N ASP D 270 -39.07 -7.14 -37.90
CA ASP D 270 -39.35 -5.75 -38.24
C ASP D 270 -38.94 -4.79 -37.14
N ALA D 271 -38.73 -5.28 -35.92
CA ALA D 271 -38.31 -4.44 -34.80
C ALA D 271 -36.81 -4.17 -34.92
N SER D 272 -36.47 -3.41 -35.95
CA SER D 272 -35.07 -3.09 -36.21
C SER D 272 -34.46 -2.28 -35.07
N ALA D 273 -35.20 -1.30 -34.55
CA ALA D 273 -34.69 -0.51 -33.44
C ALA D 273 -34.49 -1.38 -32.20
N ALA D 274 -35.43 -2.30 -31.93
CA ALA D 274 -35.33 -3.13 -30.74
C ALA D 274 -34.18 -4.12 -30.84
N ARG D 275 -34.07 -4.83 -31.96
CA ARG D 275 -33.07 -5.87 -32.08
C ARG D 275 -31.66 -5.29 -32.18
N VAL D 276 -31.50 -4.19 -32.92
CA VAL D 276 -30.19 -3.56 -33.01
C VAL D 276 -29.76 -3.02 -31.65
N ALA D 277 -30.67 -2.37 -30.93
CA ALA D 277 -30.33 -1.89 -29.60
C ALA D 277 -30.00 -3.03 -28.66
N LEU D 278 -30.68 -4.17 -28.82
CA LEU D 278 -30.38 -5.33 -27.99
C LEU D 278 -28.97 -5.84 -28.24
N GLY D 279 -28.55 -5.91 -29.50
CA GLY D 279 -27.25 -6.47 -29.81
C GLY D 279 -26.10 -5.66 -29.26
N ILE D 280 -26.14 -4.33 -29.45
CA ILE D 280 -25.02 -3.50 -29.05
C ILE D 280 -24.93 -3.37 -27.53
N THR D 281 -26.08 -3.19 -26.87
CA THR D 281 -26.08 -3.02 -25.43
C THR D 281 -25.54 -4.27 -24.74
N THR D 282 -25.84 -5.45 -25.29
CA THR D 282 -25.20 -6.67 -24.81
C THR D 282 -23.70 -6.64 -25.06
N VAL D 283 -23.30 -6.14 -26.24
CA VAL D 283 -21.88 -5.96 -26.53
C VAL D 283 -21.28 -4.95 -25.56
N LEU D 284 -21.99 -3.84 -25.32
CA LEU D 284 -21.52 -2.86 -24.34
C LEU D 284 -21.39 -3.47 -22.96
N THR D 285 -22.37 -4.29 -22.56
CA THR D 285 -22.31 -4.94 -21.26
C THR D 285 -21.07 -5.84 -21.15
N MET D 286 -20.77 -6.58 -22.22
CA MET D 286 -19.60 -7.45 -22.19
C MET D 286 -18.31 -6.65 -22.06
N THR D 287 -18.23 -5.49 -22.73
CA THR D 287 -17.04 -4.67 -22.65
C THR D 287 -16.80 -4.18 -21.23
N THR D 288 -17.86 -3.70 -20.57
CA THR D 288 -17.71 -3.22 -19.20
C THR D 288 -17.27 -4.34 -18.26
N ILE D 289 -17.84 -5.53 -18.43
CA ILE D 289 -17.41 -6.68 -17.64
C ILE D 289 -15.97 -7.05 -17.99
N ASN D 290 -15.64 -7.08 -19.28
CA ASN D 290 -14.32 -7.52 -19.70
C ASN D 290 -13.23 -6.58 -19.20
N THR D 291 -13.46 -5.26 -19.30
CA THR D 291 -12.44 -4.31 -18.89
C THR D 291 -12.16 -4.41 -17.40
N HIS D 292 -13.21 -4.48 -16.59
CA HIS D 292 -13.04 -4.51 -15.14
C HIS D 292 -12.32 -5.76 -14.67
N LEU D 293 -12.65 -6.92 -15.25
CA LEU D 293 -12.11 -8.18 -14.77
C LEU D 293 -10.60 -8.26 -14.97
N ARG D 294 -10.11 -7.83 -16.12
CA ARG D 294 -8.70 -7.99 -16.45
C ARG D 294 -7.78 -7.04 -15.67
N GLU D 295 -8.35 -6.07 -14.95
CA GLU D 295 -7.55 -5.14 -14.17
C GLU D 295 -6.95 -5.78 -12.92
N THR D 296 -7.43 -6.96 -12.51
CA THR D 296 -7.04 -7.58 -11.25
C THR D 296 -5.88 -8.55 -11.40
N LEU D 297 -5.27 -8.62 -12.58
CA LEU D 297 -4.27 -9.63 -12.89
C LEU D 297 -3.08 -9.02 -13.60
N PRO D 298 -1.91 -9.66 -13.52
CA PRO D 298 -0.74 -9.16 -14.24
C PRO D 298 -0.86 -9.39 -15.74
N LYS D 299 0.03 -8.73 -16.48
CA LYS D 299 0.01 -8.78 -17.94
C LYS D 299 0.76 -10.02 -18.44
N ILE D 300 0.10 -11.16 -18.26
CA ILE D 300 0.65 -12.42 -18.79
C ILE D 300 0.23 -12.55 -20.25
N PRO D 301 1.13 -12.97 -21.14
CA PRO D 301 0.79 -13.03 -22.57
C PRO D 301 -0.02 -14.26 -22.96
N TYR D 302 -0.08 -15.29 -22.12
CA TYR D 302 -0.78 -16.51 -22.48
C TYR D 302 -2.26 -16.40 -22.12
N VAL D 303 -3.05 -17.29 -22.72
CA VAL D 303 -4.49 -17.26 -22.57
C VAL D 303 -4.89 -18.00 -21.29
N LYS D 304 -5.53 -17.29 -20.37
CA LYS D 304 -6.08 -17.91 -19.19
C LYS D 304 -7.43 -18.55 -19.50
N ALA D 305 -7.93 -19.34 -18.56
CA ALA D 305 -9.29 -19.87 -18.70
C ALA D 305 -10.31 -18.74 -18.69
N ILE D 306 -10.13 -17.75 -17.82
CA ILE D 306 -11.04 -16.62 -17.78
C ILE D 306 -10.91 -15.79 -19.05
N ASP D 307 -9.70 -15.66 -19.60
CA ASP D 307 -9.50 -14.90 -20.82
C ASP D 307 -10.25 -15.53 -21.98
N MET D 308 -10.18 -16.85 -22.12
CA MET D 308 -10.89 -17.52 -23.21
C MET D 308 -12.40 -17.36 -23.05
N TYR D 309 -12.89 -17.38 -21.83
CA TYR D 309 -14.33 -17.30 -21.61
C TYR D 309 -14.86 -15.91 -21.95
N LEU D 310 -14.16 -14.86 -21.50
CA LEU D 310 -14.63 -13.51 -21.76
C LEU D 310 -14.63 -13.20 -23.25
N MET D 311 -13.55 -13.56 -23.94
CA MET D 311 -13.49 -13.34 -25.38
C MET D 311 -14.49 -14.21 -26.11
N GLY D 312 -14.67 -15.45 -25.66
CA GLY D 312 -15.66 -16.31 -26.28
C GLY D 312 -17.07 -15.74 -26.18
N CYS D 313 -17.43 -15.23 -25.00
CA CYS D 313 -18.73 -14.60 -24.84
C CYS D 313 -18.83 -13.34 -25.69
N PHE D 314 -17.75 -12.57 -25.78
CA PHE D 314 -17.77 -11.36 -26.59
C PHE D 314 -17.95 -11.67 -28.07
N VAL D 315 -17.46 -12.82 -28.51
CA VAL D 315 -17.67 -13.23 -29.90
C VAL D 315 -19.13 -13.61 -30.12
N PHE D 316 -19.73 -14.32 -29.17
CA PHE D 316 -21.11 -14.77 -29.34
C PHE D 316 -22.07 -13.60 -29.47
N VAL D 317 -21.93 -12.59 -28.62
CA VAL D 317 -22.78 -11.42 -28.74
C VAL D 317 -22.46 -10.65 -30.02
N PHE D 318 -21.19 -10.64 -30.43
CA PHE D 318 -20.81 -10.02 -31.69
C PHE D 318 -21.46 -10.74 -32.87
N LEU D 319 -21.46 -12.08 -32.85
CA LEU D 319 -22.09 -12.84 -33.92
C LEU D 319 -23.60 -12.70 -33.89
N ALA D 320 -24.19 -12.56 -32.71
CA ALA D 320 -25.64 -12.39 -32.61
C ALA D 320 -26.09 -11.12 -33.32
N LEU D 321 -25.36 -10.03 -33.13
CA LEU D 321 -25.69 -8.80 -33.84
C LEU D 321 -25.45 -8.94 -35.34
N LEU D 322 -24.39 -9.64 -35.72
CA LEU D 322 -24.17 -9.93 -37.14
C LEU D 322 -25.31 -10.75 -37.71
N GLU D 323 -25.87 -11.65 -36.90
CA GLU D 323 -26.96 -12.50 -37.38
C GLU D 323 -28.16 -11.68 -37.81
N TYR D 324 -28.46 -10.60 -37.09
CA TYR D 324 -29.57 -9.75 -37.51
C TYR D 324 -29.22 -8.93 -38.74
N ALA D 325 -27.95 -8.58 -38.92
CA ALA D 325 -27.55 -7.83 -40.10
C ALA D 325 -27.86 -8.61 -41.38
N PHE D 326 -27.45 -9.88 -41.41
CA PHE D 326 -27.76 -10.71 -42.56
C PHE D 326 -29.26 -10.86 -42.73
N VAL D 327 -29.99 -11.01 -41.62
CA VAL D 327 -31.45 -11.09 -41.68
C VAL D 327 -32.00 -9.84 -42.34
N ASN D 328 -31.62 -8.66 -41.83
CA ASN D 328 -32.20 -7.42 -42.35
C ASN D 328 -31.89 -7.25 -43.84
N TYR D 329 -30.65 -7.55 -44.24
CA TYR D 329 -30.27 -7.36 -45.63
C TYR D 329 -31.05 -8.29 -46.56
N ILE D 330 -31.19 -9.56 -46.18
CA ILE D 330 -31.86 -10.51 -47.05
C ILE D 330 -33.35 -10.18 -47.18
N PHE D 331 -33.99 -9.80 -46.08
CA PHE D 331 -35.43 -9.53 -46.12
C PHE D 331 -35.75 -8.21 -46.83
N PHE D 332 -34.81 -7.27 -46.86
CA PHE D 332 -35.05 -5.99 -47.50
C PHE D 332 -34.35 -5.90 -48.86
N ALA D 447 -35.91 -17.84 -41.57
CA ALA D 447 -35.11 -19.04 -41.85
C ALA D 447 -33.76 -18.95 -41.13
N ILE D 448 -33.02 -17.89 -41.41
CA ILE D 448 -31.76 -17.65 -40.70
C ILE D 448 -32.02 -17.53 -39.21
N ASP D 449 -33.12 -16.87 -38.83
CA ASP D 449 -33.46 -16.74 -37.43
C ASP D 449 -33.68 -18.09 -36.77
N ARG D 450 -34.41 -18.98 -37.44
CA ARG D 450 -34.66 -20.30 -36.87
C ARG D 450 -33.38 -21.10 -36.73
N TRP D 451 -32.51 -21.02 -37.74
CA TRP D 451 -31.22 -21.71 -37.67
C TRP D 451 -30.40 -21.19 -36.50
N SER D 452 -30.39 -19.88 -36.30
CA SER D 452 -29.63 -19.29 -35.20
C SER D 452 -30.22 -19.69 -33.85
N ARG D 453 -31.55 -19.74 -33.76
CA ARG D 453 -32.18 -20.14 -32.51
C ARG D 453 -31.78 -21.55 -32.11
N ILE D 454 -31.54 -22.42 -33.09
CA ILE D 454 -31.12 -23.78 -32.79
C ILE D 454 -29.62 -23.82 -32.50
N VAL D 455 -28.83 -23.02 -33.21
CA VAL D 455 -27.38 -23.18 -33.19
C VAL D 455 -26.75 -22.44 -32.02
N PHE D 456 -27.08 -21.15 -31.85
CA PHE D 456 -26.40 -20.33 -30.85
C PHE D 456 -26.46 -20.93 -29.44
N PRO D 457 -27.61 -21.36 -28.91
CA PRO D 457 -27.58 -22.07 -27.63
C PRO D 457 -26.76 -23.35 -27.67
N PHE D 458 -26.78 -24.06 -28.79
CA PHE D 458 -26.02 -25.30 -28.91
C PHE D 458 -24.52 -25.03 -28.92
N THR D 459 -24.10 -24.04 -29.72
CA THR D 459 -22.67 -23.73 -29.81
C THR D 459 -22.13 -23.23 -28.47
N PHE D 460 -22.88 -22.37 -27.79
CA PHE D 460 -22.45 -21.88 -26.49
C PHE D 460 -22.39 -23.01 -25.46
N SER D 461 -23.36 -23.92 -25.51
CA SER D 461 -23.30 -25.11 -24.66
C SER D 461 -22.09 -25.96 -25.00
N LEU D 462 -21.80 -26.11 -26.29
CA LEU D 462 -20.60 -26.83 -26.70
C LEU D 462 -19.34 -26.11 -26.22
N PHE D 463 -19.33 -24.77 -26.31
CA PHE D 463 -18.19 -24.01 -25.84
C PHE D 463 -17.99 -24.19 -24.34
N ASN D 464 -19.07 -24.16 -23.57
CA ASN D 464 -18.95 -24.38 -22.13
C ASN D 464 -18.51 -25.81 -21.83
N LEU D 465 -19.07 -26.80 -22.53
CA LEU D 465 -18.74 -28.18 -22.26
C LEU D 465 -17.25 -28.46 -22.51
N VAL D 466 -16.73 -27.96 -23.62
CA VAL D 466 -15.30 -28.10 -23.90
C VAL D 466 -14.48 -27.34 -22.87
N TYR D 467 -14.93 -26.14 -22.50
CA TYR D 467 -14.18 -25.30 -21.58
C TYR D 467 -14.04 -25.94 -20.21
N TRP D 468 -15.16 -26.41 -19.64
CA TRP D 468 -15.12 -26.94 -18.29
C TRP D 468 -14.41 -28.29 -18.23
N LEU D 469 -14.59 -29.12 -19.25
CA LEU D 469 -13.87 -30.39 -19.29
C LEU D 469 -12.37 -30.17 -19.41
N TYR D 470 -11.96 -29.15 -20.17
CA TYR D 470 -10.55 -28.89 -20.36
C TYR D 470 -9.86 -28.44 -19.08
N TYR D 471 -10.57 -27.71 -18.21
CA TYR D 471 -9.96 -27.14 -17.02
C TYR D 471 -10.35 -27.85 -15.72
N VAL D 472 -11.36 -28.71 -15.74
CA VAL D 472 -11.73 -29.47 -14.55
C VAL D 472 -11.41 -30.94 -14.74
N GLY E 32 16.07 16.58 46.58
CA GLY E 32 16.70 17.88 46.48
C GLY E 32 18.16 17.81 46.09
N ASN E 33 18.93 17.00 46.82
CA ASN E 33 20.35 16.83 46.54
C ASN E 33 20.50 15.95 45.31
N MET E 34 20.85 16.56 44.17
CA MET E 34 21.01 15.80 42.94
C MET E 34 22.18 14.83 43.04
N SER E 35 23.27 15.23 43.72
CA SER E 35 24.40 14.33 43.91
C SER E 35 23.98 13.11 44.73
N PHE E 36 23.17 13.32 45.77
CA PHE E 36 22.69 12.19 46.56
C PHE E 36 21.82 11.26 45.72
N VAL E 37 20.94 11.84 44.89
CA VAL E 37 20.13 11.03 43.99
C VAL E 37 21.01 10.33 42.96
N LYS E 38 22.01 11.03 42.44
CA LYS E 38 22.90 10.43 41.44
C LYS E 38 23.64 9.23 42.02
N GLU E 39 24.14 9.35 43.26
CA GLU E 39 24.81 8.23 43.90
C GLU E 39 23.86 7.06 44.10
N THR E 40 22.62 7.34 44.50
CA THR E 40 21.65 6.28 44.72
C THR E 40 21.36 5.52 43.42
N VAL E 41 21.17 6.25 42.32
CA VAL E 41 20.86 5.61 41.04
C VAL E 41 22.07 4.81 40.55
N ASP E 42 23.27 5.37 40.68
CA ASP E 42 24.47 4.66 40.26
C ASP E 42 24.66 3.38 41.04
N LYS E 43 24.36 3.41 42.35
CA LYS E 43 24.45 2.21 43.16
C LYS E 43 23.47 1.13 42.68
N LEU E 44 22.26 1.54 42.31
CA LEU E 44 21.27 0.58 41.85
C LEU E 44 21.71 -0.12 40.58
N LEU E 45 22.29 0.63 39.64
CA LEU E 45 22.73 0.04 38.38
C LEU E 45 24.09 -0.63 38.47
N LYS E 46 24.79 -0.50 39.60
CA LYS E 46 26.10 -1.13 39.76
C LYS E 46 25.90 -2.62 40.06
N GLY E 47 26.46 -3.46 39.20
CA GLY E 47 26.29 -4.90 39.34
C GLY E 47 24.96 -5.43 38.85
N TYR E 48 24.09 -4.58 38.31
CA TYR E 48 22.80 -5.03 37.82
C TYR E 48 22.96 -5.83 36.54
N ASP E 49 22.38 -7.02 36.50
CA ASP E 49 22.46 -7.91 35.35
C ASP E 49 21.11 -7.90 34.65
N ILE E 50 21.06 -7.27 33.47
CA ILE E 50 19.83 -7.23 32.69
C ILE E 50 19.47 -8.62 32.17
N ARG E 51 20.44 -9.54 32.09
CA ARG E 51 20.18 -10.87 31.57
C ARG E 51 19.33 -11.71 32.53
N LEU E 52 19.29 -11.36 33.81
CA LEU E 52 18.59 -12.15 34.81
C LEU E 52 17.32 -11.44 35.25
N ARG E 53 16.20 -12.16 35.22
CA ARG E 53 14.93 -11.59 35.66
C ARG E 53 14.93 -11.43 37.18
N PRO E 54 14.06 -10.56 37.70
CA PRO E 54 13.92 -10.46 39.15
C PRO E 54 13.48 -11.79 39.75
N ASP E 55 14.02 -12.09 40.94
CA ASP E 55 13.77 -13.35 41.62
C ASP E 55 14.11 -14.54 40.73
N PHE E 56 15.27 -14.46 40.09
CA PHE E 56 15.73 -15.55 39.23
C PHE E 56 15.89 -16.82 40.05
N GLY E 57 15.32 -17.91 39.56
CA GLY E 57 15.34 -19.17 40.27
C GLY E 57 14.32 -19.28 41.39
N GLY E 58 13.49 -18.26 41.59
CA GLY E 58 12.49 -18.28 42.64
C GLY E 58 11.08 -18.26 42.08
N PRO E 59 10.15 -17.68 42.85
CA PRO E 59 8.78 -17.60 42.37
C PRO E 59 8.69 -16.71 41.16
N PRO E 60 7.73 -16.97 40.27
CA PRO E 60 7.57 -16.12 39.09
C PRO E 60 7.20 -14.70 39.47
N VAL E 61 7.72 -13.75 38.70
CA VAL E 61 7.43 -12.34 38.94
C VAL E 61 6.08 -12.00 38.32
N CYS E 62 5.21 -11.38 39.11
CA CYS E 62 3.89 -11.00 38.65
C CYS E 62 3.96 -9.63 37.98
N VAL E 63 3.49 -9.55 36.73
CA VAL E 63 3.52 -8.33 35.94
C VAL E 63 2.09 -7.87 35.72
N GLY E 64 1.76 -6.68 36.22
CA GLY E 64 0.45 -6.10 36.01
C GLY E 64 0.46 -5.16 34.83
N MET E 65 -0.56 -5.28 33.98
CA MET E 65 -0.64 -4.52 32.74
C MET E 65 -1.94 -3.74 32.68
N ASN E 66 -1.86 -2.49 32.25
CA ASN E 66 -3.03 -1.68 31.98
C ASN E 66 -2.79 -0.95 30.65
N ILE E 67 -3.88 -0.77 29.90
CA ILE E 67 -3.80 -0.20 28.56
C ILE E 67 -4.75 1.00 28.50
N ASP E 68 -4.25 2.13 28.00
CA ASP E 68 -5.07 3.30 27.74
C ASP E 68 -5.12 3.49 26.22
N ILE E 69 -6.28 3.21 25.64
CA ILE E 69 -6.44 3.26 24.19
CA ILE E 69 -6.44 3.26 24.19
C ILE E 69 -6.48 4.71 23.73
N ALA E 70 -5.65 5.04 22.75
CA ALA E 70 -5.65 6.38 22.17
C ALA E 70 -6.63 6.48 21.01
N SER E 71 -6.58 5.51 20.10
CA SER E 71 -7.48 5.49 18.95
C SER E 71 -7.36 4.15 18.24
N ILE E 72 -8.40 3.79 17.50
CA ILE E 72 -8.37 2.68 16.56
C ILE E 72 -8.47 3.32 15.18
N ASP E 73 -7.32 3.49 14.52
CA ASP E 73 -7.26 4.29 13.32
C ASP E 73 -8.03 3.65 12.17
N MET E 74 -7.77 2.38 11.88
CA MET E 74 -8.32 1.74 10.70
C MET E 74 -8.80 0.34 11.04
N VAL E 75 -9.85 -0.09 10.33
CA VAL E 75 -10.30 -1.47 10.33
C VAL E 75 -10.41 -1.89 8.87
N SER E 76 -9.58 -2.82 8.45
CA SER E 76 -9.46 -3.19 7.03
C SER E 76 -10.07 -4.58 6.83
N GLU E 77 -11.10 -4.65 6.00
CA GLU E 77 -11.68 -5.95 5.66
C GLU E 77 -10.81 -6.70 4.65
N VAL E 78 -10.20 -5.97 3.71
CA VAL E 78 -9.37 -6.63 2.70
C VAL E 78 -8.14 -7.26 3.33
N ASN E 79 -7.50 -6.56 4.27
CA ASN E 79 -6.33 -7.09 4.94
C ASN E 79 -6.67 -7.88 6.22
N MET E 80 -7.92 -7.83 6.66
CA MET E 80 -8.38 -8.51 7.87
C MET E 80 -7.49 -8.16 9.06
N ASP E 81 -7.38 -6.85 9.32
CA ASP E 81 -6.58 -6.37 10.43
C ASP E 81 -7.08 -4.98 10.83
N TYR E 82 -6.64 -4.54 12.01
CA TYR E 82 -6.98 -3.23 12.52
C TYR E 82 -5.73 -2.59 13.11
N THR E 83 -5.70 -1.26 13.11
CA THR E 83 -4.58 -0.49 13.64
C THR E 83 -4.98 0.14 14.96
N LEU E 84 -4.16 -0.07 15.98
CA LEU E 84 -4.46 0.37 17.33
C LEU E 84 -3.30 1.19 17.89
N THR E 85 -3.63 2.33 18.48
CA THR E 85 -2.65 3.17 19.18
C THR E 85 -3.04 3.22 20.66
N MET E 86 -2.08 2.95 21.53
CA MET E 86 -2.40 2.79 22.94
C MET E 86 -1.18 3.14 23.80
N TYR E 87 -1.45 3.41 25.07
CA TYR E 87 -0.42 3.60 26.09
C TYR E 87 -0.32 2.30 26.86
N PHE E 88 0.72 1.51 26.59
CA PHE E 88 0.91 0.21 27.21
C PHE E 88 1.81 0.35 28.42
N GLN E 89 1.31 -0.04 29.59
CA GLN E 89 2.03 0.11 30.84
C GLN E 89 2.14 -1.24 31.55
N GLN E 90 3.29 -1.46 32.18
CA GLN E 90 3.57 -2.71 32.89
C GLN E 90 4.03 -2.39 34.31
N TYR E 91 3.54 -3.17 35.27
CA TYR E 91 3.87 -3.00 36.68
C TYR E 91 4.50 -4.27 37.21
N TRP E 92 5.67 -4.15 37.83
CA TRP E 92 6.31 -5.30 38.44
C TRP E 92 7.28 -4.81 39.50
N ARG E 93 7.70 -5.73 40.36
CA ARG E 93 8.61 -5.45 41.47
C ARG E 93 9.96 -6.07 41.19
N ASP E 94 11.02 -5.28 41.32
CA ASP E 94 12.39 -5.76 41.19
C ASP E 94 13.14 -5.36 42.46
N LYS E 95 13.41 -6.34 43.32
CA LYS E 95 14.10 -6.06 44.58
C LYS E 95 15.51 -5.52 44.35
N ARG E 96 16.12 -5.82 43.22
CA ARG E 96 17.44 -5.26 42.91
C ARG E 96 17.40 -3.75 42.78
N LEU E 97 16.25 -3.18 42.47
CA LEU E 97 16.10 -1.74 42.28
C LEU E 97 15.51 -1.04 43.50
N ALA E 98 15.34 -1.76 44.61
CA ALA E 98 14.83 -1.13 45.82
C ALA E 98 15.85 -0.14 46.38
N TYR E 99 15.38 1.04 46.76
CA TYR E 99 16.24 2.08 47.32
C TYR E 99 15.59 2.65 48.57
N SER E 100 16.43 3.17 49.46
CA SER E 100 15.98 3.69 50.74
C SER E 100 16.51 5.11 50.93
N GLY E 101 15.81 5.86 51.77
CA GLY E 101 16.21 7.22 52.10
C GLY E 101 15.64 8.29 51.20
N ILE E 102 14.97 7.93 50.11
CA ILE E 102 14.38 8.88 49.19
C ILE E 102 12.87 8.62 49.14
N PRO E 103 12.07 9.43 49.84
CA PRO E 103 10.62 9.25 49.86
C PRO E 103 9.91 9.83 48.64
N LEU E 104 10.40 9.47 47.45
CA LEU E 104 9.85 9.98 46.21
C LEU E 104 9.84 8.87 45.16
N ASN E 105 8.96 9.04 44.17
CA ASN E 105 8.93 8.16 43.00
C ASN E 105 9.83 8.78 41.93
N LEU E 106 10.91 8.10 41.61
CA LEU E 106 11.91 8.64 40.69
C LEU E 106 11.46 8.43 39.25
N THR E 107 11.12 9.52 38.57
CA THR E 107 10.81 9.49 37.15
C THR E 107 12.11 9.75 36.39
N LEU E 108 12.64 8.71 35.75
CA LEU E 108 13.93 8.79 35.09
C LEU E 108 13.76 8.98 33.59
N ASP E 109 14.87 9.32 32.93
CA ASP E 109 14.88 9.43 31.48
C ASP E 109 14.60 8.07 30.85
N ASN E 110 13.93 8.09 29.69
CA ASN E 110 13.56 6.85 29.03
C ASN E 110 14.77 6.01 28.64
N ARG E 111 15.95 6.61 28.53
CA ARG E 111 17.15 5.86 28.17
C ARG E 111 17.63 4.94 29.29
N VAL E 112 17.11 5.10 30.51
CA VAL E 112 17.51 4.21 31.60
C VAL E 112 16.87 2.83 31.44
N ALA E 113 15.83 2.72 30.61
CA ALA E 113 15.18 1.43 30.41
C ALA E 113 16.13 0.43 29.76
N ASP E 114 17.12 0.91 29.00
CA ASP E 114 18.09 0.01 28.39
C ASP E 114 19.00 -0.64 29.41
N GLN E 115 19.10 -0.09 30.62
CA GLN E 115 19.92 -0.65 31.68
C GLN E 115 19.12 -1.44 32.70
N LEU E 116 17.84 -1.68 32.43
CA LEU E 116 16.98 -2.40 33.36
C LEU E 116 16.36 -3.62 32.68
N TRP E 117 15.97 -4.59 33.49
CA TRP E 117 15.23 -5.74 32.99
C TRP E 117 13.78 -5.36 32.75
N VAL E 118 13.25 -5.74 31.59
CA VAL E 118 11.85 -5.51 31.27
C VAL E 118 11.25 -6.82 30.78
N PRO E 119 9.96 -7.07 30.98
CA PRO E 119 9.36 -8.31 30.48
C PRO E 119 9.42 -8.38 28.96
N ASP E 120 9.58 -9.60 28.45
CA ASP E 120 9.62 -9.82 27.01
C ASP E 120 8.21 -9.89 26.44
N THR E 121 7.40 -8.87 26.72
CA THR E 121 6.02 -8.86 26.28
C THR E 121 5.95 -8.62 24.78
N TYR E 122 5.13 -9.42 24.09
CA TYR E 122 4.91 -9.24 22.66
C TYR E 122 3.46 -9.54 22.36
N PHE E 123 2.99 -9.04 21.22
CA PHE E 123 1.62 -9.25 20.78
C PHE E 123 1.60 -10.37 19.75
N LEU E 124 0.91 -11.46 20.06
CA LEU E 124 0.97 -12.65 19.23
C LEU E 124 0.29 -12.43 17.88
N ASN E 125 -0.77 -11.63 17.83
CA ASN E 125 -1.56 -11.47 16.62
C ASN E 125 -1.24 -10.18 15.87
N ASP E 126 -0.15 -9.50 16.21
CA ASP E 126 0.18 -8.26 15.52
C ASP E 126 0.88 -8.56 14.20
N LYS E 127 0.73 -7.62 13.26
CA LYS E 127 1.37 -7.73 11.96
C LYS E 127 2.49 -6.73 11.74
N LYS E 128 2.36 -5.52 12.32
CA LYS E 128 3.40 -4.50 12.19
C LYS E 128 3.21 -3.51 13.34
N SER E 129 4.22 -3.36 14.17
CA SER E 129 4.13 -2.50 15.33
C SER E 129 5.41 -1.68 15.47
N PHE E 130 5.28 -0.51 16.08
CA PHE E 130 6.43 0.34 16.33
C PHE E 130 6.14 1.23 17.54
N VAL E 131 7.21 1.76 18.12
CA VAL E 131 7.11 2.70 19.23
C VAL E 131 7.44 4.09 18.72
N HIS E 132 6.56 5.04 18.99
CA HIS E 132 6.77 6.40 18.52
C HIS E 132 8.04 6.98 19.11
N GLY E 133 8.81 7.69 18.28
CA GLY E 133 10.10 8.21 18.71
C GLY E 133 10.30 9.69 18.49
N VAL E 134 9.21 10.45 18.48
CA VAL E 134 9.25 11.90 18.33
C VAL E 134 8.57 12.53 19.53
N THR E 135 9.25 13.45 20.21
CA THR E 135 10.60 13.88 19.84
C THR E 135 11.66 12.92 20.37
N VAL E 136 11.26 12.08 21.31
CA VAL E 136 12.07 10.99 21.82
C VAL E 136 11.21 9.73 21.83
N LYS E 137 11.82 8.61 22.16
CA LYS E 137 11.06 7.38 22.30
C LYS E 137 10.00 7.55 23.38
N ASN E 138 8.74 7.32 23.01
CA ASN E 138 7.63 7.53 23.93
C ASN E 138 7.66 6.40 24.96
N ARG E 139 8.57 6.55 25.93
CA ARG E 139 8.85 5.53 26.92
C ARG E 139 8.99 6.19 28.28
N MET E 140 8.49 5.53 29.32
CA MET E 140 8.50 6.06 30.66
C MET E 140 9.01 5.00 31.63
N ILE E 141 9.92 5.40 32.52
CA ILE E 141 10.39 4.56 33.60
C ILE E 141 10.21 5.33 34.90
N ARG E 142 9.46 4.75 35.83
CA ARG E 142 9.22 5.36 37.13
C ARG E 142 9.48 4.34 38.21
N LEU E 143 10.44 4.62 39.08
CA LEU E 143 10.82 3.70 40.14
C LEU E 143 10.11 4.07 41.44
N HIS E 144 10.04 3.09 42.34
CA HIS E 144 9.43 3.26 43.64
C HIS E 144 10.37 2.72 44.72
N PRO E 145 10.25 3.21 45.95
CA PRO E 145 11.21 2.82 46.99
C PRO E 145 11.26 1.32 47.25
N ASP E 146 10.14 0.62 47.07
CA ASP E 146 10.11 -0.82 47.33
C ASP E 146 10.63 -1.65 46.16
N GLY E 147 11.03 -1.03 45.06
CA GLY E 147 11.47 -1.74 43.89
C GLY E 147 10.43 -1.89 42.80
N THR E 148 9.26 -1.28 42.97
CA THR E 148 8.24 -1.34 41.94
C THR E 148 8.64 -0.49 40.75
N VAL E 149 8.50 -1.04 39.55
CA VAL E 149 8.88 -0.37 38.31
C VAL E 149 7.64 -0.15 37.46
N LEU E 150 7.45 1.08 37.01
CA LEU E 150 6.38 1.43 36.08
C LEU E 150 7.02 1.69 34.72
N TYR E 151 6.60 0.92 33.72
CA TYR E 151 7.19 0.96 32.38
C TYR E 151 6.08 1.21 31.38
N GLY E 152 6.06 2.40 30.78
CA GLY E 152 5.01 2.79 29.86
C GLY E 152 5.55 2.99 28.45
N LEU E 153 4.77 2.57 27.47
CA LEU E 153 5.12 2.71 26.06
C LEU E 153 3.90 3.17 25.28
N ARG E 154 4.13 4.03 24.30
CA ARG E 154 3.09 4.42 23.36
C ARG E 154 3.33 3.65 22.06
N ILE E 155 2.43 2.72 21.75
CA ILE E 155 2.64 1.74 20.70
C ILE E 155 1.51 1.85 19.69
N THR E 156 1.87 1.89 18.41
CA THR E 156 0.92 1.75 17.31
C THR E 156 1.11 0.37 16.70
N THR E 157 0.05 -0.44 16.73
CA THR E 157 0.14 -1.83 16.32
C THR E 157 -0.95 -2.15 15.32
N THR E 158 -0.60 -2.97 14.33
CA THR E 158 -1.56 -3.51 13.36
C THR E 158 -1.73 -4.99 13.69
N ALA E 159 -2.91 -5.36 14.18
CA ALA E 159 -3.18 -6.71 14.64
C ALA E 159 -4.19 -7.38 13.73
N ALA E 160 -3.92 -8.65 13.40
CA ALA E 160 -4.82 -9.42 12.55
C ALA E 160 -6.14 -9.67 13.25
N CYS E 161 -7.21 -9.70 12.45
CA CYS E 161 -8.55 -9.98 12.97
C CYS E 161 -9.34 -10.69 11.88
N MET E 162 -9.44 -12.01 11.98
CA MET E 162 -10.25 -12.77 11.03
C MET E 162 -11.71 -12.36 11.15
N MET E 163 -12.34 -12.12 10.01
CA MET E 163 -13.71 -11.59 9.97
C MET E 163 -14.62 -12.57 9.25
N ASP E 164 -15.77 -12.85 9.85
CA ASP E 164 -16.81 -13.66 9.22
C ASP E 164 -17.73 -12.73 8.46
N LEU E 165 -17.61 -12.73 7.13
CA LEU E 165 -18.36 -11.81 6.28
C LEU E 165 -19.59 -12.47 5.66
N ARG E 166 -20.06 -13.58 6.23
CA ARG E 166 -21.27 -14.22 5.71
C ARG E 166 -22.47 -13.28 5.81
N ARG E 167 -22.56 -12.54 6.92
CA ARG E 167 -23.67 -11.62 7.15
C ARG E 167 -23.30 -10.18 6.76
N TYR E 168 -22.19 -9.99 6.08
CA TYR E 168 -21.79 -8.65 5.67
C TYR E 168 -22.84 -8.04 4.74
N PRO E 169 -23.15 -6.75 4.87
CA PRO E 169 -22.56 -5.79 5.83
C PRO E 169 -23.33 -5.67 7.15
N LEU E 170 -24.13 -6.67 7.48
CA LEU E 170 -24.85 -6.71 8.76
C LEU E 170 -24.17 -7.63 9.76
N ASP E 171 -22.84 -7.65 9.75
CA ASP E 171 -22.04 -8.57 10.53
C ASP E 171 -21.54 -7.92 11.81
N GLU E 172 -21.17 -8.76 12.77
CA GLU E 172 -20.57 -8.33 14.02
C GLU E 172 -19.23 -9.04 14.17
N GLN E 173 -18.19 -8.29 14.47
CA GLN E 173 -16.83 -8.81 14.49
C GLN E 173 -16.25 -8.76 15.90
N ASN E 174 -15.41 -9.76 16.20
CA ASN E 174 -14.73 -9.87 17.49
C ASN E 174 -13.24 -9.82 17.21
N CYS E 175 -12.64 -8.63 17.32
CA CYS E 175 -11.22 -8.42 17.10
C CYS E 175 -10.50 -8.41 18.44
N THR E 176 -9.46 -9.23 18.56
CA THR E 176 -8.75 -9.43 19.81
C THR E 176 -7.34 -8.89 19.71
N LEU E 177 -6.73 -8.69 20.88
CA LEU E 177 -5.32 -8.32 21.00
C LEU E 177 -4.68 -9.26 22.01
N GLU E 178 -3.84 -10.16 21.54
CA GLU E 178 -3.26 -11.20 22.38
C GLU E 178 -1.93 -10.72 22.94
N ILE E 179 -1.81 -10.73 24.26
CA ILE E 179 -0.61 -10.29 24.96
C ILE E 179 0.01 -11.50 25.64
N GLU E 180 1.29 -11.75 25.37
CA GLU E 180 1.94 -12.96 25.85
C GLU E 180 3.42 -12.71 26.05
N SER E 181 4.01 -13.43 27.00
CA SER E 181 5.46 -13.43 27.18
C SER E 181 6.10 -14.33 26.15
N TYR E 182 7.21 -13.88 25.57
CA TYR E 182 7.81 -14.63 24.47
C TYR E 182 8.65 -15.80 24.97
N GLY E 183 9.56 -15.56 25.90
CA GLY E 183 10.49 -16.59 26.30
C GLY E 183 10.24 -17.17 27.68
N TYR E 184 9.69 -16.37 28.58
CA TYR E 184 9.49 -16.80 29.96
C TYR E 184 8.16 -17.53 30.09
N THR E 185 8.22 -18.73 30.65
CA THR E 185 7.02 -19.52 30.88
C THR E 185 6.31 -19.06 32.15
N THR E 186 5.22 -19.73 32.50
CA THR E 186 4.49 -19.41 33.71
C THR E 186 5.31 -19.68 34.97
N ASP E 187 6.33 -20.53 34.88
CA ASP E 187 7.22 -20.76 36.02
C ASP E 187 8.08 -19.54 36.31
N ASP E 188 8.34 -18.69 35.33
CA ASP E 188 9.21 -17.54 35.48
C ASP E 188 8.49 -16.22 35.54
N ILE E 189 7.33 -16.09 34.90
CA ILE E 189 6.62 -14.82 34.85
C ILE E 189 5.12 -15.10 34.82
N GLU E 190 4.35 -14.14 35.33
CA GLU E 190 2.89 -14.23 35.34
C GLU E 190 2.30 -12.87 35.02
N PHE E 191 1.22 -12.87 34.24
CA PHE E 191 0.55 -11.65 33.83
C PHE E 191 -0.83 -11.57 34.48
N TYR E 192 -1.25 -10.35 34.79
CA TYR E 192 -2.60 -10.11 35.28
C TYR E 192 -3.03 -8.71 34.89
N TRP E 193 -4.33 -8.50 34.79
CA TRP E 193 -4.88 -7.18 34.49
C TRP E 193 -4.89 -6.36 35.77
N ARG E 194 -4.08 -5.31 35.82
CA ARG E 194 -4.01 -4.45 36.99
C ARG E 194 -5.25 -3.57 37.03
N GLY E 195 -6.09 -3.78 38.03
CA GLY E 195 -7.36 -3.10 38.14
C GLY E 195 -8.56 -3.89 37.70
N GLY E 196 -8.38 -5.17 37.38
CA GLY E 196 -9.51 -6.00 36.98
C GLY E 196 -10.11 -5.52 35.67
N ASP E 197 -11.43 -5.33 35.67
CA ASP E 197 -12.13 -4.90 34.47
C ASP E 197 -11.87 -3.44 34.10
N LYS E 198 -11.23 -2.67 34.98
CA LYS E 198 -10.88 -1.29 34.70
C LYS E 198 -9.47 -1.13 34.16
N ALA E 199 -8.79 -2.24 33.87
CA ALA E 199 -7.41 -2.17 33.40
C ALA E 199 -7.29 -1.48 32.05
N VAL E 200 -8.35 -1.50 31.25
CA VAL E 200 -8.33 -0.89 29.92
C VAL E 200 -9.32 0.26 29.92
N THR E 201 -8.82 1.45 29.57
CA THR E 201 -9.62 2.67 29.55
C THR E 201 -9.54 3.29 28.16
N GLY E 202 -10.37 4.31 27.95
CA GLY E 202 -10.39 5.03 26.69
C GLY E 202 -11.17 4.37 25.58
N VAL E 203 -11.91 3.30 25.86
CA VAL E 203 -12.69 2.64 24.82
C VAL E 203 -13.77 3.57 24.27
N GLU E 204 -14.37 4.38 25.15
CA GLU E 204 -15.41 5.31 24.73
C GLU E 204 -14.88 6.38 23.78
N ARG E 205 -13.57 6.66 23.82
CA ARG E 205 -13.00 7.67 22.93
C ARG E 205 -12.88 7.18 21.50
N ILE E 206 -12.95 5.87 21.28
CA ILE E 206 -12.79 5.32 19.94
C ILE E 206 -13.96 5.76 19.07
N GLU E 207 -13.64 6.33 17.91
CA GLU E 207 -14.66 6.82 16.97
C GLU E 207 -14.33 6.26 15.59
N LEU E 208 -14.85 5.06 15.31
CA LEU E 208 -14.70 4.46 14.00
C LEU E 208 -15.85 4.90 13.10
N PRO E 209 -15.59 5.48 11.94
CA PRO E 209 -16.70 5.90 11.06
C PRO E 209 -17.58 4.75 10.62
N GLN E 210 -17.01 3.56 10.44
CA GLN E 210 -17.76 2.42 9.91
C GLN E 210 -18.24 1.46 10.97
N PHE E 211 -17.70 1.52 12.19
CA PHE E 211 -18.02 0.57 13.23
C PHE E 211 -18.38 1.28 14.53
N SER E 212 -19.09 0.57 15.39
CA SER E 212 -19.40 1.02 16.74
C SER E 212 -18.94 -0.04 17.73
N ILE E 213 -18.32 0.40 18.82
CA ILE E 213 -17.75 -0.50 19.82
C ILE E 213 -18.91 -0.96 20.72
N VAL E 214 -19.40 -2.17 20.48
CA VAL E 214 -20.49 -2.70 21.29
C VAL E 214 -20.01 -3.02 22.70
N GLU E 215 -18.88 -3.72 22.81
CA GLU E 215 -18.39 -4.19 24.10
C GLU E 215 -16.92 -4.52 23.99
N HIS E 216 -16.24 -4.49 25.13
CA HIS E 216 -14.86 -4.97 25.23
C HIS E 216 -14.74 -5.87 26.45
N ARG E 217 -13.87 -6.87 26.34
CA ARG E 217 -13.69 -7.87 27.39
C ARG E 217 -12.21 -8.06 27.68
N LEU E 218 -11.92 -8.45 28.92
CA LEU E 218 -10.56 -8.75 29.36
C LEU E 218 -10.50 -10.21 29.79
N VAL E 219 -9.54 -10.94 29.23
CA VAL E 219 -9.42 -12.38 29.47
C VAL E 219 -7.99 -12.69 29.88
N SER E 220 -7.84 -13.48 30.94
CA SER E 220 -6.54 -13.96 31.39
C SER E 220 -6.55 -15.48 31.36
N ARG E 221 -5.52 -16.07 30.78
CA ARG E 221 -5.44 -17.53 30.67
C ARG E 221 -4.01 -17.93 30.41
N ASN E 222 -3.78 -19.24 30.41
CA ASN E 222 -2.47 -19.81 30.15
C ASN E 222 -2.52 -20.62 28.86
N VAL E 223 -1.57 -20.38 27.96
CA VAL E 223 -1.49 -21.05 26.68
C VAL E 223 -0.29 -21.99 26.70
N VAL E 224 -0.51 -23.24 26.30
CA VAL E 224 0.51 -24.28 26.33
C VAL E 224 1.07 -24.48 24.93
N PHE E 225 2.38 -24.43 24.80
CA PHE E 225 3.08 -24.72 23.55
C PHE E 225 4.02 -25.90 23.76
N ALA E 226 4.78 -26.23 22.71
CA ALA E 226 5.76 -27.29 22.81
C ALA E 226 6.88 -26.93 23.77
N THR E 227 7.24 -25.65 23.86
CA THR E 227 8.30 -25.20 24.74
C THR E 227 7.83 -24.99 26.17
N GLY E 228 6.53 -25.09 26.45
CA GLY E 228 6.00 -24.94 27.78
C GLY E 228 4.73 -24.15 27.76
N ALA E 229 4.26 -23.79 28.96
CA ALA E 229 3.03 -23.03 29.13
C ALA E 229 3.38 -21.57 29.38
N TYR E 230 2.69 -20.67 28.67
CA TYR E 230 2.98 -19.25 28.76
C TYR E 230 1.76 -18.48 29.22
N PRO E 231 1.94 -17.41 30.01
CA PRO E 231 0.80 -16.58 30.39
C PRO E 231 0.26 -15.81 29.19
N ARG E 232 -1.04 -15.53 29.24
CA ARG E 232 -1.72 -14.87 28.14
C ARG E 232 -2.73 -13.88 28.67
N LEU E 233 -2.73 -12.66 28.11
CA LEU E 233 -3.75 -11.67 28.36
C LEU E 233 -4.39 -11.29 27.04
N SER E 234 -5.72 -11.26 27.00
CA SER E 234 -6.46 -11.02 25.78
C SER E 234 -7.39 -9.83 25.96
N LEU E 235 -7.32 -8.88 25.03
CA LEU E 235 -8.23 -7.75 24.97
C LEU E 235 -9.00 -7.85 23.65
N SER E 236 -10.32 -7.92 23.73
CA SER E 236 -11.16 -8.14 22.58
C SER E 236 -12.23 -7.07 22.49
N PHE E 237 -12.51 -6.63 21.26
CA PHE E 237 -13.57 -5.66 20.99
C PHE E 237 -14.60 -6.29 20.08
N ARG E 238 -15.88 -6.09 20.39
CA ARG E 238 -16.97 -6.52 19.53
C ARG E 238 -17.42 -5.33 18.70
N LEU E 239 -17.22 -5.42 17.39
CA LEU E 239 -17.51 -4.33 16.47
C LEU E 239 -18.77 -4.65 15.68
N LYS E 240 -19.66 -3.67 15.58
CA LYS E 240 -20.87 -3.78 14.77
C LYS E 240 -20.78 -2.78 13.63
N ARG E 241 -20.89 -3.27 12.40
CA ARG E 241 -20.79 -2.41 11.23
C ARG E 241 -22.03 -1.53 11.11
N ASN E 242 -21.82 -0.27 10.75
CA ASN E 242 -22.92 0.66 10.55
C ASN E 242 -23.56 0.41 9.19
N ILE E 243 -24.86 0.13 9.19
CA ILE E 243 -25.56 -0.22 7.96
C ILE E 243 -25.99 0.99 7.15
N GLY E 244 -25.96 2.18 7.72
CA GLY E 244 -26.53 3.35 7.06
C GLY E 244 -25.87 3.67 5.74
N TYR E 245 -24.55 3.58 5.67
CA TYR E 245 -23.84 3.90 4.44
C TYR E 245 -24.22 2.95 3.32
N PHE E 246 -24.29 1.65 3.60
CA PHE E 246 -24.54 0.68 2.54
C PHE E 246 -26.00 0.71 2.08
N ILE E 247 -26.93 1.08 2.96
CA ILE E 247 -28.33 1.16 2.56
C ILE E 247 -28.51 2.23 1.50
N LEU E 248 -27.91 3.40 1.69
CA LEU E 248 -28.06 4.49 0.75
C LEU E 248 -27.24 4.24 -0.52
N GLN E 249 -26.02 3.73 -0.36
CA GLN E 249 -25.10 3.62 -1.50
C GLN E 249 -25.47 2.45 -2.40
N THR E 250 -25.91 1.33 -1.84
CA THR E 250 -26.06 0.10 -2.59
C THR E 250 -27.51 -0.36 -2.70
N TYR E 251 -28.22 -0.50 -1.59
CA TYR E 251 -29.56 -1.08 -1.63
C TYR E 251 -30.54 -0.18 -2.36
N MET E 252 -30.51 1.12 -2.07
CA MET E 252 -31.46 2.03 -2.70
C MET E 252 -31.31 2.09 -4.22
N PRO E 253 -30.10 2.23 -4.80
CA PRO E 253 -30.01 2.17 -6.26
C PRO E 253 -30.52 0.86 -6.84
N SER E 254 -30.25 -0.27 -6.19
CA SER E 254 -30.71 -1.55 -6.70
C SER E 254 -32.22 -1.67 -6.66
N ILE E 255 -32.84 -1.21 -5.57
CA ILE E 255 -34.29 -1.29 -5.46
C ILE E 255 -34.95 -0.42 -6.52
N LEU E 256 -34.45 0.81 -6.70
CA LEU E 256 -35.06 1.72 -7.66
C LEU E 256 -34.94 1.20 -9.08
N ILE E 257 -33.80 0.60 -9.43
CA ILE E 257 -33.65 0.02 -10.76
C ILE E 257 -34.61 -1.14 -10.96
N THR E 258 -34.74 -2.01 -9.94
CA THR E 258 -35.67 -3.13 -10.04
C THR E 258 -37.10 -2.64 -10.20
N ILE E 259 -37.48 -1.62 -9.43
CA ILE E 259 -38.80 -1.00 -9.63
C ILE E 259 -38.88 -0.38 -11.02
N LEU E 260 -37.78 0.24 -11.47
CA LEU E 260 -37.77 0.85 -12.79
C LEU E 260 -37.97 -0.18 -13.90
N SER E 261 -37.51 -1.42 -13.67
CA SER E 261 -37.73 -2.46 -14.67
C SER E 261 -39.21 -2.82 -14.78
N TRP E 262 -39.96 -2.71 -13.69
CA TRP E 262 -41.39 -3.00 -13.72
C TRP E 262 -42.17 -1.99 -14.54
N VAL E 263 -41.58 -0.83 -14.83
CA VAL E 263 -42.24 0.16 -15.66
C VAL E 263 -42.54 -0.40 -17.03
N SER E 264 -41.72 -1.35 -17.50
CA SER E 264 -41.94 -1.96 -18.80
C SER E 264 -43.31 -2.63 -18.90
N PHE E 265 -43.82 -3.14 -17.78
CA PHE E 265 -45.13 -3.79 -17.80
C PHE E 265 -46.25 -2.81 -18.15
N TRP E 266 -46.15 -1.58 -17.63
CA TRP E 266 -47.14 -0.56 -17.98
C TRP E 266 -47.07 -0.21 -19.46
N ILE E 267 -45.86 -0.22 -20.04
CA ILE E 267 -45.70 0.18 -21.43
C ILE E 267 -46.44 -0.78 -22.35
N ASN E 268 -47.02 -0.24 -23.41
CA ASN E 268 -47.78 -1.03 -24.36
C ASN E 268 -46.88 -2.03 -25.08
N TYR E 269 -47.46 -3.16 -25.48
CA TYR E 269 -46.67 -4.25 -26.06
C TYR E 269 -46.10 -3.89 -27.43
N ASP E 270 -46.76 -3.01 -28.17
CA ASP E 270 -46.27 -2.68 -29.51
C ASP E 270 -45.01 -1.82 -29.46
N ALA E 271 -44.70 -1.19 -28.33
CA ALA E 271 -43.50 -0.38 -28.19
C ALA E 271 -42.30 -1.30 -27.97
N SER E 272 -41.97 -2.05 -29.02
CA SER E 272 -40.86 -3.00 -28.93
C SER E 272 -39.55 -2.28 -28.68
N ALA E 273 -39.31 -1.17 -29.38
CA ALA E 273 -38.07 -0.43 -29.17
C ALA E 273 -37.99 0.12 -27.75
N ALA E 274 -39.11 0.61 -27.22
CA ALA E 274 -39.11 1.19 -25.88
C ALA E 274 -38.89 0.12 -24.82
N ARG E 275 -39.65 -0.98 -24.88
CA ARG E 275 -39.58 -1.98 -23.83
C ARG E 275 -38.26 -2.74 -23.86
N VAL E 276 -37.75 -3.05 -25.05
CA VAL E 276 -36.47 -3.74 -25.15
C VAL E 276 -35.35 -2.84 -24.63
N ALA E 277 -35.36 -1.56 -25.01
CA ALA E 277 -34.35 -0.63 -24.52
C ALA E 277 -34.45 -0.48 -23.00
N LEU E 278 -35.67 -0.53 -22.46
CA LEU E 278 -35.84 -0.43 -21.02
C LEU E 278 -35.21 -1.61 -20.31
N GLY E 279 -35.41 -2.82 -20.85
CA GLY E 279 -34.91 -4.01 -20.16
C GLY E 279 -33.39 -4.05 -20.07
N ILE E 280 -32.72 -3.79 -21.20
CA ILE E 280 -31.26 -3.94 -21.23
C ILE E 280 -30.59 -2.82 -20.43
N THR E 281 -31.07 -1.60 -20.58
CA THR E 281 -30.45 -0.48 -19.87
C THR E 281 -30.55 -0.65 -18.36
N THR E 282 -31.66 -1.22 -17.89
CA THR E 282 -31.74 -1.61 -16.48
C THR E 282 -30.73 -2.70 -16.17
N VAL E 283 -30.57 -3.67 -17.07
CA VAL E 283 -29.54 -4.69 -16.89
C VAL E 283 -28.16 -4.06 -16.92
N LEU E 284 -27.93 -3.12 -17.84
CA LEU E 284 -26.67 -2.40 -17.87
C LEU E 284 -26.43 -1.63 -16.58
N THR E 285 -27.49 -0.98 -16.06
CA THR E 285 -27.35 -0.25 -14.80
C THR E 285 -26.95 -1.17 -13.67
N MET E 286 -27.55 -2.36 -13.62
CA MET E 286 -27.21 -3.31 -12.56
C MET E 286 -25.76 -3.76 -12.66
N THR E 287 -25.26 -3.97 -13.89
CA THR E 287 -23.89 -4.39 -14.07
C THR E 287 -22.91 -3.34 -13.55
N THR E 288 -23.16 -2.07 -13.88
CA THR E 288 -22.27 -1.00 -13.41
C THR E 288 -22.28 -0.92 -11.90
N ILE E 289 -23.45 -1.04 -11.28
CA ILE E 289 -23.54 -1.06 -9.82
C ILE E 289 -22.84 -2.29 -9.27
N ASN E 290 -23.09 -3.46 -9.88
CA ASN E 290 -22.54 -4.70 -9.33
C ASN E 290 -21.02 -4.72 -9.40
N THR E 291 -20.45 -4.27 -10.53
CA THR E 291 -19.00 -4.30 -10.67
C THR E 291 -18.31 -3.40 -9.66
N HIS E 292 -18.83 -2.18 -9.48
CA HIS E 292 -18.19 -1.23 -8.59
C HIS E 292 -18.25 -1.69 -7.13
N LEU E 293 -19.38 -2.26 -6.71
CA LEU E 293 -19.57 -2.60 -5.30
C LEU E 293 -18.59 -3.68 -4.85
N ARG E 294 -18.39 -4.70 -5.67
CA ARG E 294 -17.59 -5.84 -5.27
C ARG E 294 -16.09 -5.55 -5.25
N GLU E 295 -15.67 -4.39 -5.76
CA GLU E 295 -14.25 -4.02 -5.73
C GLU E 295 -13.75 -3.66 -4.35
N THR E 296 -14.65 -3.41 -3.40
CA THR E 296 -14.28 -2.89 -2.08
C THR E 296 -14.06 -3.99 -1.05
N LEU E 297 -14.09 -5.25 -1.46
CA LEU E 297 -14.08 -6.38 -0.55
C LEU E 297 -13.11 -7.46 -1.02
N PRO E 298 -12.62 -8.29 -0.10
CA PRO E 298 -11.74 -9.39 -0.50
C PRO E 298 -12.50 -10.49 -1.23
N LYS E 299 -11.73 -11.38 -1.85
CA LYS E 299 -12.30 -12.47 -2.65
C LYS E 299 -12.67 -13.64 -1.75
N ILE E 300 -13.76 -13.46 -1.01
CA ILE E 300 -14.29 -14.54 -0.19
C ILE E 300 -15.20 -15.41 -1.05
N PRO E 301 -15.11 -16.73 -0.95
CA PRO E 301 -15.91 -17.60 -1.83
C PRO E 301 -17.36 -17.76 -1.39
N TYR E 302 -17.71 -17.41 -0.17
CA TYR E 302 -19.07 -17.61 0.32
C TYR E 302 -19.94 -16.41 -0.04
N VAL E 303 -21.25 -16.63 0.02
CA VAL E 303 -22.23 -15.63 -0.39
C VAL E 303 -22.49 -14.66 0.76
N LYS E 304 -22.21 -13.39 0.53
CA LYS E 304 -22.55 -12.35 1.50
C LYS E 304 -24.01 -11.96 1.35
N ALA E 305 -24.50 -11.18 2.32
CA ALA E 305 -25.84 -10.62 2.19
C ALA E 305 -25.91 -9.67 1.01
N ILE E 306 -24.87 -8.84 0.83
CA ILE E 306 -24.85 -7.93 -0.31
C ILE E 306 -24.73 -8.70 -1.63
N ASP E 307 -23.97 -9.81 -1.62
CA ASP E 307 -23.82 -10.60 -2.83
C ASP E 307 -25.16 -11.19 -3.28
N MET E 308 -25.93 -11.72 -2.32
CA MET E 308 -27.23 -12.29 -2.68
C MET E 308 -28.17 -11.22 -3.22
N TYR E 309 -28.10 -10.01 -2.65
CA TYR E 309 -29.02 -8.96 -3.07
C TYR E 309 -28.69 -8.48 -4.48
N LEU E 310 -27.42 -8.26 -4.79
CA LEU E 310 -27.04 -7.77 -6.11
C LEU E 310 -27.40 -8.80 -7.18
N MET E 311 -27.08 -10.07 -6.96
CA MET E 311 -27.42 -11.10 -7.92
C MET E 311 -28.93 -11.28 -8.01
N GLY E 312 -29.63 -11.21 -6.88
CA GLY E 312 -31.07 -11.31 -6.91
C GLY E 312 -31.72 -10.22 -7.75
N CYS E 313 -31.25 -8.97 -7.58
CA CYS E 313 -31.76 -7.89 -8.39
C CYS E 313 -31.40 -8.08 -9.86
N PHE E 314 -30.19 -8.58 -10.14
CA PHE E 314 -29.79 -8.80 -11.52
C PHE E 314 -30.64 -9.88 -12.18
N VAL E 315 -31.12 -10.86 -11.40
CA VAL E 315 -32.01 -11.87 -11.96
C VAL E 315 -33.37 -11.26 -12.28
N PHE E 316 -33.89 -10.39 -11.41
CA PHE E 316 -35.21 -9.82 -11.62
C PHE E 316 -35.26 -8.98 -12.90
N VAL E 317 -34.25 -8.15 -13.12
CA VAL E 317 -34.21 -7.37 -14.35
C VAL E 317 -33.99 -8.29 -15.55
N PHE E 318 -33.21 -9.36 -15.36
CA PHE E 318 -33.03 -10.34 -16.44
C PHE E 318 -34.35 -11.02 -16.77
N LEU E 319 -35.12 -11.40 -15.75
CA LEU E 319 -36.42 -12.04 -16.00
C LEU E 319 -37.42 -11.06 -16.59
N ALA E 320 -37.33 -9.79 -16.21
CA ALA E 320 -38.25 -8.79 -16.77
C ALA E 320 -38.09 -8.66 -18.27
N LEU E 321 -36.84 -8.65 -18.75
CA LEU E 321 -36.61 -8.61 -20.19
C LEU E 321 -37.06 -9.90 -20.85
N LEU E 322 -36.84 -11.04 -20.20
CA LEU E 322 -37.37 -12.30 -20.72
C LEU E 322 -38.89 -12.27 -20.79
N GLU E 323 -39.53 -11.60 -19.84
CA GLU E 323 -40.99 -11.53 -19.83
C GLU E 323 -41.52 -10.89 -21.09
N TYR E 324 -40.84 -9.85 -21.60
CA TYR E 324 -41.30 -9.24 -22.84
C TYR E 324 -41.00 -10.12 -24.05
N ALA E 325 -39.94 -10.93 -23.99
CA ALA E 325 -39.64 -11.83 -25.10
C ALA E 325 -40.78 -12.81 -25.34
N PHE E 326 -41.25 -13.46 -24.27
CA PHE E 326 -42.39 -14.36 -24.40
C PHE E 326 -43.62 -13.60 -24.88
N VAL E 327 -43.82 -12.39 -24.37
CA VAL E 327 -44.94 -11.58 -24.84
C VAL E 327 -44.84 -11.36 -26.33
N ASN E 328 -43.70 -10.87 -26.81
CA ASN E 328 -43.57 -10.55 -28.23
C ASN E 328 -43.78 -11.77 -29.10
N TYR E 329 -43.21 -12.91 -28.69
CA TYR E 329 -43.32 -14.12 -29.50
C TYR E 329 -44.77 -14.60 -29.59
N ILE E 330 -45.48 -14.61 -28.46
CA ILE E 330 -46.85 -15.12 -28.46
C ILE E 330 -47.76 -14.22 -29.27
N PHE E 331 -47.61 -12.90 -29.15
CA PHE E 331 -48.50 -11.99 -29.85
C PHE E 331 -48.20 -11.93 -31.35
N PHE E 332 -46.99 -12.25 -31.75
CA PHE E 332 -46.64 -12.20 -33.17
C PHE E 332 -46.56 -13.60 -33.79
N ALA E 447 -52.11 -10.76 -21.16
CA ALA E 447 -52.34 -11.80 -20.16
C ALA E 447 -51.06 -12.07 -19.36
N ILE E 448 -50.00 -12.41 -20.08
CA ILE E 448 -48.69 -12.59 -19.44
C ILE E 448 -48.27 -11.29 -18.76
N ASP E 449 -48.54 -10.15 -19.41
CA ASP E 449 -48.21 -8.85 -18.83
C ASP E 449 -48.92 -8.64 -17.51
N ARG E 450 -50.22 -8.95 -17.46
CA ARG E 450 -50.98 -8.76 -16.22
C ARG E 450 -50.46 -9.67 -15.12
N TRP E 451 -50.16 -10.92 -15.47
CA TRP E 451 -49.60 -11.84 -14.48
C TRP E 451 -48.28 -11.33 -13.93
N SER E 452 -47.43 -10.81 -14.81
CA SER E 452 -46.13 -10.29 -14.37
C SER E 452 -46.31 -9.05 -13.50
N ARG E 453 -47.27 -8.20 -13.84
CA ARG E 453 -47.51 -7.00 -13.05
C ARG E 453 -47.92 -7.36 -11.62
N ILE E 454 -48.60 -8.49 -11.45
CA ILE E 454 -48.99 -8.92 -10.11
C ILE E 454 -47.83 -9.63 -9.42
N VAL E 455 -47.03 -10.40 -10.17
CA VAL E 455 -46.08 -11.31 -9.56
C VAL E 455 -44.76 -10.61 -9.24
N PHE E 456 -44.18 -9.91 -10.21
CA PHE E 456 -42.85 -9.34 -10.03
C PHE E 456 -42.73 -8.43 -8.81
N PRO E 457 -43.64 -7.48 -8.56
CA PRO E 457 -43.57 -6.75 -7.29
C PRO E 457 -43.75 -7.65 -6.09
N PHE E 458 -44.58 -8.68 -6.19
CA PHE E 458 -44.80 -9.59 -5.07
C PHE E 458 -43.57 -10.43 -4.79
N THR E 459 -42.96 -10.99 -5.84
CA THR E 459 -41.78 -11.82 -5.65
C THR E 459 -40.62 -11.02 -5.10
N PHE E 460 -40.41 -9.81 -5.60
CA PHE E 460 -39.34 -8.96 -5.09
C PHE E 460 -39.60 -8.58 -3.64
N SER E 461 -40.85 -8.29 -3.29
CA SER E 461 -41.19 -8.04 -1.89
C SER E 461 -40.94 -9.27 -1.05
N LEU E 462 -41.29 -10.46 -1.57
CA LEU E 462 -40.99 -11.69 -0.86
C LEU E 462 -39.49 -11.90 -0.72
N PHE E 463 -38.74 -11.58 -1.77
CA PHE E 463 -37.28 -11.70 -1.70
C PHE E 463 -36.71 -10.76 -0.65
N ASN E 464 -37.19 -9.52 -0.59
CA ASN E 464 -36.72 -8.60 0.44
C ASN E 464 -37.13 -9.06 1.83
N LEU E 465 -38.37 -9.53 1.99
CA LEU E 465 -38.85 -9.94 3.29
C LEU E 465 -38.03 -11.10 3.84
N VAL E 466 -37.76 -12.10 3.01
CA VAL E 466 -36.91 -13.22 3.43
C VAL E 466 -35.50 -12.73 3.72
N TYR E 467 -34.98 -11.84 2.87
CA TYR E 467 -33.61 -11.37 3.01
C TYR E 467 -33.40 -10.62 4.33
N TRP E 468 -34.28 -9.66 4.62
CA TRP E 468 -34.07 -8.84 5.82
C TRP E 468 -34.33 -9.63 7.09
N LEU E 469 -35.33 -10.51 7.09
CA LEU E 469 -35.57 -11.35 8.26
C LEU E 469 -34.40 -12.28 8.52
N TYR E 470 -33.78 -12.78 7.46
CA TYR E 470 -32.67 -13.72 7.62
C TYR E 470 -31.45 -13.05 8.24
N TYR E 471 -31.21 -11.77 7.94
CA TYR E 471 -30.01 -11.09 8.40
C TYR E 471 -30.24 -10.11 9.54
N VAL E 472 -31.48 -9.76 9.85
CA VAL E 472 -31.76 -8.87 10.97
C VAL E 472 -32.48 -9.64 12.07
N GLN F 1 -20.01 -18.03 22.61
CA GLN F 1 -20.52 -19.26 23.21
C GLN F 1 -20.74 -20.33 22.15
N VAL F 2 -20.19 -21.53 22.40
CA VAL F 2 -20.28 -22.65 21.48
C VAL F 2 -20.82 -23.85 22.24
N GLN F 3 -21.82 -24.52 21.67
CA GLN F 3 -22.39 -25.74 22.23
C GLN F 3 -22.04 -26.91 21.33
N LEU F 4 -21.48 -27.97 21.90
CA LEU F 4 -21.01 -29.12 21.15
C LEU F 4 -21.74 -30.37 21.62
N VAL F 5 -22.30 -31.10 20.65
CA VAL F 5 -22.93 -32.39 20.90
C VAL F 5 -22.38 -33.40 19.90
N GLU F 6 -21.88 -34.52 20.40
CA GLU F 6 -21.33 -35.57 19.56
C GLU F 6 -22.23 -36.81 19.61
N SER F 7 -22.33 -37.49 18.47
CA SER F 7 -23.20 -38.65 18.35
C SER F 7 -22.62 -39.59 17.32
N GLY F 8 -23.16 -40.81 17.29
CA GLY F 8 -22.71 -41.83 16.36
C GLY F 8 -21.76 -42.86 16.93
N GLY F 9 -21.54 -42.87 18.24
CA GLY F 9 -20.65 -43.83 18.85
C GLY F 9 -21.37 -44.93 19.60
N GLY F 10 -21.28 -46.16 19.08
CA GLY F 10 -21.92 -47.30 19.70
C GLY F 10 -20.94 -48.36 20.14
N LEU F 11 -21.45 -49.51 20.58
CA LEU F 11 -20.62 -50.62 21.04
C LEU F 11 -20.55 -51.68 19.95
N VAL F 12 -19.34 -51.94 19.47
CA VAL F 12 -19.07 -52.93 18.44
C VAL F 12 -17.85 -53.73 18.85
N GLN F 13 -17.40 -54.62 17.97
CA GLN F 13 -16.18 -55.38 18.21
C GLN F 13 -15.00 -54.70 17.53
N GLY F 14 -14.23 -53.11 12.05
CA GLY F 14 -15.43 -52.29 12.05
C GLY F 14 -15.16 -50.84 11.71
N SER F 15 -16.12 -50.20 11.04
CA SER F 15 -16.02 -48.81 10.64
C SER F 15 -17.10 -47.99 11.35
N LEU F 16 -16.70 -46.92 12.01
CA LEU F 16 -17.62 -46.04 12.72
C LEU F 16 -17.41 -44.61 12.25
N ARG F 17 -18.49 -43.81 12.32
CA ARG F 17 -18.45 -42.41 11.96
C ARG F 17 -19.08 -41.59 13.08
N LEU F 18 -18.26 -40.84 13.81
CA LEU F 18 -18.72 -39.98 14.89
C LEU F 18 -18.88 -38.56 14.38
N SER F 19 -20.05 -37.98 14.62
CA SER F 19 -20.37 -36.63 14.18
C SER F 19 -20.52 -35.72 15.38
N CYS F 20 -19.93 -34.53 15.29
CA CYS F 20 -19.98 -33.52 16.36
C CYS F 20 -20.66 -32.28 15.80
N ALA F 21 -21.86 -32.00 16.30
CA ALA F 21 -22.62 -30.83 15.88
C ALA F 21 -22.25 -29.62 16.72
N ALA F 22 -22.17 -28.46 16.09
CA ALA F 22 -21.79 -27.22 16.74
C ALA F 22 -22.85 -26.16 16.52
N SER F 23 -22.95 -25.24 17.47
CA SER F 23 -23.90 -24.13 17.39
C SER F 23 -23.36 -22.95 18.16
N GLY F 24 -23.65 -21.75 17.66
CA GLY F 24 -23.19 -20.54 18.31
C GLY F 24 -22.14 -19.79 17.53
N HIS F 25 -21.21 -19.14 18.23
CA HIS F 25 -20.13 -18.39 17.58
C HIS F 25 -18.99 -19.34 17.22
N THR F 26 -19.27 -20.20 16.26
CA THR F 26 -18.28 -21.19 15.83
C THR F 26 -17.10 -20.56 15.11
N PHE F 27 -17.27 -19.36 14.55
CA PHE F 27 -16.18 -18.72 13.84
C PHE F 27 -15.03 -18.37 14.78
N ASN F 28 -15.35 -17.91 15.99
CA ASN F 28 -14.32 -17.59 16.97
C ASN F 28 -13.55 -18.81 17.45
N TYR F 29 -14.04 -20.01 17.17
CA TYR F 29 -13.39 -21.26 17.57
C TYR F 29 -13.28 -22.14 16.33
N PRO F 30 -12.33 -21.84 15.44
CA PRO F 30 -12.28 -22.52 14.14
C PRO F 30 -11.67 -23.91 14.18
N ILE F 31 -11.03 -24.31 15.26
CA ILE F 31 -10.32 -25.58 15.34
C ILE F 31 -11.10 -26.55 16.22
N MET F 32 -11.38 -27.73 15.69
CA MET F 32 -12.07 -28.78 16.40
C MET F 32 -11.12 -29.95 16.62
N GLY F 33 -10.99 -30.38 17.87
CA GLY F 33 -10.12 -31.49 18.21
C GLY F 33 -10.91 -32.61 18.86
N TRP F 34 -10.55 -33.84 18.52
CA TRP F 34 -11.17 -35.03 19.09
C TRP F 34 -10.27 -35.59 20.19
N PHE F 35 -10.87 -35.88 21.34
CA PHE F 35 -10.14 -36.40 22.48
C PHE F 35 -10.85 -37.61 23.05
N ARG F 36 -10.07 -38.55 23.58
CA ARG F 36 -10.59 -39.73 24.24
C ARG F 36 -9.93 -39.88 25.60
N GLN F 37 -10.71 -40.32 26.58
CA GLN F 37 -10.23 -40.45 27.96
C GLN F 37 -10.49 -41.89 28.42
N ALA F 38 -9.45 -42.71 28.36
CA ALA F 38 -9.57 -44.08 28.85
C ALA F 38 -9.69 -44.07 30.37
N PRO F 39 -10.40 -45.05 30.95
CA PRO F 39 -10.53 -45.11 32.40
C PRO F 39 -9.17 -45.21 33.09
N GLY F 40 -9.00 -44.41 34.14
CA GLY F 40 -7.74 -44.40 34.85
C GLY F 40 -6.61 -43.68 34.16
N LYS F 41 -6.90 -43.00 33.04
CA LYS F 41 -5.88 -42.31 32.26
C LYS F 41 -6.34 -40.90 31.94
N GLU F 42 -5.36 -40.03 31.67
CA GLU F 42 -5.66 -38.67 31.28
C GLU F 42 -6.25 -38.64 29.87
N ARG F 43 -6.99 -37.58 29.58
CA ARG F 43 -7.58 -37.41 28.26
C ARG F 43 -6.49 -37.37 27.19
N GLU F 44 -6.71 -38.12 26.11
CA GLU F 44 -5.70 -38.31 25.08
C GLU F 44 -6.14 -37.65 23.78
N PHE F 45 -5.20 -36.96 23.14
CA PHE F 45 -5.46 -36.33 21.85
C PHE F 45 -5.60 -37.38 20.76
N VAL F 46 -6.48 -37.10 19.80
CA VAL F 46 -6.70 -38.00 18.66
C VAL F 46 -6.43 -37.26 17.36
N GLY F 47 -7.21 -36.21 17.10
CA GLY F 47 -7.06 -35.45 15.88
C GLY F 47 -7.72 -34.08 15.94
N ALA F 48 -7.05 -33.07 15.39
CA ALA F 48 -7.55 -31.70 15.39
C ALA F 48 -7.68 -31.21 13.96
N ILE F 49 -8.85 -30.66 13.64
CA ILE F 49 -9.14 -30.14 12.30
C ILE F 49 -9.68 -28.73 12.44
N SER F 50 -9.55 -27.97 11.36
CA SER F 50 -10.04 -26.60 11.29
C SER F 50 -11.39 -26.57 10.60
N TRP F 51 -12.29 -25.70 11.09
CA TRP F 51 -13.57 -25.51 10.42
C TRP F 51 -13.37 -25.03 8.99
N SER F 52 -12.51 -24.04 8.80
CA SER F 52 -12.22 -23.49 7.48
C SER F 52 -10.94 -24.10 6.94
N GLY F 53 -10.89 -24.22 5.61
CA GLY F 53 -9.73 -24.80 4.96
C GLY F 53 -9.80 -26.30 4.85
N GLY F 54 -9.77 -26.99 5.99
CA GLY F 54 -9.85 -28.43 6.01
C GLY F 54 -8.55 -29.17 6.23
N SER F 55 -7.46 -28.46 6.52
CA SER F 55 -6.20 -29.13 6.80
C SER F 55 -6.31 -29.96 8.07
N THR F 56 -5.70 -31.14 8.06
CA THR F 56 -5.90 -32.14 9.10
C THR F 56 -4.61 -32.39 9.86
N SER F 57 -4.77 -32.99 11.04
CA SER F 57 -3.64 -33.41 11.86
C SER F 57 -4.11 -34.54 12.77
N TYR F 58 -3.32 -35.60 12.87
CA TYR F 58 -3.71 -36.79 13.61
C TYR F 58 -2.57 -37.24 14.52
N ALA F 59 -2.94 -37.97 15.57
CA ALA F 59 -1.95 -38.58 16.44
C ALA F 59 -1.31 -39.79 15.73
N ASP F 60 -0.12 -40.15 16.21
CA ASP F 60 0.60 -41.26 15.60
C ASP F 60 -0.11 -42.59 15.80
N SER F 61 -0.82 -42.76 16.91
CA SER F 61 -1.49 -44.03 17.18
C SER F 61 -2.65 -44.28 16.22
N VAL F 62 -3.34 -43.23 15.80
CA VAL F 62 -4.52 -43.36 14.98
C VAL F 62 -4.28 -42.84 13.56
N LYS F 63 -3.02 -42.65 13.18
CA LYS F 63 -2.70 -42.17 11.85
C LYS F 63 -3.04 -43.22 10.80
N ASP F 64 -3.60 -42.75 9.68
CA ASP F 64 -3.99 -43.57 8.53
C ASP F 64 -5.11 -44.56 8.85
N ARG F 65 -5.67 -44.51 10.06
CA ARG F 65 -6.83 -45.31 10.42
C ARG F 65 -8.07 -44.47 10.70
N PHE F 66 -7.91 -43.35 11.40
CA PHE F 66 -9.01 -42.44 11.68
C PHE F 66 -8.90 -41.23 10.77
N THR F 67 -9.99 -40.87 10.12
CA THR F 67 -10.04 -39.68 9.26
C THR F 67 -11.17 -38.78 9.71
N ILE F 68 -10.96 -37.47 9.59
CA ILE F 68 -11.91 -36.48 10.04
C ILE F 68 -12.22 -35.53 8.90
N SER F 69 -13.50 -35.22 8.71
CA SER F 69 -13.95 -34.26 7.70
C SER F 69 -14.99 -33.34 8.33
N ARG F 70 -15.10 -32.14 7.78
CA ARG F 70 -16.03 -31.14 8.28
C ARG F 70 -16.63 -30.37 7.12
N ASP F 71 -17.78 -29.75 7.38
CA ASP F 71 -18.45 -28.89 6.40
C ASP F 71 -19.08 -27.73 7.16
N ASN F 72 -18.71 -26.50 6.77
CA ASN F 72 -19.18 -25.32 7.47
C ASN F 72 -20.68 -25.13 7.30
N ALA F 73 -21.22 -25.46 6.12
CA ALA F 73 -22.65 -25.32 5.88
C ALA F 73 -23.46 -26.18 6.85
N LYS F 74 -23.04 -27.43 7.03
CA LYS F 74 -23.70 -28.30 7.99
C LYS F 74 -23.30 -27.98 9.44
N ASN F 75 -22.18 -27.27 9.62
CA ASN F 75 -21.67 -26.93 10.96
C ASN F 75 -21.49 -28.19 11.81
N THR F 76 -20.94 -29.24 11.19
CA THR F 76 -20.73 -30.50 11.86
C THR F 76 -19.37 -31.05 11.49
N VAL F 77 -18.72 -31.72 12.44
CA VAL F 77 -17.42 -32.36 12.24
C VAL F 77 -17.62 -33.86 12.35
N TYR F 78 -17.18 -34.60 11.33
CA TYR F 78 -17.38 -36.03 11.25
C TYR F 78 -16.04 -36.73 11.42
N LEU F 79 -15.96 -37.63 12.40
CA LEU F 79 -14.78 -38.44 12.65
C LEU F 79 -15.10 -39.87 12.24
N GLU F 80 -14.43 -40.35 11.19
CA GLU F 80 -14.60 -41.71 10.70
C GLU F 80 -13.49 -42.59 11.26
N MET F 81 -13.88 -43.61 12.02
CA MET F 81 -12.93 -44.53 12.64
C MET F 81 -13.00 -45.87 11.92
N ASN F 82 -11.84 -46.36 11.48
CA ASN F 82 -11.74 -47.61 10.75
C ASN F 82 -10.66 -48.48 11.39
N ASN F 83 -10.83 -49.80 11.23
CA ASN F 83 -9.91 -50.80 11.79
C ASN F 83 -9.77 -50.60 13.31
N LEU F 84 -10.90 -50.78 14.00
CA LEU F 84 -10.94 -50.55 15.44
C LEU F 84 -10.09 -51.59 16.17
N LYS F 85 -9.47 -51.15 17.26
CA LYS F 85 -8.60 -51.98 18.07
C LYS F 85 -9.02 -51.87 19.53
N PRO F 86 -8.72 -52.89 20.34
CA PRO F 86 -9.19 -52.88 21.74
C PRO F 86 -8.66 -51.71 22.56
N GLU F 87 -7.55 -51.09 22.15
CA GLU F 87 -7.05 -49.91 22.86
C GLU F 87 -7.91 -48.68 22.63
N ASP F 88 -8.87 -48.73 21.71
CA ASP F 88 -9.72 -47.59 21.40
C ASP F 88 -10.96 -47.52 22.30
N THR F 89 -10.92 -48.13 23.47
CA THR F 89 -12.04 -48.11 24.42
C THR F 89 -11.87 -46.91 25.34
N ALA F 90 -12.52 -45.81 25.01
CA ALA F 90 -12.44 -44.59 25.82
C ALA F 90 -13.65 -43.72 25.51
N VAL F 91 -13.87 -42.74 26.38
CA VAL F 91 -14.94 -41.77 26.19
C VAL F 91 -14.44 -40.72 25.20
N TYR F 92 -14.97 -40.72 23.99
CA TYR F 92 -14.54 -39.79 22.96
C TYR F 92 -15.21 -38.44 23.15
N TYR F 93 -14.41 -37.38 23.18
CA TYR F 93 -14.89 -36.03 23.40
C TYR F 93 -14.65 -35.16 22.18
N CYS F 94 -15.52 -34.17 22.01
CA CYS F 94 -15.39 -33.17 20.96
C CYS F 94 -15.18 -31.81 21.60
N ALA F 95 -14.17 -31.09 21.13
CA ALA F 95 -13.79 -29.82 21.74
C ALA F 95 -13.55 -28.76 20.66
N ALA F 96 -13.75 -27.50 21.05
CA ALA F 96 -13.50 -26.36 20.19
C ALA F 96 -12.33 -25.56 20.73
N LYS F 97 -11.50 -25.03 19.83
CA LYS F 97 -10.29 -24.33 20.19
C LYS F 97 -10.30 -22.92 19.62
N GLY F 98 -9.82 -21.97 20.42
CA GLY F 98 -9.72 -20.61 19.94
C GLY F 98 -8.64 -20.45 18.90
N ARG F 99 -8.69 -19.31 18.20
CA ARG F 99 -7.77 -19.09 17.10
C ARG F 99 -6.32 -18.99 17.58
N TYR F 100 -6.10 -18.35 18.73
CA TYR F 100 -4.77 -18.16 19.27
C TYR F 100 -4.60 -18.90 20.61
N SER F 101 -5.11 -20.13 20.68
CA SER F 101 -5.06 -20.91 21.90
C SER F 101 -3.81 -21.78 22.01
N GLY F 102 -2.96 -21.80 20.99
CA GLY F 102 -1.67 -22.45 21.10
C GLY F 102 -1.69 -23.86 20.51
N GLY F 103 -1.14 -24.82 21.27
CA GLY F 103 -0.97 -26.15 20.75
C GLY F 103 -2.26 -26.94 20.68
N LEU F 104 -2.33 -27.84 19.69
CA LEU F 104 -3.49 -28.68 19.50
C LEU F 104 -3.56 -29.83 20.49
N TYR F 105 -2.41 -30.36 20.90
CA TYR F 105 -2.36 -31.61 21.66
C TYR F 105 -2.78 -31.46 23.11
N TYR F 106 -2.94 -30.23 23.60
CA TYR F 106 -3.20 -30.01 25.01
C TYR F 106 -4.66 -29.69 25.24
N PRO F 107 -5.41 -30.53 25.97
CA PRO F 107 -6.85 -30.25 26.16
C PRO F 107 -7.13 -28.99 26.93
N THR F 108 -6.18 -28.47 27.71
CA THR F 108 -6.42 -27.27 28.50
C THR F 108 -6.68 -26.06 27.61
N ASN F 109 -6.02 -26.01 26.44
CA ASN F 109 -6.19 -24.88 25.53
C ASN F 109 -7.60 -24.82 24.93
N TYR F 110 -8.38 -25.89 25.03
CA TYR F 110 -9.72 -25.92 24.48
C TYR F 110 -10.71 -25.39 25.52
N ASP F 111 -11.69 -24.61 25.04
CA ASP F 111 -12.64 -23.95 25.91
C ASP F 111 -13.95 -24.70 26.07
N TYR F 112 -14.61 -25.04 24.97
CA TYR F 112 -15.91 -25.69 24.99
C TYR F 112 -15.75 -27.17 24.66
N TRP F 113 -16.38 -28.02 25.46
CA TRP F 113 -16.27 -29.47 25.33
C TRP F 113 -17.65 -30.08 25.12
N GLY F 114 -17.67 -31.25 24.47
CA GLY F 114 -18.88 -32.01 24.32
C GLY F 114 -19.17 -32.88 25.52
N GLN F 115 -20.28 -33.61 25.44
CA GLN F 115 -20.68 -34.47 26.55
C GLN F 115 -19.75 -35.68 26.69
N GLY F 116 -19.40 -36.30 25.56
CA GLY F 116 -18.54 -37.47 25.59
C GLY F 116 -19.28 -38.77 25.44
N THR F 117 -19.09 -39.44 24.30
CA THR F 117 -19.74 -40.71 24.04
C THR F 117 -18.85 -41.86 24.50
N GLN F 118 -19.48 -42.86 25.11
CA GLN F 118 -18.77 -44.05 25.59
C GLN F 118 -18.75 -45.10 24.49
N VAL F 119 -17.55 -45.49 24.05
CA VAL F 119 -17.37 -46.48 23.01
C VAL F 119 -16.50 -47.60 23.56
N THR F 120 -17.01 -48.83 23.47
CA THR F 120 -16.28 -50.01 23.92
C THR F 120 -16.20 -51.01 22.78
N VAL F 121 -14.99 -51.45 22.46
CA VAL F 121 -14.78 -52.42 21.38
C VAL F 121 -14.03 -53.64 21.91
#